data_8TOX
#
_entry.id   8TOX
#
_cell.length_a   1.00
_cell.length_b   1.00
_cell.length_c   1.00
_cell.angle_alpha   90.00
_cell.angle_beta   90.00
_cell.angle_gamma   90.00
#
_symmetry.space_group_name_H-M   'P 1'
#
loop_
_entity.id
_entity.type
_entity.pdbx_description
1 polymer 'Envelope glycoprotein gp41'
2 polymer 'Envelope glycoprotein gp120'
3 polymer 'antibody ACS202 Fab heavy chain'
4 polymer 'antibody ACS202 Fab light chain'
5 branched 2-acetamido-2-deoxy-beta-D-glucopyranose-(1-4)-2-acetamido-2-deoxy-beta-D-glucopyranose
6 branched alpha-D-mannopyranose-(1-3)-[alpha-D-mannopyranose-(1-6)]beta-D-mannopyranose-(1-4)-2-acetamido-2-deoxy-beta-D-glucopyranose-(1-4)-2-acetamido-2-deoxy-beta-D-glucopyranose
7 branched beta-D-mannopyranose-(1-4)-2-acetamido-2-deoxy-beta-D-glucopyranose-(1-4)-2-acetamido-2-deoxy-beta-D-glucopyranose
8 branched alpha-D-mannopyranose-(1-2)-alpha-D-mannopyranose-(1-3)-[alpha-D-mannopyranose-(1-6)]beta-D-mannopyranose-(1-4)-2-acetamido-2-deoxy-beta-D-glucopyranose-(1-4)-2-acetamido-2-deoxy-beta-D-glucopyranose
9 non-polymer 2-acetamido-2-deoxy-beta-D-glucopyranose
10 water water
#
loop_
_entity_poly.entity_id
_entity_poly.type
_entity_poly.pdbx_seq_one_letter_code
_entity_poly.pdbx_strand_id
1 'polypeptide(L)'
;AVGIGEVFLGFLGAAGSTMGAASNTLTVQARQLLSGIVQQQSNLLRAPEAQQHLLKLGVWGFKQLQARVLAVERYLEVQQ
LLGIWGCSGKLICCTNVPWNSSWSNRNLSEIWDNMTWLQWDKEIGNYTQIIYGLLEESQFQQEINEQDLLALD
;
B,A,F
2 'polypeptide(L)'
;AENLWVTVYYGVPVWKDAETTLFCASDAKAYETEKHNVWATHACVPTDPNPQEIHLENVTEEFNMWKNNMVEQMHTDIIS
LWDQSLKPCVKLTPLCVTLQCTNVTNNITDDMRGELKNCSFNMTTELRDKKQKVYSLFYRLDVVQINENQGNRSNNSNKE
YRLINCNTSACTQICPKVSFEPIPIHYCAPAGFAILKCKDKKFNGTGPCKNVSTVQCTHGIKPVVSTQLLLNGSLAEEEV
MIRSENITNNAKNIIVQFNTPVQINCTRPNNMTRKSIRIGPGQAFYALGDIIGDIRQPHCTVSKATWNETLGKVVKQLRK
HFGNNTIIFFANSSGGDLEVTTHSFNCGGEFFYCNTSGLFNSTWISNTSVQGSNSTGSNDSITLPCRIKQIINMWQRVGQ
CMYAPPIQGVIRCVSNITGLILTRDGGSTNSTTETFRPGGGDMRDNWRSELYKYKVVKIEPLGVAPTRCKRRVVG
;
G,C,I
3 'polypeptide(L)'
;QVQLVESGGGVVQPGGSLRLSCAASGFAFKDFGMHWVRQAPGKGLEWVAVIGGGHGQHQSYSESVKGRFAITRDNEKNKL
YLHMDRLRTEDTAVYYCAKDRLGRPWNIGGRLVYYYYGMDVWGQGTTVTVSSASTKGPSVFPLAPSSKSTSGGTAALGCL
VKDYFPEPVTVSWNSGALTSGVHTFPAVLQSSGLYSLSSVVTVPSSSLGTQTYICNVNHKPSNTKVDKKVEPKSCD
;
H,D,J
4 'polypeptide(L)'
;AIRMTQSPSSLSASVGDRVTITCQASQDIKKSLNWYRQKPGKAPELLIHDASILQTGVPSAFTASGSGTHFSFVINKLQP
EDVGTYFCQEYENLQFTFGPGTKVEIKRTVAAPSVFIFPPSDEQLKSGTASVVCLLNNFYPREAKVQWKVDNALQSGNSQ
ESVTEQDSKDSTYSLSSTLTLSKADYEKHKVYACEVTHQGLSSPVTKSFNRGEC
;
L,E,K
#
# COMPACT_ATOMS: atom_id res chain seq x y z
N ALA A 1 18.96 -48.75 11.49
CA ALA A 1 18.44 -48.25 10.22
C ALA A 1 17.86 -46.85 10.41
N VAL A 2 18.17 -45.96 9.47
CA VAL A 2 17.74 -44.57 9.54
C VAL A 2 16.99 -44.24 8.26
N GLY A 3 15.69 -43.92 8.41
CA GLY A 3 14.92 -43.39 7.31
C GLY A 3 14.99 -41.86 7.30
N ILE A 4 15.09 -41.30 6.10
CA ILE A 4 15.33 -39.88 5.92
C ILE A 4 14.21 -39.29 5.08
N GLY A 5 13.66 -38.16 5.52
CA GLY A 5 12.67 -37.47 4.74
C GLY A 5 13.26 -36.88 3.47
N GLU A 6 12.39 -36.69 2.48
CA GLU A 6 12.83 -36.21 1.17
C GLU A 6 13.46 -34.83 1.28
N VAL A 7 12.81 -33.93 2.02
CA VAL A 7 13.18 -32.53 2.07
C VAL A 7 13.00 -32.02 3.49
N PHE A 8 13.63 -30.89 3.79
CA PHE A 8 13.44 -30.24 5.09
C PHE A 8 11.96 -30.03 5.35
N LEU A 9 11.60 -29.78 6.61
CA LEU A 9 10.20 -29.88 7.02
C LEU A 9 9.31 -28.93 6.22
N GLY A 10 9.67 -27.66 6.19
CA GLY A 10 8.87 -26.67 5.49
C GLY A 10 8.03 -25.84 6.44
N PHE A 11 7.14 -25.06 5.83
CA PHE A 11 6.31 -24.12 6.58
C PHE A 11 5.42 -24.86 7.58
N LEU A 12 5.56 -24.51 8.85
CA LEU A 12 4.80 -25.07 9.96
C LEU A 12 5.04 -26.56 10.16
N GLY A 13 6.02 -27.14 9.47
CA GLY A 13 6.29 -28.56 9.63
C GLY A 13 6.73 -28.95 11.03
N ALA A 14 7.22 -27.99 11.81
CA ALA A 14 7.67 -28.24 13.17
C ALA A 14 6.66 -27.82 14.22
N ALA A 15 5.41 -27.54 13.81
CA ALA A 15 4.40 -27.12 14.77
C ALA A 15 4.19 -28.17 15.84
N GLY A 16 4.27 -29.45 15.48
CA GLY A 16 4.16 -30.54 16.43
C GLY A 16 5.46 -31.03 16.97
N SER A 17 6.58 -30.43 16.58
CA SER A 17 7.89 -30.85 17.07
C SER A 17 8.20 -30.16 18.39
N THR A 18 9.21 -30.68 19.08
CA THR A 18 9.65 -30.09 20.34
C THR A 18 10.23 -28.70 20.10
N MET A 19 10.13 -27.87 21.13
CA MET A 19 10.60 -26.49 21.01
C MET A 19 12.07 -26.43 20.62
N GLY A 20 12.87 -27.35 21.14
CA GLY A 20 14.28 -27.37 20.79
C GLY A 20 14.52 -27.68 19.32
N ALA A 21 13.76 -28.63 18.78
CA ALA A 21 13.94 -29.02 17.38
C ALA A 21 13.35 -27.98 16.43
N ALA A 22 12.29 -27.28 16.84
CA ALA A 22 11.66 -26.30 15.97
C ALA A 22 12.56 -25.09 15.72
N SER A 23 13.61 -24.90 16.52
CA SER A 23 14.50 -23.77 16.33
C SER A 23 15.27 -23.85 15.01
N ASN A 24 15.30 -25.02 14.39
CA ASN A 24 16.07 -25.20 13.16
C ASN A 24 15.31 -24.75 11.91
N THR A 25 14.04 -24.36 12.04
CA THR A 25 13.23 -23.97 10.89
C THR A 25 12.43 -22.71 11.21
N LEU A 26 13.05 -21.75 11.88
CA LEU A 26 12.40 -20.47 12.12
C LEU A 26 12.39 -19.60 10.88
N THR A 27 13.39 -19.78 10.01
CA THR A 27 13.54 -18.90 8.86
C THR A 27 12.36 -19.00 7.91
N VAL A 28 11.82 -20.21 7.74
CA VAL A 28 10.72 -20.40 6.81
C VAL A 28 9.49 -19.60 7.25
N GLN A 29 9.17 -19.66 8.54
CA GLN A 29 8.04 -18.88 9.05
C GLN A 29 8.33 -17.39 8.93
N ALA A 30 9.55 -16.97 9.23
CA ALA A 30 9.89 -15.55 9.10
C ALA A 30 9.70 -15.07 7.67
N ARG A 31 10.16 -15.86 6.69
CA ARG A 31 9.97 -15.49 5.30
C ARG A 31 8.50 -15.43 4.93
N GLN A 32 7.72 -16.42 5.36
CA GLN A 32 6.30 -16.46 5.04
C GLN A 32 5.57 -15.25 5.60
N LEU A 33 6.02 -14.74 6.75
CA LEU A 33 5.35 -13.59 7.35
C LEU A 33 5.37 -12.38 6.42
N LEU A 34 6.32 -12.34 5.49
CA LEU A 34 6.49 -11.20 4.60
C LEU A 34 6.07 -11.50 3.17
N SER A 35 6.54 -12.61 2.60
CA SER A 35 6.33 -12.90 1.18
C SER A 35 5.32 -13.99 0.92
N GLY A 36 4.83 -14.68 1.94
CA GLY A 36 3.97 -15.82 1.73
C GLY A 36 4.77 -17.06 1.38
N ILE A 37 4.04 -18.13 1.06
CA ILE A 37 4.68 -19.38 0.72
C ILE A 37 5.35 -19.25 -0.65
N VAL A 38 6.62 -19.65 -0.72
CA VAL A 38 7.39 -19.56 -1.95
C VAL A 38 6.79 -20.49 -3.00
N HIS A 53 -0.54 -11.21 -12.35
CA HIS A 53 0.49 -10.26 -11.94
C HIS A 53 -0.11 -9.02 -11.31
N LEU A 54 -0.59 -8.11 -12.15
CA LEU A 54 -1.12 -6.83 -11.70
C LEU A 54 -2.60 -6.95 -11.40
N LEU A 55 -3.01 -6.39 -10.26
CA LEU A 55 -4.43 -6.31 -9.94
C LEU A 55 -5.11 -5.25 -10.79
N LYS A 56 -6.41 -5.42 -10.99
CA LYS A 56 -7.22 -4.44 -11.69
C LYS A 56 -8.04 -3.63 -10.71
N LEU A 57 -8.33 -2.39 -11.07
CA LEU A 57 -9.16 -1.54 -10.22
C LEU A 57 -10.52 -2.19 -10.02
N GLY A 58 -10.95 -2.26 -8.77
CA GLY A 58 -12.20 -2.90 -8.44
C GLY A 58 -12.23 -3.31 -6.99
N VAL A 59 -13.35 -3.90 -6.60
CA VAL A 59 -13.52 -4.35 -5.23
C VAL A 59 -12.47 -5.40 -4.88
N TRP A 60 -12.28 -6.37 -5.78
CA TRP A 60 -11.34 -7.45 -5.51
C TRP A 60 -9.91 -6.93 -5.41
N GLY A 61 -9.48 -6.15 -6.40
CA GLY A 61 -8.12 -5.63 -6.37
C GLY A 61 -7.86 -4.73 -5.19
N PHE A 62 -8.83 -3.88 -4.86
CA PHE A 62 -8.69 -3.02 -3.69
C PHE A 62 -8.55 -3.84 -2.42
N LYS A 63 -9.35 -4.90 -2.29
CA LYS A 63 -9.24 -5.78 -1.13
C LYS A 63 -7.86 -6.40 -1.02
N GLN A 64 -7.34 -6.90 -2.14
CA GLN A 64 -6.03 -7.53 -2.12
C GLN A 64 -4.94 -6.53 -1.76
N LEU A 65 -5.02 -5.32 -2.31
CA LEU A 65 -4.02 -4.30 -1.98
C LEU A 65 -4.08 -3.94 -0.50
N GLN A 66 -5.29 -3.83 0.05
CA GLN A 66 -5.41 -3.59 1.49
C GLN A 66 -4.76 -4.70 2.29
N ALA A 67 -4.97 -5.95 1.89
CA ALA A 67 -4.38 -7.07 2.61
C ALA A 67 -2.86 -7.02 2.55
N ARG A 68 -2.29 -6.68 1.39
CA ARG A 68 -0.84 -6.61 1.26
C ARG A 68 -0.27 -5.50 2.15
N VAL A 69 -0.92 -4.34 2.16
CA VAL A 69 -0.47 -3.25 3.02
C VAL A 69 -0.54 -3.67 4.48
N LEU A 70 -1.62 -4.35 4.87
CA LEU A 70 -1.76 -4.82 6.25
C LEU A 70 -0.65 -5.80 6.60
N ALA A 71 -0.30 -6.69 5.67
CA ALA A 71 0.79 -7.63 5.92
C ALA A 71 2.10 -6.90 6.15
N VAL A 72 2.38 -5.89 5.34
CA VAL A 72 3.60 -5.11 5.51
C VAL A 72 3.62 -4.44 6.87
N GLU A 73 2.48 -3.85 7.27
CA GLU A 73 2.42 -3.18 8.56
C GLU A 73 2.65 -4.17 9.71
N ARG A 74 2.05 -5.35 9.62
CA ARG A 74 2.22 -6.36 10.66
C ARG A 74 3.67 -6.79 10.76
N TYR A 75 4.31 -7.04 9.61
CA TYR A 75 5.72 -7.44 9.62
C TYR A 75 6.59 -6.35 10.23
N LEU A 76 6.34 -5.09 9.87
CA LEU A 76 7.13 -4.00 10.42
C LEU A 76 6.89 -3.82 11.90
N GLU A 77 5.67 -4.06 12.37
CA GLU A 77 5.41 -4.00 13.81
C GLU A 77 6.24 -5.05 14.55
N VAL A 78 6.31 -6.26 14.02
CA VAL A 78 7.10 -7.30 14.65
C VAL A 78 8.58 -6.91 14.68
N GLN A 79 9.09 -6.39 13.56
CA GLN A 79 10.50 -5.99 13.52
C GLN A 79 10.76 -4.83 14.47
N GLN A 80 9.83 -3.88 14.56
CA GLN A 80 9.98 -2.79 15.51
C GLN A 80 10.07 -3.29 16.93
N LEU A 81 9.23 -4.26 17.29
CA LEU A 81 9.28 -4.84 18.62
C LEU A 81 10.63 -5.49 18.87
N LEU A 82 11.13 -6.26 17.90
CA LEU A 82 12.42 -6.92 18.06
C LEU A 82 13.54 -5.91 18.27
N GLY A 83 13.55 -4.85 17.46
CA GLY A 83 14.55 -3.82 17.63
C GLY A 83 14.44 -3.12 18.97
N ILE A 84 13.21 -2.87 19.42
CA ILE A 84 13.01 -2.23 20.71
C ILE A 84 13.56 -3.11 21.84
N TRP A 85 13.55 -4.42 21.64
CA TRP A 85 14.13 -5.34 22.62
C TRP A 85 15.63 -5.51 22.44
N GLY A 86 16.23 -4.88 21.43
CA GLY A 86 17.63 -5.08 21.17
C GLY A 86 17.95 -6.38 20.47
N CYS A 87 17.01 -6.91 19.68
CA CYS A 87 17.14 -8.21 19.05
C CYS A 87 16.95 -8.10 17.54
N SER A 88 17.26 -6.94 16.97
CA SER A 88 17.08 -6.74 15.54
C SER A 88 18.09 -7.58 14.75
N GLY A 89 17.63 -8.13 13.63
CA GLY A 89 18.49 -8.91 12.78
C GLY A 89 18.89 -10.25 13.34
N LYS A 90 18.09 -10.80 14.27
CA LYS A 90 18.40 -12.07 14.91
C LYS A 90 17.15 -12.94 14.95
N LEU A 91 17.34 -14.24 14.72
CA LEU A 91 16.27 -15.20 14.90
C LEU A 91 16.21 -15.73 16.32
N ILE A 92 17.35 -15.85 16.98
CA ILE A 92 17.44 -16.24 18.39
C ILE A 92 18.25 -15.17 19.10
N CYS A 93 17.64 -14.51 20.08
CA CYS A 93 18.24 -13.40 20.79
C CYS A 93 18.19 -13.66 22.28
N CYS A 94 19.35 -13.58 22.94
CA CYS A 94 19.46 -13.69 24.39
C CYS A 94 19.33 -12.32 25.02
N THR A 95 18.82 -12.30 26.25
CA THR A 95 18.50 -11.06 26.94
C THR A 95 19.10 -11.10 28.35
N ASN A 96 18.94 -9.99 29.06
CA ASN A 96 19.37 -9.86 30.44
C ASN A 96 18.21 -9.95 31.43
N VAL A 97 17.03 -10.31 30.96
CA VAL A 97 15.84 -10.38 31.82
C VAL A 97 15.81 -11.77 32.45
N PRO A 98 15.91 -11.89 33.77
CA PRO A 98 15.83 -13.22 34.39
C PRO A 98 14.42 -13.79 34.28
N TRP A 99 14.36 -15.12 34.25
CA TRP A 99 13.08 -15.80 34.17
C TRP A 99 12.44 -15.88 35.56
N ASN A 100 11.15 -15.56 35.62
CA ASN A 100 10.38 -15.62 36.85
C ASN A 100 9.66 -16.94 36.92
N SER A 101 9.92 -17.72 37.98
CA SER A 101 9.28 -19.02 38.13
C SER A 101 7.76 -18.91 38.21
N SER A 102 7.24 -17.72 38.56
CA SER A 102 5.80 -17.53 38.58
C SER A 102 5.20 -17.74 37.19
N TRP A 103 5.89 -17.26 36.16
CA TRP A 103 5.42 -17.48 34.80
C TRP A 103 5.35 -18.96 34.47
N SER A 104 6.37 -19.72 34.86
CA SER A 104 6.38 -21.16 34.67
C SER A 104 7.54 -21.75 35.48
N ASN A 105 7.27 -22.85 36.18
CA ASN A 105 8.26 -23.50 37.01
C ASN A 105 8.81 -24.77 36.39
N ARG A 106 8.40 -25.10 35.16
CA ARG A 106 8.93 -26.28 34.49
C ARG A 106 10.43 -26.15 34.29
N ASN A 107 11.15 -27.25 34.47
CA ASN A 107 12.58 -27.23 34.25
C ASN A 107 12.88 -27.26 32.74
N LEU A 108 14.16 -27.01 32.42
CA LEU A 108 14.52 -26.77 31.03
C LEU A 108 14.25 -28.00 30.17
N SER A 109 14.52 -29.19 30.68
CA SER A 109 14.34 -30.40 29.89
C SER A 109 12.88 -30.55 29.46
N GLU A 110 11.94 -30.32 30.38
CA GLU A 110 10.54 -30.42 30.04
C GLU A 110 10.20 -29.50 28.86
N ILE A 111 10.60 -28.24 28.95
CA ILE A 111 10.21 -27.24 27.96
C ILE A 111 10.83 -27.57 26.61
N TRP A 112 12.13 -27.86 26.58
CA TRP A 112 12.86 -27.94 25.33
C TRP A 112 12.96 -29.36 24.78
N ASP A 113 12.36 -30.35 25.45
CA ASP A 113 12.37 -31.71 24.94
C ASP A 113 11.03 -32.42 25.09
N ASN A 114 10.02 -31.79 25.70
CA ASN A 114 8.73 -32.44 25.90
C ASN A 114 7.56 -31.48 25.67
N MET A 115 7.80 -30.34 25.03
CA MET A 115 6.77 -29.33 24.82
C MET A 115 6.89 -28.77 23.42
N THR A 116 5.75 -28.34 22.89
CA THR A 116 5.69 -27.64 21.62
C THR A 116 5.43 -26.15 21.86
N TRP A 117 5.71 -25.35 20.84
CA TRP A 117 5.54 -23.92 20.97
C TRP A 117 4.08 -23.54 21.17
N LEU A 118 3.16 -24.30 20.57
CA LEU A 118 1.74 -24.04 20.78
C LEU A 118 1.35 -24.28 22.24
N GLN A 119 1.81 -25.40 22.81
CA GLN A 119 1.54 -25.67 24.21
C GLN A 119 2.16 -24.60 25.11
N TRP A 120 3.39 -24.19 24.79
CA TRP A 120 4.06 -23.17 25.59
C TRP A 120 3.30 -21.85 25.52
N ASP A 121 2.81 -21.48 24.33
CA ASP A 121 2.03 -20.26 24.21
C ASP A 121 0.76 -20.34 25.03
N LYS A 122 0.10 -21.49 25.02
CA LYS A 122 -1.09 -21.66 25.85
C LYS A 122 -0.74 -21.50 27.33
N GLU A 123 0.41 -22.03 27.74
CA GLU A 123 0.78 -21.98 29.15
C GLU A 123 1.08 -20.56 29.61
N ILE A 124 1.90 -19.83 28.84
CA ILE A 124 2.43 -18.55 29.29
C ILE A 124 1.78 -17.38 28.55
N GLY A 125 0.61 -17.59 27.95
CA GLY A 125 -0.04 -16.50 27.25
C GLY A 125 -0.46 -15.35 28.14
N ASN A 126 -0.60 -15.61 29.44
CA ASN A 126 -1.05 -14.58 30.37
C ASN A 126 0.06 -13.59 30.71
N TYR A 127 1.31 -14.02 30.71
CA TYR A 127 2.44 -13.20 31.12
C TYR A 127 3.21 -12.61 29.95
N THR A 128 2.69 -12.76 28.73
CA THR A 128 3.44 -12.31 27.55
C THR A 128 3.68 -10.82 27.58
N GLN A 129 2.66 -10.03 27.93
CA GLN A 129 2.82 -8.58 27.94
C GLN A 129 3.77 -8.14 29.04
N ILE A 130 3.72 -8.80 30.20
CA ILE A 130 4.66 -8.50 31.27
C ILE A 130 6.08 -8.71 30.81
N ILE A 131 6.33 -9.85 30.15
CA ILE A 131 7.67 -10.14 29.66
C ILE A 131 8.10 -9.11 28.62
N TYR A 132 7.18 -8.72 27.74
CA TYR A 132 7.50 -7.72 26.72
C TYR A 132 7.92 -6.40 27.36
N GLY A 133 7.18 -5.95 28.37
CA GLY A 133 7.54 -4.72 29.05
C GLY A 133 8.89 -4.81 29.74
N LEU A 134 9.17 -5.95 30.37
CA LEU A 134 10.46 -6.11 31.01
C LEU A 134 11.59 -6.06 29.99
N LEU A 135 11.39 -6.68 28.83
CA LEU A 135 12.39 -6.62 27.77
C LEU A 135 12.63 -5.18 27.33
N GLU A 136 11.56 -4.40 27.17
CA GLU A 136 11.70 -3.00 26.81
C GLU A 136 12.54 -2.26 27.84
N GLU A 137 12.21 -2.40 29.12
CA GLU A 137 12.93 -1.69 30.16
C GLU A 137 14.40 -2.10 30.19
N SER A 138 14.67 -3.40 30.07
CA SER A 138 16.04 -3.87 30.12
C SER A 138 16.86 -3.29 28.97
N GLN A 139 16.29 -3.27 27.77
CA GLN A 139 17.03 -2.73 26.62
C GLN A 139 17.31 -1.24 26.80
N PHE A 140 16.31 -0.49 27.29
CA PHE A 140 16.53 0.93 27.50
C PHE A 140 17.62 1.18 28.53
N GLN A 141 17.58 0.45 29.63
CA GLN A 141 18.63 0.58 30.65
C GLN A 141 19.99 0.20 30.10
N GLN A 142 20.02 -0.82 29.23
CA GLN A 142 21.28 -1.21 28.61
C GLN A 142 21.83 -0.08 27.75
N GLU A 143 20.97 0.59 26.98
CA GLU A 143 21.42 1.71 26.18
C GLU A 143 21.95 2.84 27.05
N ILE A 144 21.23 3.18 28.11
CA ILE A 144 21.64 4.27 28.99
C ILE A 144 22.98 3.94 29.64
N ASN A 145 23.11 2.73 30.19
CA ASN A 145 24.35 2.34 30.86
C ASN A 145 25.50 2.27 29.86
N GLU A 146 25.23 1.81 28.64
CA GLU A 146 26.25 1.83 27.61
C GLU A 146 26.75 3.25 27.37
N GLN A 147 25.82 4.19 27.22
CA GLN A 147 26.21 5.57 26.95
C GLN A 147 27.06 6.14 28.09
N ASP A 148 26.63 5.91 29.34
CA ASP A 148 27.38 6.45 30.47
C ASP A 148 28.75 5.77 30.61
N LEU A 149 28.77 4.44 30.61
CA LEU A 149 30.02 3.72 30.75
C LEU A 149 31.02 4.13 29.69
N LEU A 150 30.55 4.33 28.46
CA LEU A 150 31.46 4.60 27.35
C LEU A 150 31.71 6.10 27.18
N ALA A 151 30.90 6.95 27.81
CA ALA A 151 31.25 8.34 27.95
C ALA A 151 32.41 8.53 28.92
N LEU A 152 32.49 7.66 29.93
CA LEU A 152 33.63 7.71 30.84
C LEU A 152 34.95 7.48 30.10
N ASP A 153 34.90 6.77 28.98
CA ASP A 153 36.11 6.48 28.21
C ASP A 153 36.79 7.78 27.78
N GLU B 2 18.53 -22.81 39.64
CA GLU B 2 19.52 -22.30 38.71
C GLU B 2 19.09 -20.94 38.15
N ASN B 3 19.98 -20.32 37.39
CA ASN B 3 19.72 -18.99 36.82
C ASN B 3 19.21 -19.16 35.39
N LEU B 4 18.02 -18.64 35.13
CA LEU B 4 17.39 -18.70 33.82
C LEU B 4 17.06 -17.30 33.34
N TRP B 5 17.13 -17.11 32.03
CA TRP B 5 16.95 -15.82 31.39
C TRP B 5 16.00 -15.96 30.20
N VAL B 6 15.26 -14.88 29.94
CA VAL B 6 14.36 -14.85 28.80
C VAL B 6 15.16 -14.87 27.51
N THR B 7 14.68 -15.63 26.54
CA THR B 7 15.28 -15.72 25.22
C THR B 7 14.18 -15.61 24.18
N VAL B 8 14.45 -14.82 23.14
CA VAL B 8 13.46 -14.45 22.14
C VAL B 8 13.72 -15.25 20.87
N TYR B 9 12.66 -15.85 20.34
CA TYR B 9 12.72 -16.63 19.11
C TYR B 9 11.76 -16.01 18.10
N TYR B 10 12.27 -15.76 16.90
CA TYR B 10 11.51 -15.11 15.83
C TYR B 10 11.25 -16.13 14.74
N GLY B 11 9.98 -16.48 14.53
CA GLY B 11 9.60 -17.41 13.49
C GLY B 11 9.16 -18.76 14.02
N VAL B 12 8.58 -18.77 15.21
CA VAL B 12 8.14 -20.01 15.84
C VAL B 12 6.84 -20.46 15.18
N PRO B 13 6.57 -21.77 15.13
CA PRO B 13 5.33 -22.26 14.52
C PRO B 13 4.13 -22.21 15.47
N VAL B 14 3.56 -21.02 15.60
CA VAL B 14 2.41 -20.77 16.46
C VAL B 14 1.37 -20.01 15.66
N TRP B 15 0.10 -20.29 15.95
CA TRP B 15 -0.99 -19.68 15.20
C TRP B 15 -2.22 -19.54 16.08
N LYS B 16 -3.12 -18.66 15.65
CA LYS B 16 -4.40 -18.43 16.30
C LYS B 16 -5.49 -18.38 15.24
N ASP B 17 -6.72 -18.66 15.67
CA ASP B 17 -7.85 -18.54 14.76
C ASP B 17 -8.02 -17.07 14.37
N ALA B 18 -8.26 -16.83 13.08
CA ALA B 18 -8.31 -15.47 12.58
C ALA B 18 -9.11 -15.44 11.28
N GLU B 19 -9.45 -14.21 10.87
CA GLU B 19 -10.14 -13.95 9.61
C GLU B 19 -9.28 -13.00 8.78
N THR B 20 -9.25 -13.23 7.48
CA THR B 20 -8.49 -12.38 6.58
C THR B 20 -9.10 -12.43 5.19
N THR B 21 -8.44 -11.79 4.24
CA THR B 21 -8.89 -11.72 2.85
C THR B 21 -7.99 -12.64 2.02
N LEU B 22 -8.52 -13.79 1.65
CA LEU B 22 -7.82 -14.72 0.80
C LEU B 22 -7.89 -14.24 -0.66
N PHE B 23 -7.01 -14.78 -1.48
CA PHE B 23 -7.07 -14.53 -2.92
C PHE B 23 -7.38 -15.83 -3.65
N CYS B 24 -7.70 -15.71 -4.94
CA CYS B 24 -8.19 -16.83 -5.71
C CYS B 24 -7.27 -17.10 -6.89
N ALA B 25 -7.14 -18.38 -7.23
CA ALA B 25 -6.29 -18.84 -8.31
C ALA B 25 -7.06 -19.85 -9.16
N SER B 26 -6.73 -19.88 -10.45
CA SER B 26 -7.36 -20.76 -11.41
C SER B 26 -6.29 -21.34 -12.32
N ASP B 27 -6.62 -22.49 -12.93
CA ASP B 27 -5.70 -23.13 -13.85
C ASP B 27 -5.62 -22.36 -15.16
N ALA B 28 -4.52 -22.58 -15.89
CA ALA B 28 -4.33 -21.91 -17.17
C ALA B 28 -5.38 -22.31 -18.18
N LYS B 29 -6.05 -23.45 -17.99
CA LYS B 29 -7.02 -23.92 -18.98
C LYS B 29 -8.07 -22.87 -19.26
N ALA B 30 -8.58 -22.20 -18.22
CA ALA B 30 -9.57 -21.16 -18.43
C ALA B 30 -9.03 -20.05 -19.32
N TYR B 31 -7.78 -19.65 -19.10
CA TYR B 31 -7.18 -18.62 -19.95
C TYR B 31 -7.11 -19.08 -21.41
N GLU B 32 -7.04 -20.39 -21.64
CA GLU B 32 -7.03 -20.92 -22.99
C GLU B 32 -8.42 -20.99 -23.61
N THR B 33 -9.48 -20.89 -22.81
CA THR B 33 -10.84 -20.89 -23.37
C THR B 33 -11.14 -19.56 -24.05
N GLU B 34 -10.71 -18.45 -23.43
CA GLU B 34 -10.97 -17.11 -23.96
C GLU B 34 -12.47 -16.83 -24.10
N LYS B 35 -13.27 -17.48 -23.26
CA LYS B 35 -14.70 -17.23 -23.18
C LYS B 35 -15.05 -16.19 -22.11
N HIS B 36 -14.04 -15.57 -21.49
CA HIS B 36 -14.24 -14.52 -20.51
C HIS B 36 -15.06 -15.02 -19.32
N ASN B 37 -14.52 -16.06 -18.65
CA ASN B 37 -15.07 -16.48 -17.38
C ASN B 37 -14.89 -15.38 -16.35
N VAL B 38 -15.91 -15.17 -15.52
CA VAL B 38 -15.88 -14.04 -14.59
C VAL B 38 -14.74 -14.19 -13.59
N TRP B 39 -14.56 -15.39 -13.06
CA TRP B 39 -13.53 -15.60 -12.04
C TRP B 39 -12.13 -15.36 -12.61
N ALA B 40 -11.82 -16.02 -13.73
CA ALA B 40 -10.50 -15.87 -14.32
C ALA B 40 -10.28 -14.47 -14.89
N THR B 41 -11.35 -13.73 -15.17
CA THR B 41 -11.24 -12.42 -15.80
C THR B 41 -11.02 -11.30 -14.78
N HIS B 42 -11.72 -11.34 -13.65
CA HIS B 42 -11.72 -10.21 -12.72
C HIS B 42 -10.98 -10.47 -11.42
N ALA B 43 -10.83 -11.72 -10.99
CA ALA B 43 -10.36 -12.00 -9.63
C ALA B 43 -9.11 -12.86 -9.55
N CYS B 44 -9.01 -13.92 -10.36
CA CYS B 44 -8.07 -14.98 -10.09
C CYS B 44 -6.79 -14.84 -10.89
N VAL B 45 -5.77 -15.59 -10.46
CA VAL B 45 -4.43 -15.57 -11.04
C VAL B 45 -4.04 -17.00 -11.40
N PRO B 46 -2.91 -17.20 -12.07
CA PRO B 46 -2.50 -18.57 -12.42
C PRO B 46 -2.29 -19.44 -11.20
N THR B 47 -2.61 -20.72 -11.34
CA THR B 47 -2.44 -21.69 -10.27
C THR B 47 -1.02 -22.23 -10.28
N ASP B 48 -0.49 -22.50 -9.09
CA ASP B 48 0.85 -23.04 -8.99
C ASP B 48 0.90 -24.43 -9.61
N PRO B 49 1.87 -24.73 -10.47
CA PRO B 49 1.89 -26.06 -11.10
C PRO B 49 1.97 -27.19 -10.09
N ASN B 50 2.72 -27.00 -9.01
CA ASN B 50 2.91 -28.02 -7.98
C ASN B 50 2.59 -27.42 -6.63
N PRO B 51 1.31 -27.43 -6.22
CA PRO B 51 0.96 -26.83 -4.93
C PRO B 51 1.63 -27.56 -3.77
N GLN B 52 1.94 -26.80 -2.72
CA GLN B 52 2.66 -27.32 -1.57
C GLN B 52 1.67 -27.71 -0.48
N GLU B 53 1.78 -28.95 -0.01
CA GLU B 53 1.00 -29.44 1.12
C GLU B 53 1.95 -30.06 2.12
N ILE B 54 1.96 -29.54 3.36
CA ILE B 54 2.86 -30.01 4.39
C ILE B 54 2.02 -30.68 5.48
N HIS B 55 2.31 -31.95 5.75
CA HIS B 55 1.58 -32.70 6.76
C HIS B 55 2.18 -32.43 8.13
N LEU B 56 1.33 -32.00 9.06
CA LEU B 56 1.79 -31.58 10.39
C LEU B 56 1.69 -32.77 11.33
N GLU B 57 2.82 -33.44 11.56
CA GLU B 57 2.87 -34.53 12.52
C GLU B 57 2.62 -33.98 13.92
N ASN B 58 1.95 -34.79 14.75
CA ASN B 58 1.67 -34.54 16.15
C ASN B 58 0.56 -33.50 16.35
N VAL B 59 0.08 -32.85 15.30
CA VAL B 59 -0.80 -31.69 15.45
C VAL B 59 -2.25 -32.16 15.46
N THR B 60 -2.99 -31.68 16.46
CA THR B 60 -4.44 -31.88 16.55
C THR B 60 -5.08 -30.51 16.66
N GLU B 61 -6.00 -30.20 15.74
CA GLU B 61 -6.56 -28.86 15.62
C GLU B 61 -8.07 -28.91 15.63
N GLU B 62 -8.70 -27.91 16.24
CA GLU B 62 -10.14 -27.85 16.34
C GLU B 62 -10.71 -27.12 15.11
N PHE B 63 -11.71 -27.73 14.48
CA PHE B 63 -12.36 -27.18 13.31
C PHE B 63 -13.83 -26.95 13.60
N ASN B 64 -14.42 -26.00 12.87
CA ASN B 64 -15.85 -25.73 12.95
C ASN B 64 -16.29 -25.14 11.61
N MET B 65 -16.97 -25.96 10.80
CA MET B 65 -17.40 -25.54 9.48
C MET B 65 -18.54 -24.53 9.51
N TRP B 66 -19.18 -24.32 10.66
CA TRP B 66 -20.33 -23.45 10.77
C TRP B 66 -19.96 -22.05 11.21
N LYS B 67 -18.69 -21.78 11.48
CA LYS B 67 -18.19 -20.45 11.82
C LYS B 67 -16.92 -20.15 11.04
N ASN B 68 -16.96 -20.43 9.75
CA ASN B 68 -15.81 -20.28 8.86
C ASN B 68 -16.04 -19.08 7.96
N ASN B 69 -15.19 -18.06 8.10
CA ASN B 69 -15.33 -16.86 7.29
C ASN B 69 -15.01 -17.09 5.83
N MET B 70 -14.37 -18.22 5.50
CA MET B 70 -14.11 -18.54 4.11
C MET B 70 -15.40 -18.60 3.32
N VAL B 71 -16.45 -19.16 3.92
CA VAL B 71 -17.74 -19.27 3.25
C VAL B 71 -18.29 -17.88 2.93
N GLU B 72 -18.24 -16.98 3.91
CA GLU B 72 -18.75 -15.62 3.69
C GLU B 72 -17.96 -14.90 2.61
N GLN B 73 -16.63 -15.04 2.63
CA GLN B 73 -15.82 -14.41 1.59
C GLN B 73 -16.15 -14.96 0.22
N MET B 74 -16.36 -16.28 0.12
CA MET B 74 -16.67 -16.88 -1.17
C MET B 74 -18.03 -16.42 -1.69
N HIS B 75 -19.02 -16.34 -0.79
CA HIS B 75 -20.33 -15.84 -1.18
C HIS B 75 -20.25 -14.40 -1.68
N THR B 76 -19.56 -13.54 -0.94
CA THR B 76 -19.42 -12.15 -1.36
C THR B 76 -18.68 -12.06 -2.69
N ASP B 77 -17.62 -12.85 -2.85
CA ASP B 77 -16.83 -12.79 -4.07
C ASP B 77 -17.65 -13.19 -5.28
N ILE B 78 -18.38 -14.30 -5.20
CA ILE B 78 -19.13 -14.76 -6.35
C ILE B 78 -20.22 -13.76 -6.71
N ILE B 79 -20.91 -13.22 -5.70
CA ILE B 79 -21.96 -12.23 -5.97
C ILE B 79 -21.36 -11.02 -6.67
N SER B 80 -20.25 -10.51 -6.14
CA SER B 80 -19.64 -9.32 -6.70
C SER B 80 -19.17 -9.57 -8.13
N LEU B 81 -18.58 -10.74 -8.38
CA LEU B 81 -18.09 -11.05 -9.72
C LEU B 81 -19.23 -11.12 -10.73
N TRP B 82 -20.36 -11.73 -10.35
CA TRP B 82 -21.50 -11.77 -11.25
C TRP B 82 -22.01 -10.37 -11.56
N ASP B 83 -22.12 -9.52 -10.53
CA ASP B 83 -22.56 -8.16 -10.76
C ASP B 83 -21.59 -7.41 -11.67
N GLN B 84 -20.29 -7.58 -11.44
CA GLN B 84 -19.30 -6.91 -12.27
C GLN B 84 -19.39 -7.35 -13.72
N SER B 85 -19.58 -8.66 -13.95
CA SER B 85 -19.72 -9.15 -15.31
C SER B 85 -21.00 -8.63 -15.96
N LEU B 86 -22.04 -8.38 -15.18
CA LEU B 86 -23.30 -7.90 -15.72
C LEU B 86 -23.30 -6.38 -15.93
N LYS B 87 -22.36 -5.65 -15.36
CA LYS B 87 -22.36 -4.20 -15.50
C LYS B 87 -22.33 -3.74 -16.96
N PRO B 88 -21.43 -4.24 -17.81
CA PRO B 88 -21.37 -3.74 -19.18
C PRO B 88 -22.41 -4.33 -20.12
N CYS B 89 -23.30 -5.17 -19.63
CA CYS B 89 -24.27 -5.84 -20.49
C CYS B 89 -25.49 -4.95 -20.73
N VAL B 90 -26.36 -5.41 -21.63
CA VAL B 90 -27.49 -4.62 -22.09
C VAL B 90 -28.56 -4.56 -21.01
N LYS B 91 -29.13 -3.39 -20.81
CA LYS B 91 -30.24 -3.19 -19.89
C LYS B 91 -31.55 -3.20 -20.68
N LEU B 92 -32.46 -4.08 -20.29
CA LEU B 92 -33.71 -4.27 -21.04
C LEU B 92 -34.82 -3.38 -20.50
N THR B 93 -34.54 -2.09 -20.38
CA THR B 93 -35.58 -1.13 -20.03
C THR B 93 -36.69 -1.05 -21.06
N PRO B 94 -36.39 -0.91 -22.36
CA PRO B 94 -37.47 -0.81 -23.35
C PRO B 94 -38.35 -2.04 -23.44
N LEU B 95 -37.88 -3.20 -22.96
CA LEU B 95 -38.67 -4.42 -23.04
C LEU B 95 -39.90 -4.37 -22.15
N CYS B 96 -40.00 -3.38 -21.26
CA CYS B 96 -41.16 -3.25 -20.37
C CYS B 96 -42.25 -2.50 -21.11
N VAL B 97 -42.99 -3.24 -21.93
CA VAL B 97 -44.07 -2.70 -22.74
C VAL B 97 -45.25 -3.66 -22.67
N THR B 98 -46.38 -3.21 -23.18
CA THR B 98 -47.55 -4.07 -23.28
C THR B 98 -47.35 -5.14 -24.33
N LEU B 99 -47.74 -6.36 -23.99
CA LEU B 99 -47.59 -7.52 -24.88
C LEU B 99 -48.96 -8.08 -25.23
N GLN B 100 -49.18 -8.33 -26.51
CA GLN B 100 -50.38 -9.00 -26.99
C GLN B 100 -50.02 -10.46 -27.21
N CYS B 101 -50.47 -11.33 -26.30
CA CYS B 101 -50.00 -12.71 -26.25
C CYS B 101 -51.12 -13.69 -26.54
N THR B 102 -50.80 -14.70 -27.35
CA THR B 102 -51.66 -15.82 -27.65
C THR B 102 -50.99 -17.11 -27.19
N ASN B 103 -51.70 -18.22 -27.35
CA ASN B 103 -51.15 -19.53 -27.01
C ASN B 103 -50.17 -19.99 -28.09
N VAL B 104 -49.34 -20.97 -27.72
CA VAL B 104 -48.53 -21.69 -28.68
C VAL B 104 -49.00 -23.15 -28.70
N THR B 105 -49.94 -23.45 -29.60
CA THR B 105 -50.55 -24.77 -29.69
C THR B 105 -50.04 -25.56 -30.88
N ASN B 106 -48.92 -25.15 -31.46
CA ASN B 106 -48.37 -25.82 -32.64
C ASN B 106 -47.59 -27.05 -32.19
N ASN B 107 -48.29 -28.19 -32.13
CA ASN B 107 -47.70 -29.47 -31.79
C ASN B 107 -47.05 -29.44 -30.39
N ILE B 108 -47.91 -29.24 -29.41
CA ILE B 108 -47.51 -29.27 -28.01
C ILE B 108 -48.12 -30.49 -27.34
N THR B 109 -47.52 -30.88 -26.23
CA THR B 109 -48.07 -31.95 -25.39
C THR B 109 -49.00 -31.34 -24.35
N ASP B 110 -49.82 -32.21 -23.74
CA ASP B 110 -50.79 -31.73 -22.77
C ASP B 110 -50.11 -31.14 -21.55
N ASP B 111 -48.97 -31.70 -21.13
CA ASP B 111 -48.27 -31.19 -19.97
C ASP B 111 -47.65 -29.82 -20.22
N MET B 112 -47.37 -29.47 -21.46
CA MET B 112 -46.77 -28.19 -21.81
C MET B 112 -47.79 -27.21 -22.39
N ARG B 113 -49.05 -27.32 -21.97
CA ARG B 113 -50.11 -26.45 -22.47
C ARG B 113 -50.15 -25.18 -21.62
N GLY B 114 -50.05 -24.03 -22.29
CA GLY B 114 -50.02 -22.75 -21.61
C GLY B 114 -48.68 -22.36 -21.05
N GLU B 115 -47.65 -23.19 -21.22
CA GLU B 115 -46.32 -22.87 -20.69
C GLU B 115 -45.61 -21.83 -21.55
N LEU B 116 -45.86 -21.83 -22.86
CA LEU B 116 -45.23 -20.90 -23.79
C LEU B 116 -46.30 -19.97 -24.37
N LYS B 117 -45.91 -18.72 -24.61
CA LYS B 117 -46.83 -17.71 -25.10
C LYS B 117 -46.21 -16.97 -26.28
N ASN B 118 -46.96 -16.72 -27.34
CA ASN B 118 -46.49 -15.98 -28.50
C ASN B 118 -46.94 -14.54 -28.34
N CYS B 119 -46.07 -13.68 -28.03
CA CYS B 119 -46.32 -12.29 -27.64
C CYS B 119 -45.79 -11.35 -28.71
N SER B 120 -46.67 -10.49 -29.22
CA SER B 120 -46.29 -9.43 -30.15
C SER B 120 -46.28 -8.09 -29.41
N PHE B 121 -45.35 -7.22 -29.80
CA PHE B 121 -45.21 -5.94 -29.14
C PHE B 121 -44.48 -4.96 -30.07
N ASN B 122 -44.67 -3.69 -29.78
CA ASN B 122 -43.93 -2.62 -30.44
C ASN B 122 -42.64 -2.37 -29.66
N MET B 123 -41.55 -2.14 -30.39
CA MET B 123 -40.24 -1.99 -29.79
C MET B 123 -39.49 -0.85 -30.47
N THR B 124 -38.56 -0.26 -29.73
CA THR B 124 -37.70 0.77 -30.26
C THR B 124 -36.71 0.18 -31.25
N THR B 125 -36.20 1.03 -32.13
CA THR B 125 -35.19 0.67 -33.11
C THR B 125 -33.92 1.47 -32.87
N GLU B 126 -32.96 1.31 -33.76
CA GLU B 126 -31.74 2.11 -33.70
C GLU B 126 -32.04 3.59 -33.97
N LEU B 127 -33.21 3.89 -34.51
CA LEU B 127 -33.66 5.27 -34.71
C LEU B 127 -34.70 5.62 -33.67
N ARG B 128 -34.48 6.72 -32.96
CA ARG B 128 -35.34 7.09 -31.85
C ARG B 128 -36.76 7.42 -32.29
N ASP B 129 -36.97 7.76 -33.55
CA ASP B 129 -38.27 8.19 -34.05
C ASP B 129 -39.01 7.10 -34.79
N LYS B 130 -38.55 5.85 -34.73
CA LYS B 130 -39.18 4.75 -35.44
C LYS B 130 -39.46 3.60 -34.48
N LYS B 131 -40.57 2.92 -34.72
CA LYS B 131 -40.98 1.75 -33.94
C LYS B 131 -41.14 0.56 -34.86
N GLN B 132 -40.82 -0.62 -34.34
CA GLN B 132 -40.92 -1.87 -35.10
C GLN B 132 -41.85 -2.81 -34.35
N LYS B 133 -42.77 -3.44 -35.09
CA LYS B 133 -43.65 -4.45 -34.52
C LYS B 133 -42.95 -5.80 -34.63
N VAL B 134 -42.69 -6.44 -33.49
CA VAL B 134 -41.97 -7.69 -33.44
C VAL B 134 -42.75 -8.68 -32.60
N TYR B 135 -42.31 -9.93 -32.62
CA TYR B 135 -42.94 -11.00 -31.85
C TYR B 135 -41.85 -11.87 -31.25
N SER B 136 -42.21 -12.56 -30.18
CA SER B 136 -41.30 -13.46 -29.50
C SER B 136 -42.11 -14.52 -28.76
N LEU B 137 -41.39 -15.51 -28.24
CA LEU B 137 -41.98 -16.54 -27.39
C LEU B 137 -41.48 -16.34 -25.97
N PHE B 138 -42.41 -16.29 -25.02
CA PHE B 138 -42.10 -16.07 -23.62
C PHE B 138 -42.65 -17.20 -22.78
N TYR B 139 -41.88 -17.63 -21.77
CA TYR B 139 -42.34 -18.66 -20.87
C TYR B 139 -43.43 -18.10 -19.96
N ARG B 140 -44.40 -18.97 -19.64
CA ARG B 140 -45.54 -18.54 -18.83
C ARG B 140 -45.10 -17.92 -17.51
N LEU B 141 -43.97 -18.37 -16.98
CA LEU B 141 -43.49 -17.88 -15.69
C LEU B 141 -42.90 -16.47 -15.77
N ASP B 142 -42.53 -16.02 -16.96
CA ASP B 142 -41.87 -14.74 -17.14
C ASP B 142 -42.83 -13.60 -17.48
N VAL B 143 -44.13 -13.88 -17.57
CA VAL B 143 -45.12 -12.87 -17.92
C VAL B 143 -46.29 -12.96 -16.96
N VAL B 144 -47.02 -11.86 -16.84
CA VAL B 144 -48.19 -11.76 -15.98
C VAL B 144 -49.24 -10.92 -16.69
N GLN B 145 -50.51 -11.33 -16.58
CA GLN B 145 -51.59 -10.62 -17.23
C GLN B 145 -51.81 -9.27 -16.57
N ILE B 146 -51.94 -8.24 -17.40
CA ILE B 146 -52.19 -6.89 -16.89
C ILE B 146 -53.62 -6.75 -16.40
N ASN B 147 -54.57 -7.22 -17.19
CA ASN B 147 -55.99 -7.10 -16.86
C ASN B 147 -56.60 -8.46 -16.57
N LYS B 159 -55.66 -10.94 -23.04
CA LYS B 159 -54.68 -11.09 -24.11
C LYS B 159 -53.51 -10.13 -23.95
N GLU B 160 -53.57 -9.29 -22.90
CA GLU B 160 -52.53 -8.31 -22.63
C GLU B 160 -51.69 -8.78 -21.45
N TYR B 161 -50.37 -8.76 -21.63
CA TYR B 161 -49.43 -9.24 -20.64
C TYR B 161 -48.29 -8.26 -20.48
N ARG B 162 -47.53 -8.42 -19.41
CA ARG B 162 -46.30 -7.66 -19.19
C ARG B 162 -45.26 -8.57 -18.55
N LEU B 163 -44.00 -8.20 -18.71
CA LEU B 163 -42.94 -8.97 -18.08
C LEU B 163 -43.06 -8.91 -16.57
N ILE B 164 -42.69 -10.00 -15.91
CA ILE B 164 -42.91 -10.14 -14.48
C ILE B 164 -42.15 -9.09 -13.69
N ASN B 165 -41.00 -8.65 -14.19
CA ASN B 165 -40.11 -7.76 -13.46
C ASN B 165 -40.43 -6.28 -13.65
N CYS B 166 -41.43 -5.95 -14.46
CA CYS B 166 -41.62 -4.55 -14.85
C CYS B 166 -42.02 -3.65 -13.70
N ASN B 167 -42.61 -4.19 -12.66
CA ASN B 167 -43.01 -3.39 -11.50
C ASN B 167 -41.97 -3.42 -10.38
N THR B 168 -40.83 -4.07 -10.59
CA THR B 168 -39.78 -4.15 -9.59
C THR B 168 -38.48 -3.53 -10.08
N SER B 169 -38.04 -3.86 -11.29
CA SER B 169 -36.79 -3.34 -11.83
C SER B 169 -36.64 -3.82 -13.26
N ALA B 170 -35.67 -3.25 -13.96
CA ALA B 170 -35.34 -3.66 -15.32
C ALA B 170 -34.26 -4.73 -15.30
N CYS B 171 -34.44 -5.74 -16.13
CA CYS B 171 -33.51 -6.87 -16.17
C CYS B 171 -32.35 -6.59 -17.10
N THR B 172 -31.19 -7.12 -16.74
CA THR B 172 -29.97 -7.01 -17.53
C THR B 172 -29.77 -8.31 -18.29
N GLN B 173 -29.71 -8.21 -19.61
CA GLN B 173 -29.51 -9.38 -20.45
C GLN B 173 -28.09 -9.88 -20.32
N ILE B 174 -27.94 -11.20 -20.11
CA ILE B 174 -26.61 -11.78 -20.00
C ILE B 174 -25.90 -11.67 -21.35
N CYS B 175 -24.67 -11.18 -21.31
CA CYS B 175 -23.87 -11.10 -22.52
C CYS B 175 -23.52 -12.52 -22.99
N PRO B 176 -23.91 -12.91 -24.20
CA PRO B 176 -23.56 -14.27 -24.66
C PRO B 176 -22.08 -14.54 -24.73
N LYS B 177 -21.23 -13.50 -24.75
CA LYS B 177 -19.79 -13.74 -24.75
C LYS B 177 -19.27 -14.08 -23.36
N VAL B 178 -20.06 -13.84 -22.32
CA VAL B 178 -19.65 -14.13 -20.95
C VAL B 178 -20.12 -15.52 -20.58
N SER B 179 -19.26 -16.27 -19.92
CA SER B 179 -19.55 -17.63 -19.48
C SER B 179 -19.58 -17.67 -17.96
N PHE B 180 -20.65 -18.24 -17.40
CA PHE B 180 -20.77 -18.45 -15.97
C PHE B 180 -20.59 -19.92 -15.59
N GLU B 181 -20.12 -20.74 -16.51
CA GLU B 181 -19.92 -22.15 -16.22
C GLU B 181 -18.91 -22.28 -15.07
N PRO B 182 -19.15 -23.17 -14.10
CA PRO B 182 -18.25 -23.25 -12.95
C PRO B 182 -16.91 -23.88 -13.33
N ILE B 183 -15.85 -23.10 -13.18
CA ILE B 183 -14.49 -23.62 -13.31
C ILE B 183 -13.89 -23.71 -11.91
N PRO B 184 -13.00 -24.66 -11.65
CA PRO B 184 -12.45 -24.79 -10.29
C PRO B 184 -11.77 -23.50 -9.85
N ILE B 185 -11.98 -23.15 -8.58
CA ILE B 185 -11.38 -21.98 -7.97
C ILE B 185 -10.65 -22.44 -6.72
N HIS B 186 -9.43 -21.96 -6.59
CA HIS B 186 -8.58 -22.27 -5.41
C HIS B 186 -8.49 -21.03 -4.54
N TYR B 187 -8.70 -21.21 -3.28
CA TYR B 187 -8.54 -20.10 -2.34
C TYR B 187 -7.21 -20.25 -1.62
N CYS B 188 -6.44 -19.16 -1.62
CA CYS B 188 -5.06 -19.16 -1.14
C CYS B 188 -4.87 -18.05 -0.12
N ALA B 189 -4.00 -18.32 0.85
CA ALA B 189 -3.78 -17.44 1.98
C ALA B 189 -2.61 -16.49 1.70
N PRO B 190 -2.69 -15.25 2.17
CA PRO B 190 -1.59 -14.31 1.98
C PRO B 190 -0.51 -14.43 3.05
N ALA B 191 0.46 -13.54 3.01
CA ALA B 191 1.54 -13.55 3.99
C ALA B 191 1.01 -13.40 5.40
N GLY B 192 1.60 -14.13 6.34
CA GLY B 192 1.20 -14.10 7.73
C GLY B 192 0.01 -14.95 8.08
N PHE B 193 -0.56 -15.66 7.11
CA PHE B 193 -1.73 -16.50 7.32
C PHE B 193 -1.49 -17.85 6.68
N ALA B 194 -2.18 -18.85 7.21
CA ALA B 194 -2.07 -20.22 6.73
C ALA B 194 -3.45 -20.85 6.63
N ILE B 195 -3.58 -21.81 5.73
CA ILE B 195 -4.80 -22.59 5.57
C ILE B 195 -4.53 -24.00 6.07
N LEU B 196 -5.29 -24.42 7.08
CA LEU B 196 -5.19 -25.74 7.65
C LEU B 196 -6.32 -26.61 7.11
N LYS B 197 -5.98 -27.85 6.80
CA LYS B 197 -6.87 -28.81 6.16
C LYS B 197 -6.98 -30.06 7.03
N CYS B 198 -8.21 -30.49 7.29
CA CYS B 198 -8.46 -31.72 8.01
C CYS B 198 -8.62 -32.87 7.02
N LYS B 199 -7.82 -33.93 7.20
CA LYS B 199 -7.84 -35.08 6.32
C LYS B 199 -8.53 -36.27 6.94
N ASP B 200 -9.16 -36.10 8.10
CA ASP B 200 -9.91 -37.20 8.70
C ASP B 200 -11.06 -37.61 7.80
N LYS B 201 -11.23 -38.92 7.64
CA LYS B 201 -12.23 -39.43 6.70
C LYS B 201 -13.64 -39.23 7.24
N LYS B 202 -13.82 -39.39 8.56
CA LYS B 202 -15.13 -39.32 9.19
C LYS B 202 -15.30 -38.04 9.99
N PHE B 203 -14.72 -36.94 9.49
CA PHE B 203 -14.87 -35.64 10.12
C PHE B 203 -16.25 -35.08 9.85
N ASN B 204 -16.97 -34.73 10.90
CA ASN B 204 -18.36 -34.30 10.78
C ASN B 204 -18.52 -32.79 10.69
N GLY B 205 -17.43 -32.05 10.54
CA GLY B 205 -17.46 -30.62 10.39
C GLY B 205 -17.17 -29.84 11.64
N THR B 206 -17.25 -30.47 12.81
CA THR B 206 -17.00 -29.80 14.08
C THR B 206 -16.23 -30.72 15.00
N GLY B 207 -15.23 -30.16 15.67
CA GLY B 207 -14.47 -30.89 16.66
C GLY B 207 -13.00 -31.03 16.31
N PRO B 208 -12.31 -31.93 17.01
CA PRO B 208 -10.87 -32.09 16.77
C PRO B 208 -10.58 -32.91 15.52
N CYS B 209 -9.47 -32.57 14.88
CA CYS B 209 -8.91 -33.32 13.77
C CYS B 209 -7.47 -33.67 14.13
N LYS B 210 -7.14 -34.97 14.01
CA LYS B 210 -5.83 -35.48 14.37
C LYS B 210 -4.90 -35.64 13.17
N ASN B 211 -5.43 -35.55 11.96
CA ASN B 211 -4.64 -35.66 10.73
C ASN B 211 -4.78 -34.32 10.00
N VAL B 212 -3.91 -33.39 10.34
CA VAL B 212 -3.99 -32.02 9.83
C VAL B 212 -2.83 -31.76 8.89
N SER B 213 -3.06 -30.87 7.94
CA SER B 213 -2.03 -30.42 7.02
C SER B 213 -2.18 -28.92 6.81
N THR B 214 -1.16 -28.31 6.23
CA THR B 214 -1.21 -26.90 5.83
C THR B 214 -1.00 -26.83 4.32
N VAL B 215 -1.84 -26.03 3.66
CA VAL B 215 -1.86 -25.96 2.21
C VAL B 215 -1.78 -24.50 1.78
N GLN B 216 -1.01 -24.23 0.72
CA GLN B 216 -0.98 -22.91 0.13
C GLN B 216 -2.35 -22.51 -0.40
N CYS B 217 -3.03 -23.44 -1.07
CA CYS B 217 -4.31 -23.17 -1.70
C CYS B 217 -5.25 -24.34 -1.45
N THR B 218 -6.54 -24.06 -1.47
CA THR B 218 -7.54 -25.10 -1.37
C THR B 218 -7.60 -25.90 -2.67
N HIS B 219 -8.26 -27.05 -2.61
CA HIS B 219 -8.48 -27.83 -3.81
C HIS B 219 -9.45 -27.09 -4.73
N GLY B 220 -9.45 -27.51 -5.99
CA GLY B 220 -10.32 -26.90 -6.97
C GLY B 220 -11.79 -27.01 -6.61
N ILE B 221 -12.39 -25.88 -6.26
CA ILE B 221 -13.79 -25.82 -5.86
C ILE B 221 -14.58 -25.21 -7.00
N LYS B 222 -15.59 -25.93 -7.47
CA LYS B 222 -16.45 -25.44 -8.55
C LYS B 222 -17.66 -24.74 -7.95
N PRO B 223 -17.84 -23.43 -8.15
CA PRO B 223 -18.99 -22.74 -7.56
C PRO B 223 -20.30 -23.03 -8.28
N VAL B 224 -20.84 -24.22 -8.03
CA VAL B 224 -22.07 -24.66 -8.66
C VAL B 224 -23.25 -24.10 -7.88
N VAL B 225 -24.15 -23.43 -8.58
CA VAL B 225 -25.35 -22.85 -8.00
C VAL B 225 -26.49 -23.83 -8.20
N SER B 226 -27.02 -24.37 -7.10
CA SER B 226 -28.09 -25.36 -7.19
C SER B 226 -28.82 -25.41 -5.86
N THR B 227 -30.03 -25.96 -5.89
CA THR B 227 -30.88 -26.08 -4.72
C THR B 227 -31.39 -27.51 -4.59
N GLN B 228 -31.50 -27.97 -3.35
CA GLN B 228 -32.07 -29.27 -3.01
C GLN B 228 -31.16 -30.42 -3.40
N LEU B 229 -30.07 -30.13 -4.10
CA LEU B 229 -29.16 -31.17 -4.57
C LEU B 229 -27.82 -30.52 -4.87
N LEU B 230 -26.75 -31.07 -4.30
CA LEU B 230 -25.41 -30.59 -4.57
C LEU B 230 -24.85 -31.35 -5.76
N LEU B 231 -24.37 -30.60 -6.76
CA LEU B 231 -23.96 -31.17 -8.04
C LEU B 231 -22.48 -30.97 -8.25
N ASN B 232 -21.84 -31.99 -8.82
CA ASN B 232 -20.45 -31.90 -9.28
C ASN B 232 -19.51 -31.52 -8.14
N GLY B 233 -19.84 -31.94 -6.92
CA GLY B 233 -19.05 -31.63 -5.75
C GLY B 233 -18.12 -32.77 -5.36
N SER B 234 -17.53 -32.62 -4.17
CA SER B 234 -16.65 -33.64 -3.63
C SER B 234 -17.45 -34.72 -2.92
N LEU B 235 -16.90 -35.92 -2.91
CA LEU B 235 -17.53 -37.09 -2.32
C LEU B 235 -16.80 -37.52 -1.07
N ALA B 236 -17.55 -38.13 -0.15
CA ALA B 236 -16.94 -38.72 1.03
C ALA B 236 -16.12 -39.95 0.64
N GLU B 237 -15.10 -40.23 1.45
CA GLU B 237 -14.14 -41.28 1.12
C GLU B 237 -14.55 -42.65 1.62
N GLU B 238 -15.24 -42.72 2.76
CA GLU B 238 -15.60 -44.00 3.37
C GLU B 238 -17.11 -44.24 3.36
N GLU B 239 -17.89 -43.32 3.91
CA GLU B 239 -19.33 -43.51 4.05
C GLU B 239 -20.04 -42.18 3.88
N VAL B 240 -21.36 -42.25 3.79
CA VAL B 240 -22.18 -41.06 3.71
C VAL B 240 -22.03 -40.26 4.99
N MET B 241 -21.93 -38.93 4.86
CA MET B 241 -21.67 -38.06 5.99
C MET B 241 -22.85 -37.13 6.20
N ILE B 242 -23.30 -37.02 7.45
CA ILE B 242 -24.36 -36.12 7.85
C ILE B 242 -23.73 -35.01 8.68
N ARG B 243 -24.01 -33.76 8.32
CA ARG B 243 -23.42 -32.62 9.00
C ARG B 243 -24.50 -31.60 9.32
N SER B 244 -24.45 -31.05 10.53
CA SER B 244 -25.43 -30.07 10.95
C SER B 244 -24.84 -29.27 12.11
N GLU B 245 -25.11 -27.96 12.12
CA GLU B 245 -24.67 -27.15 13.24
C GLU B 245 -25.24 -27.67 14.55
N ASN B 246 -26.48 -28.17 14.50
CA ASN B 246 -27.10 -28.77 15.68
C ASN B 246 -28.17 -29.74 15.15
N ILE B 247 -27.85 -31.03 15.17
CA ILE B 247 -28.74 -32.02 14.55
C ILE B 247 -30.07 -32.07 15.28
N THR B 248 -30.08 -31.82 16.59
CA THR B 248 -31.31 -31.88 17.37
C THR B 248 -32.22 -30.69 17.13
N ASN B 249 -31.72 -29.61 16.51
CA ASN B 249 -32.53 -28.45 16.20
C ASN B 249 -33.05 -28.59 14.78
N ASN B 250 -34.36 -28.77 14.65
CA ASN B 250 -34.96 -28.97 13.33
C ASN B 250 -34.83 -27.73 12.45
N ALA B 251 -34.54 -26.58 13.04
CA ALA B 251 -34.41 -25.35 12.26
C ALA B 251 -33.08 -25.23 11.55
N LYS B 252 -32.13 -26.12 11.83
CA LYS B 252 -30.83 -26.10 11.19
C LYS B 252 -30.81 -27.09 10.03
N ASN B 253 -30.33 -26.63 8.88
CA ASN B 253 -30.27 -27.49 7.70
C ASN B 253 -29.23 -28.58 7.88
N ILE B 254 -29.48 -29.72 7.24
CA ILE B 254 -28.58 -30.87 7.27
C ILE B 254 -27.91 -30.99 5.90
N ILE B 255 -26.60 -31.05 5.90
CA ILE B 255 -25.82 -31.26 4.68
C ILE B 255 -25.42 -32.73 4.63
N VAL B 256 -25.81 -33.39 3.55
CA VAL B 256 -25.53 -34.80 3.34
C VAL B 256 -24.49 -34.91 2.23
N GLN B 257 -23.41 -35.62 2.50
CA GLN B 257 -22.35 -35.85 1.53
C GLN B 257 -22.34 -37.32 1.18
N PHE B 258 -22.43 -37.63 -0.12
CA PHE B 258 -22.42 -39.00 -0.59
C PHE B 258 -21.00 -39.52 -0.71
N ASN B 259 -20.87 -40.84 -0.65
CA ASN B 259 -19.62 -41.52 -0.95
C ASN B 259 -19.57 -42.01 -2.39
N THR B 260 -20.73 -42.16 -3.04
CA THR B 260 -20.81 -42.47 -4.46
C THR B 260 -21.76 -41.50 -5.12
N PRO B 261 -21.43 -41.01 -6.32
CA PRO B 261 -22.31 -40.04 -6.99
C PRO B 261 -23.52 -40.72 -7.61
N VAL B 262 -24.54 -39.90 -7.88
CA VAL B 262 -25.74 -40.36 -8.57
C VAL B 262 -25.86 -39.57 -9.87
N GLN B 263 -25.87 -40.28 -10.99
CA GLN B 263 -25.95 -39.60 -12.28
C GLN B 263 -27.36 -39.04 -12.50
N ILE B 264 -27.41 -37.81 -13.00
CA ILE B 264 -28.66 -37.14 -13.34
C ILE B 264 -28.52 -36.57 -14.74
N ASN B 265 -29.45 -36.91 -15.63
CA ASN B 265 -29.45 -36.44 -17.01
C ASN B 265 -30.62 -35.49 -17.20
N CYS B 266 -30.32 -34.23 -17.47
CA CYS B 266 -31.35 -33.21 -17.68
C CYS B 266 -31.33 -32.75 -19.13
N THR B 267 -32.51 -32.50 -19.69
CA THR B 267 -32.59 -32.16 -21.10
C THR B 267 -33.77 -31.24 -21.37
N ARG B 268 -33.54 -30.30 -22.29
CA ARG B 268 -34.57 -29.56 -22.99
C ARG B 268 -34.60 -30.08 -24.43
N PRO B 269 -35.62 -30.86 -24.82
CA PRO B 269 -35.60 -31.42 -26.17
C PRO B 269 -36.09 -30.47 -27.25
N ASN B 270 -36.75 -29.38 -26.87
CA ASN B 270 -37.28 -28.46 -27.87
C ASN B 270 -36.13 -27.78 -28.62
N ASN B 271 -36.23 -27.78 -29.94
CA ASN B 271 -35.23 -27.14 -30.79
C ASN B 271 -35.61 -25.67 -30.92
N MET B 272 -34.84 -24.81 -30.26
CA MET B 272 -35.16 -23.39 -30.15
C MET B 272 -34.28 -22.57 -31.09
N THR B 273 -34.86 -21.48 -31.59
CA THR B 273 -34.16 -20.55 -32.48
C THR B 273 -34.01 -19.21 -31.77
N ARG B 274 -32.81 -18.65 -31.85
CA ARG B 274 -32.51 -17.36 -31.24
C ARG B 274 -32.63 -16.27 -32.30
N LYS B 275 -33.39 -15.22 -31.99
CA LYS B 275 -33.62 -14.10 -32.89
C LYS B 275 -33.10 -12.83 -32.26
N SER B 276 -32.37 -12.04 -33.03
CA SER B 276 -31.81 -10.78 -32.57
C SER B 276 -32.72 -9.63 -32.98
N ILE B 277 -33.06 -8.78 -32.02
CA ILE B 277 -33.91 -7.61 -32.26
C ILE B 277 -33.12 -6.39 -31.83
N ARG B 278 -32.92 -5.46 -32.75
CA ARG B 278 -32.13 -4.27 -32.47
C ARG B 278 -33.03 -3.24 -31.79
N ILE B 279 -32.77 -3.00 -30.50
CA ILE B 279 -33.60 -2.11 -29.70
C ILE B 279 -32.96 -0.74 -29.51
N GLY B 280 -31.74 -0.55 -29.99
CA GLY B 280 -31.06 0.71 -29.87
C GLY B 280 -29.70 0.65 -30.56
N PRO B 281 -28.97 1.76 -30.54
CA PRO B 281 -27.64 1.75 -31.16
C PRO B 281 -26.70 0.78 -30.45
N GLY B 282 -26.35 -0.31 -31.12
CA GLY B 282 -25.50 -1.32 -30.53
C GLY B 282 -26.17 -2.15 -29.46
N GLN B 283 -27.47 -2.04 -29.29
CA GLN B 283 -28.22 -2.78 -28.28
C GLN B 283 -29.09 -3.83 -28.97
N ALA B 284 -28.81 -5.10 -28.66
CA ALA B 284 -29.53 -6.22 -29.25
C ALA B 284 -30.18 -7.04 -28.15
N PHE B 285 -31.43 -7.44 -28.38
CA PHE B 285 -32.19 -8.29 -27.47
C PHE B 285 -32.37 -9.63 -28.14
N TYR B 286 -31.97 -10.70 -27.45
CA TYR B 286 -32.01 -12.05 -27.99
C TYR B 286 -33.26 -12.74 -27.47
N ALA B 287 -34.21 -12.99 -28.37
CA ALA B 287 -35.50 -13.57 -28.04
C ALA B 287 -35.61 -14.97 -28.64
N LEU B 288 -36.66 -15.67 -28.22
CA LEU B 288 -36.97 -16.99 -28.76
C LEU B 288 -37.81 -16.79 -30.02
N GLY B 289 -37.24 -17.14 -31.17
CA GLY B 289 -37.91 -16.93 -32.43
C GLY B 289 -38.99 -17.95 -32.71
N ASP B 290 -38.61 -19.22 -32.79
CA ASP B 290 -39.55 -20.28 -33.14
C ASP B 290 -39.04 -21.60 -32.57
N ILE B 291 -39.95 -22.56 -32.51
CA ILE B 291 -39.65 -23.91 -32.07
C ILE B 291 -39.76 -24.84 -33.27
N ILE B 292 -38.68 -25.55 -33.57
CA ILE B 292 -38.63 -26.45 -34.70
C ILE B 292 -39.06 -27.83 -34.23
N GLY B 293 -40.22 -28.28 -34.68
CA GLY B 293 -40.75 -29.57 -34.30
C GLY B 293 -41.80 -29.46 -33.21
N ASP B 294 -42.03 -30.59 -32.56
CA ASP B 294 -43.00 -30.64 -31.46
C ASP B 294 -42.40 -30.04 -30.19
N ILE B 295 -43.27 -29.70 -29.26
CA ILE B 295 -42.88 -29.09 -28.00
C ILE B 295 -43.10 -30.12 -26.89
N ARG B 296 -42.04 -30.42 -26.16
CA ARG B 296 -42.06 -31.43 -25.11
C ARG B 296 -41.51 -30.85 -23.82
N GLN B 297 -41.94 -31.42 -22.71
CA GLN B 297 -41.53 -30.93 -21.41
C GLN B 297 -40.06 -31.24 -21.16
N PRO B 298 -39.24 -30.25 -20.81
CA PRO B 298 -37.88 -30.56 -20.36
C PRO B 298 -37.93 -31.36 -19.07
N HIS B 299 -36.96 -32.27 -18.92
CA HIS B 299 -37.06 -33.22 -17.82
C HIS B 299 -35.67 -33.70 -17.42
N CYS B 300 -35.58 -34.20 -16.19
CA CYS B 300 -34.38 -34.84 -15.67
C CYS B 300 -34.69 -36.29 -15.36
N THR B 301 -33.65 -37.12 -15.39
CA THR B 301 -33.80 -38.55 -15.15
C THR B 301 -32.67 -39.03 -14.25
N VAL B 302 -33.03 -39.88 -13.29
CA VAL B 302 -32.05 -40.55 -12.44
C VAL B 302 -32.46 -42.01 -12.28
N SER B 303 -31.47 -42.87 -12.09
CA SER B 303 -31.74 -44.29 -11.91
C SER B 303 -32.47 -44.53 -10.59
N LYS B 304 -33.51 -45.35 -10.63
CA LYS B 304 -34.29 -45.61 -9.43
C LYS B 304 -33.50 -46.43 -8.41
N ALA B 305 -32.78 -47.46 -8.87
CA ALA B 305 -32.05 -48.32 -7.96
C ALA B 305 -30.93 -47.56 -7.26
N THR B 306 -30.17 -46.77 -8.01
CA THR B 306 -29.08 -46.02 -7.41
C THR B 306 -29.60 -45.03 -6.37
N TRP B 307 -30.68 -44.32 -6.70
CA TRP B 307 -31.26 -43.38 -5.75
C TRP B 307 -31.76 -44.10 -4.51
N ASN B 308 -32.38 -45.26 -4.69
CA ASN B 308 -32.88 -46.02 -3.55
C ASN B 308 -31.73 -46.47 -2.65
N GLU B 309 -30.63 -46.94 -3.24
CA GLU B 309 -29.48 -47.33 -2.43
C GLU B 309 -28.90 -46.14 -1.68
N THR B 310 -28.76 -45.01 -2.36
CA THR B 310 -28.23 -43.82 -1.71
C THR B 310 -29.13 -43.38 -0.55
N LEU B 311 -30.44 -43.41 -0.75
CA LEU B 311 -31.36 -43.04 0.32
C LEU B 311 -31.27 -44.03 1.47
N GLY B 312 -31.09 -45.31 1.18
CA GLY B 312 -30.90 -46.28 2.25
C GLY B 312 -29.66 -45.98 3.08
N LYS B 313 -28.56 -45.65 2.40
CA LYS B 313 -27.34 -45.29 3.13
C LYS B 313 -27.56 -44.03 3.98
N VAL B 314 -28.24 -43.04 3.41
CA VAL B 314 -28.51 -41.81 4.16
C VAL B 314 -29.35 -42.12 5.39
N VAL B 315 -30.36 -42.98 5.23
CA VAL B 315 -31.20 -43.34 6.37
C VAL B 315 -30.40 -44.07 7.43
N LYS B 316 -29.50 -44.96 7.00
CA LYS B 316 -28.66 -45.67 7.95
C LYS B 316 -27.81 -44.70 8.75
N GLN B 317 -27.24 -43.70 8.09
CA GLN B 317 -26.44 -42.71 8.80
C GLN B 317 -27.29 -41.82 9.69
N LEU B 318 -28.54 -41.55 9.30
CA LEU B 318 -29.42 -40.71 10.12
C LEU B 318 -29.87 -41.44 11.37
N ARG B 319 -30.06 -42.76 11.29
CA ARG B 319 -30.53 -43.51 12.45
C ARG B 319 -29.53 -43.46 13.60
N LYS B 320 -28.26 -43.17 13.31
CA LYS B 320 -27.29 -42.97 14.38
C LYS B 320 -27.65 -41.78 15.25
N HIS B 321 -28.41 -40.83 14.73
CA HIS B 321 -28.82 -39.65 15.48
C HIS B 321 -30.29 -39.65 15.85
N PHE B 322 -31.13 -40.40 15.12
CA PHE B 322 -32.58 -40.36 15.33
C PHE B 322 -33.17 -41.71 15.71
N GLY B 323 -32.35 -42.69 16.04
CA GLY B 323 -32.86 -43.93 16.58
C GLY B 323 -32.81 -45.07 15.56
N ASN B 324 -32.57 -46.28 16.07
CA ASN B 324 -32.53 -47.46 15.22
C ASN B 324 -33.92 -47.95 14.82
N ASN B 325 -34.96 -47.58 15.56
CA ASN B 325 -36.32 -48.03 15.29
C ASN B 325 -37.24 -46.92 14.81
N THR B 326 -36.80 -45.68 14.81
CA THR B 326 -37.65 -44.58 14.37
C THR B 326 -37.94 -44.70 12.88
N ILE B 327 -39.16 -44.36 12.49
CA ILE B 327 -39.59 -44.41 11.10
C ILE B 327 -39.14 -43.12 10.42
N ILE B 328 -38.53 -43.26 9.24
CA ILE B 328 -37.98 -42.13 8.50
C ILE B 328 -38.84 -41.88 7.27
N PHE B 329 -39.25 -40.63 7.08
CA PHE B 329 -40.06 -40.24 5.94
C PHE B 329 -39.29 -39.25 5.08
N PHE B 330 -39.27 -39.50 3.77
CA PHE B 330 -38.74 -38.57 2.79
C PHE B 330 -39.91 -38.01 2.01
N ALA B 331 -40.22 -36.73 2.25
CA ALA B 331 -41.33 -36.03 1.61
C ALA B 331 -40.79 -34.84 0.83
N ASN B 332 -41.60 -34.36 -0.10
CA ASN B 332 -41.21 -33.26 -0.95
C ASN B 332 -41.20 -31.95 -0.17
N SER B 333 -40.83 -30.87 -0.85
CA SER B 333 -40.69 -29.58 -0.19
C SER B 333 -42.04 -29.08 0.31
N SER B 334 -41.99 -28.28 1.37
CA SER B 334 -43.22 -27.79 2.01
C SER B 334 -43.81 -26.63 1.21
N GLY B 335 -43.06 -25.55 1.07
CA GLY B 335 -43.57 -24.38 0.38
C GLY B 335 -42.48 -23.34 0.19
N GLY B 336 -42.87 -22.25 -0.44
CA GLY B 336 -41.98 -21.16 -0.77
C GLY B 336 -42.12 -20.79 -2.23
N ASP B 337 -41.07 -20.17 -2.77
CA ASP B 337 -41.05 -19.80 -4.18
C ASP B 337 -40.42 -20.92 -5.00
N LEU B 338 -40.28 -20.68 -6.30
CA LEU B 338 -39.83 -21.74 -7.21
C LEU B 338 -38.42 -22.18 -6.89
N GLU B 339 -37.54 -21.25 -6.50
CA GLU B 339 -36.14 -21.60 -6.27
C GLU B 339 -36.01 -22.63 -5.15
N VAL B 340 -36.76 -22.47 -4.08
CA VAL B 340 -36.61 -23.33 -2.91
C VAL B 340 -37.42 -24.61 -3.05
N THR B 341 -38.61 -24.54 -3.63
CA THR B 341 -39.47 -25.70 -3.76
C THR B 341 -39.04 -26.64 -4.87
N THR B 342 -38.09 -26.24 -5.71
CA THR B 342 -37.63 -27.05 -6.82
C THR B 342 -36.12 -27.14 -6.80
N HIS B 343 -35.61 -28.19 -7.45
CA HIS B 343 -34.18 -28.31 -7.71
C HIS B 343 -33.85 -27.37 -8.87
N SER B 344 -33.23 -26.24 -8.54
CA SER B 344 -32.92 -25.22 -9.52
C SER B 344 -31.44 -25.33 -9.90
N PHE B 345 -31.15 -25.13 -11.18
CA PHE B 345 -29.77 -25.21 -11.64
C PHE B 345 -29.68 -24.60 -13.04
N ASN B 346 -28.47 -24.61 -13.60
CA ASN B 346 -28.19 -24.10 -14.92
C ASN B 346 -27.65 -25.22 -15.78
N CYS B 347 -28.33 -25.47 -16.91
CA CYS B 347 -27.95 -26.51 -17.86
C CYS B 347 -27.68 -25.84 -19.20
N GLY B 348 -26.43 -25.84 -19.62
CA GLY B 348 -26.07 -25.29 -20.91
C GLY B 348 -26.47 -23.84 -21.09
N GLY B 349 -26.60 -23.09 -20.00
CA GLY B 349 -26.98 -21.71 -20.05
C GLY B 349 -28.45 -21.44 -19.78
N GLU B 350 -29.30 -22.47 -19.79
CA GLU B 350 -30.71 -22.31 -19.50
C GLU B 350 -31.00 -22.67 -18.05
N PHE B 351 -31.93 -21.93 -17.45
CA PHE B 351 -32.19 -22.03 -16.02
C PHE B 351 -33.37 -22.96 -15.78
N PHE B 352 -33.08 -24.13 -15.21
CA PHE B 352 -34.04 -25.19 -14.97
C PHE B 352 -34.51 -25.17 -13.52
N TYR B 353 -35.77 -25.48 -13.32
CA TYR B 353 -36.37 -25.68 -12.00
C TYR B 353 -37.17 -26.98 -12.07
N CYS B 354 -36.70 -28.01 -11.38
CA CYS B 354 -37.23 -29.35 -11.52
C CYS B 354 -37.98 -29.79 -10.27
N ASN B 355 -39.03 -30.57 -10.49
CA ASN B 355 -39.90 -31.06 -9.43
C ASN B 355 -39.28 -32.32 -8.84
N THR B 356 -38.88 -32.25 -7.57
CA THR B 356 -38.18 -33.34 -6.89
C THR B 356 -39.11 -34.21 -6.07
N SER B 357 -40.42 -34.08 -6.24
CA SER B 357 -41.35 -34.87 -5.45
C SER B 357 -41.14 -36.37 -5.65
N GLY B 358 -40.69 -36.77 -6.85
CA GLY B 358 -40.42 -38.17 -7.10
C GLY B 358 -39.16 -38.71 -6.47
N LEU B 359 -38.31 -37.82 -5.94
CA LEU B 359 -37.07 -38.25 -5.31
C LEU B 359 -37.23 -38.46 -3.81
N PHE B 360 -38.03 -37.64 -3.15
CA PHE B 360 -38.27 -37.75 -1.71
C PHE B 360 -39.73 -38.10 -1.52
N ASN B 361 -40.04 -39.39 -1.68
CA ASN B 361 -41.39 -39.90 -1.58
C ASN B 361 -41.39 -41.28 -0.92
N SER B 362 -40.60 -41.45 0.14
CA SER B 362 -40.28 -42.79 0.62
C SER B 362 -40.50 -42.91 2.12
N THR B 363 -40.66 -44.16 2.56
CA THR B 363 -40.83 -44.50 3.96
C THR B 363 -39.85 -45.61 4.32
N TRP B 364 -39.23 -45.51 5.48
CA TRP B 364 -38.25 -46.47 5.96
C TRP B 364 -38.58 -46.86 7.39
N ILE B 365 -38.54 -48.16 7.68
CA ILE B 365 -39.11 -48.71 8.90
C ILE B 365 -38.09 -49.48 9.74
N SER B 366 -36.85 -49.62 9.27
CA SER B 366 -35.82 -50.37 10.00
C SER B 366 -36.16 -51.86 10.06
N ASN B 367 -36.42 -52.44 8.90
CA ASN B 367 -36.68 -53.87 8.81
C ASN B 367 -36.08 -54.43 7.52
N SER B 378 -34.45 -53.18 -14.66
CA SER B 378 -34.41 -52.46 -13.39
C SER B 378 -34.13 -50.98 -13.61
N ASN B 379 -34.20 -50.54 -14.87
CA ASN B 379 -33.93 -49.15 -15.21
C ASN B 379 -35.25 -48.37 -15.29
N ASP B 380 -35.88 -48.24 -14.12
CA ASP B 380 -37.15 -47.51 -14.04
C ASP B 380 -36.97 -46.02 -14.25
N SER B 381 -35.78 -45.49 -13.99
CA SER B 381 -35.39 -44.15 -14.43
C SER B 381 -36.41 -43.09 -13.98
N ILE B 382 -36.45 -42.87 -12.66
CA ILE B 382 -37.26 -41.80 -12.10
C ILE B 382 -37.09 -40.55 -12.97
N THR B 383 -38.22 -39.99 -13.39
CA THR B 383 -38.25 -38.83 -14.25
C THR B 383 -38.86 -37.65 -13.50
N LEU B 384 -38.14 -36.53 -13.49
CA LEU B 384 -38.57 -35.31 -12.82
C LEU B 384 -38.94 -34.28 -13.88
N PRO B 385 -40.19 -33.83 -13.95
CA PRO B 385 -40.53 -32.74 -14.87
C PRO B 385 -39.85 -31.45 -14.45
N CYS B 386 -39.49 -30.64 -15.42
CA CYS B 386 -38.77 -29.40 -15.19
C CYS B 386 -39.41 -28.26 -15.98
N ARG B 387 -39.28 -27.06 -15.45
CA ARG B 387 -39.66 -25.83 -16.12
C ARG B 387 -38.43 -24.98 -16.34
N ILE B 388 -38.51 -24.05 -17.27
CA ILE B 388 -37.38 -23.21 -17.65
C ILE B 388 -37.79 -21.76 -17.47
N LYS B 389 -36.85 -20.95 -16.97
CA LYS B 389 -37.09 -19.52 -16.81
C LYS B 389 -35.98 -18.73 -17.48
N GLN B 390 -36.34 -17.53 -17.96
CA GLN B 390 -35.40 -16.60 -18.57
C GLN B 390 -35.11 -15.39 -17.71
N ILE B 391 -36.04 -14.99 -16.85
CA ILE B 391 -35.86 -13.88 -15.93
C ILE B 391 -35.47 -14.49 -14.58
N ILE B 392 -34.26 -14.21 -14.12
CA ILE B 392 -33.65 -14.91 -13.01
C ILE B 392 -33.35 -13.92 -11.89
N ASN B 393 -33.76 -14.27 -10.67
CA ASN B 393 -33.41 -13.52 -9.47
C ASN B 393 -32.46 -14.40 -8.65
N MET B 394 -31.18 -14.02 -8.62
CA MET B 394 -30.15 -14.81 -7.98
C MET B 394 -29.85 -14.30 -6.57
N TRP B 395 -29.27 -15.17 -5.76
CA TRP B 395 -28.80 -14.83 -4.42
C TRP B 395 -29.95 -14.41 -3.51
N GLN B 396 -31.17 -14.80 -3.84
CA GLN B 396 -32.36 -14.44 -3.06
C GLN B 396 -32.54 -12.93 -2.97
N ARG B 397 -31.96 -12.18 -3.90
CA ARG B 397 -32.05 -10.73 -3.91
C ARG B 397 -33.33 -10.29 -4.61
N VAL B 398 -33.62 -8.99 -4.51
CA VAL B 398 -34.75 -8.37 -5.18
C VAL B 398 -34.29 -7.07 -5.80
N GLY B 399 -34.77 -6.79 -7.01
CA GLY B 399 -34.42 -5.57 -7.70
C GLY B 399 -33.20 -5.65 -8.59
N GLN B 400 -32.65 -6.84 -8.79
CA GLN B 400 -31.48 -7.05 -9.65
C GLN B 400 -31.71 -8.24 -10.56
N CYS B 401 -32.89 -8.27 -11.20
CA CYS B 401 -33.25 -9.39 -12.04
C CYS B 401 -32.33 -9.48 -13.24
N MET B 402 -32.16 -10.71 -13.75
CA MET B 402 -31.27 -11.00 -14.84
C MET B 402 -32.03 -11.79 -15.91
N TYR B 403 -31.80 -11.44 -17.17
CA TYR B 403 -32.46 -12.09 -18.30
C TYR B 403 -31.48 -13.03 -18.97
N ALA B 404 -31.87 -14.29 -19.14
CA ALA B 404 -31.02 -15.29 -19.76
C ALA B 404 -31.43 -15.48 -21.21
N PRO B 405 -30.59 -15.12 -22.19
CA PRO B 405 -30.98 -15.31 -23.58
C PRO B 405 -31.13 -16.78 -23.90
N PRO B 406 -32.00 -17.14 -24.85
CA PRO B 406 -32.20 -18.55 -25.17
C PRO B 406 -30.97 -19.16 -25.81
N ILE B 407 -30.84 -20.48 -25.64
CA ILE B 407 -29.75 -21.25 -26.21
C ILE B 407 -30.30 -22.00 -27.42
N GLN B 408 -29.62 -21.88 -28.56
CA GLN B 408 -30.10 -22.46 -29.81
C GLN B 408 -29.83 -23.95 -29.84
N GLY B 409 -30.84 -24.72 -30.21
CA GLY B 409 -30.70 -26.16 -30.37
C GLY B 409 -31.38 -26.97 -29.29
N VAL B 410 -30.90 -28.18 -29.07
CA VAL B 410 -31.42 -29.08 -28.05
C VAL B 410 -30.38 -29.19 -26.94
N ILE B 411 -30.82 -29.13 -25.70
CA ILE B 411 -29.93 -29.03 -24.55
C ILE B 411 -29.93 -30.36 -23.81
N ARG B 412 -28.74 -30.87 -23.52
CA ARG B 412 -28.57 -32.06 -22.69
C ARG B 412 -27.35 -31.85 -21.79
N CYS B 413 -27.52 -32.14 -20.50
CA CYS B 413 -26.43 -32.09 -19.54
C CYS B 413 -26.50 -33.32 -18.64
N VAL B 414 -25.33 -33.76 -18.21
CA VAL B 414 -25.20 -34.88 -17.29
C VAL B 414 -24.37 -34.43 -16.10
N SER B 415 -24.91 -34.63 -14.90
CA SER B 415 -24.28 -34.16 -13.68
C SER B 415 -24.28 -35.26 -12.64
N ASN B 416 -23.49 -35.05 -11.58
CA ASN B 416 -23.42 -35.97 -10.45
C ASN B 416 -24.02 -35.30 -9.23
N ILE B 417 -25.07 -35.92 -8.68
CA ILE B 417 -25.52 -35.58 -7.34
C ILE B 417 -24.52 -36.17 -6.35
N THR B 418 -23.85 -35.30 -5.61
CA THR B 418 -22.88 -35.69 -4.60
C THR B 418 -23.36 -35.41 -3.19
N GLY B 419 -24.49 -34.76 -3.02
CA GLY B 419 -24.97 -34.43 -1.70
C GLY B 419 -26.36 -33.83 -1.74
N LEU B 420 -26.89 -33.56 -0.55
CA LEU B 420 -28.23 -33.04 -0.38
C LEU B 420 -28.23 -31.97 0.71
N ILE B 421 -29.24 -31.12 0.65
CA ILE B 421 -29.57 -30.21 1.74
C ILE B 421 -30.97 -30.55 2.20
N LEU B 422 -31.13 -30.86 3.48
CA LEU B 422 -32.37 -31.37 4.04
C LEU B 422 -32.79 -30.51 5.22
N THR B 423 -34.09 -30.59 5.52
CA THR B 423 -34.67 -29.94 6.68
C THR B 423 -35.60 -30.94 7.37
N ARG B 424 -35.57 -30.94 8.69
CA ARG B 424 -36.39 -31.84 9.49
C ARG B 424 -37.60 -31.08 10.03
N ASP B 425 -38.75 -31.73 10.00
CA ASP B 425 -39.96 -31.14 10.57
C ASP B 425 -39.88 -31.17 12.09
N GLY B 426 -40.71 -30.33 12.72
CA GLY B 426 -40.70 -30.20 14.17
C GLY B 426 -40.83 -31.54 14.87
N GLY B 427 -41.77 -32.36 14.43
CA GLY B 427 -41.96 -33.69 14.97
C GLY B 427 -42.93 -33.78 16.13
N SER B 428 -43.27 -32.65 16.75
CA SER B 428 -44.19 -32.58 17.87
C SER B 428 -43.65 -33.28 19.11
N THR B 429 -42.36 -33.63 19.13
CA THR B 429 -41.71 -34.30 20.26
C THR B 429 -42.24 -35.70 20.50
N ASN B 430 -43.07 -36.24 19.59
CA ASN B 430 -43.55 -37.61 19.77
C ASN B 430 -42.41 -38.62 19.69
N SER B 431 -41.41 -38.36 18.84
CA SER B 431 -40.21 -39.17 18.67
C SER B 431 -40.49 -40.47 17.94
N THR B 432 -41.73 -40.75 17.56
CA THR B 432 -42.02 -42.01 16.87
C THR B 432 -41.54 -41.98 15.43
N THR B 433 -41.64 -40.83 14.77
CA THR B 433 -41.29 -40.72 13.36
C THR B 433 -40.55 -39.42 13.10
N GLU B 434 -39.74 -39.42 12.06
CA GLU B 434 -39.03 -38.24 11.58
C GLU B 434 -39.19 -38.14 10.08
N THR B 435 -39.48 -36.93 9.59
CA THR B 435 -39.67 -36.67 8.18
C THR B 435 -38.68 -35.61 7.73
N PHE B 436 -38.02 -35.86 6.60
CA PHE B 436 -37.04 -34.96 6.04
C PHE B 436 -37.50 -34.47 4.68
N ARG B 437 -37.30 -33.19 4.41
CA ARG B 437 -37.70 -32.56 3.17
C ARG B 437 -36.52 -31.85 2.53
N PRO B 438 -36.45 -31.81 1.20
CA PRO B 438 -35.37 -31.05 0.56
C PRO B 438 -35.46 -29.57 0.90
N GLY B 439 -34.30 -28.95 1.07
CA GLY B 439 -34.23 -27.54 1.40
C GLY B 439 -33.18 -26.82 0.59
N GLY B 440 -32.80 -25.62 1.03
CA GLY B 440 -31.78 -24.86 0.35
C GLY B 440 -32.06 -23.37 0.31
N GLY B 441 -31.80 -22.75 -0.83
CA GLY B 441 -31.96 -21.31 -0.98
C GLY B 441 -30.68 -20.55 -0.70
N ASP B 442 -30.18 -20.64 0.53
CA ASP B 442 -28.95 -19.97 0.92
C ASP B 442 -27.77 -20.75 0.35
N MET B 443 -27.04 -20.14 -0.59
CA MET B 443 -25.91 -20.81 -1.22
C MET B 443 -24.74 -21.03 -0.27
N ARG B 444 -24.75 -20.38 0.90
CA ARG B 444 -23.65 -20.57 1.84
C ARG B 444 -23.51 -22.03 2.26
N ASP B 445 -24.62 -22.77 2.29
CA ASP B 445 -24.53 -24.20 2.57
C ASP B 445 -23.81 -24.94 1.47
N ASN B 446 -24.03 -24.53 0.21
CA ASN B 446 -23.32 -25.14 -0.90
C ASN B 446 -21.81 -24.97 -0.75
N TRP B 447 -21.38 -23.77 -0.36
CA TRP B 447 -19.95 -23.55 -0.15
C TRP B 447 -19.45 -24.32 1.06
N ARG B 448 -20.24 -24.37 2.13
CA ARG B 448 -19.85 -25.15 3.30
C ARG B 448 -19.66 -26.62 2.95
N SER B 449 -20.42 -27.12 1.99
CA SER B 449 -20.27 -28.51 1.57
C SER B 449 -18.87 -28.81 1.04
N GLU B 450 -18.13 -27.79 0.64
CA GLU B 450 -16.79 -27.96 0.10
C GLU B 450 -15.69 -27.40 0.99
N LEU B 451 -15.98 -26.37 1.78
CA LEU B 451 -14.99 -25.73 2.62
C LEU B 451 -15.03 -26.22 4.06
N TYR B 452 -15.78 -27.29 4.34
CA TYR B 452 -15.91 -27.77 5.72
C TYR B 452 -14.57 -28.20 6.28
N LYS B 453 -13.63 -28.60 5.44
CA LYS B 453 -12.36 -29.18 5.87
C LYS B 453 -11.24 -28.15 5.95
N TYR B 454 -11.52 -26.88 5.72
CA TYR B 454 -10.51 -25.84 5.67
C TYR B 454 -10.76 -24.80 6.75
N LYS B 455 -9.67 -24.25 7.29
CA LYS B 455 -9.75 -23.13 8.20
C LYS B 455 -8.55 -22.22 7.97
N VAL B 456 -8.69 -20.97 8.40
CA VAL B 456 -7.66 -19.95 8.24
C VAL B 456 -7.11 -19.59 9.61
N VAL B 457 -5.78 -19.50 9.71
CA VAL B 457 -5.12 -19.15 10.96
C VAL B 457 -4.09 -18.06 10.70
N LYS B 458 -3.83 -17.27 11.73
CA LYS B 458 -2.85 -16.19 11.70
C LYS B 458 -1.63 -16.61 12.50
N ILE B 459 -0.46 -16.45 11.91
CA ILE B 459 0.79 -16.89 12.53
C ILE B 459 1.23 -15.87 13.57
N GLU B 460 1.68 -16.37 14.71
CA GLU B 460 2.30 -15.55 15.76
C GLU B 460 3.77 -15.95 15.85
N PRO B 461 4.68 -15.21 15.20
CA PRO B 461 6.05 -15.71 15.06
C PRO B 461 6.97 -15.42 16.22
N LEU B 462 6.53 -14.66 17.23
CA LEU B 462 7.38 -14.29 18.35
C LEU B 462 7.14 -15.21 19.53
N GLY B 463 8.22 -15.73 20.09
CA GLY B 463 8.13 -16.56 21.28
C GLY B 463 9.20 -16.18 22.27
N VAL B 464 8.90 -16.41 23.55
CA VAL B 464 9.82 -16.13 24.64
C VAL B 464 9.90 -17.37 25.52
N ALA B 465 11.11 -17.82 25.80
CA ALA B 465 11.29 -19.05 26.56
C ALA B 465 12.52 -18.92 27.44
N PRO B 466 12.61 -19.71 28.51
CA PRO B 466 13.79 -19.62 29.38
C PRO B 466 14.96 -20.43 28.84
N THR B 467 16.16 -19.87 28.99
CA THR B 467 17.38 -20.58 28.68
C THR B 467 18.45 -20.15 29.67
N ARG B 468 19.65 -20.72 29.52
CA ARG B 468 20.81 -20.30 30.29
C ARG B 468 21.62 -19.25 29.56
N CYS B 469 21.16 -18.78 28.41
CA CYS B 469 21.85 -17.76 27.64
C CYS B 469 21.55 -16.39 28.22
N LYS B 470 22.60 -15.59 28.43
CA LYS B 470 22.49 -14.27 29.02
C LYS B 470 23.19 -13.26 28.11
N ARG B 471 22.53 -12.12 27.89
CA ARG B 471 23.10 -11.13 26.99
C ARG B 471 24.35 -10.50 27.59
N ARG B 472 25.26 -10.10 26.71
CA ARG B 472 26.48 -9.42 27.15
C ARG B 472 26.17 -8.02 27.65
N VAL B 473 27.04 -7.51 28.50
CA VAL B 473 26.87 -6.19 29.08
C VAL B 473 27.87 -5.22 28.47
N ALA C 1 7.55 15.92 50.59
CA ALA C 1 6.37 15.31 49.99
C ALA C 1 6.55 15.17 48.48
N VAL C 2 6.17 14.02 47.94
CA VAL C 2 6.34 13.71 46.53
C VAL C 2 4.99 13.34 45.96
N GLY C 3 4.49 14.15 45.02
CA GLY C 3 3.32 13.81 44.25
C GLY C 3 3.72 13.07 42.99
N ILE C 4 2.93 12.04 42.64
CA ILE C 4 3.25 11.14 41.55
C ILE C 4 2.12 11.15 40.54
N GLY C 5 2.47 11.26 39.26
CA GLY C 5 1.48 11.16 38.22
C GLY C 5 0.89 9.76 38.12
N GLU C 6 -0.33 9.70 37.59
CA GLU C 6 -1.04 8.42 37.51
C GLU C 6 -0.29 7.44 36.63
N VAL C 7 0.18 7.89 35.47
CA VAL C 7 0.77 7.03 34.46
C VAL C 7 1.95 7.76 33.82
N PHE C 8 2.80 6.98 33.14
CA PHE C 8 3.91 7.57 32.40
C PHE C 8 3.39 8.63 31.43
N LEU C 9 4.28 9.49 30.95
CA LEU C 9 3.85 10.71 30.29
C LEU C 9 2.97 10.43 29.09
N GLY C 10 3.44 9.58 28.18
CA GLY C 10 2.68 9.27 26.97
C GLY C 10 3.21 10.02 25.76
N PHE C 11 2.43 9.92 24.69
CA PHE C 11 2.83 10.49 23.40
C PHE C 11 3.00 11.99 23.51
N LEU C 12 4.20 12.48 23.19
CA LEU C 12 4.54 13.89 23.19
C LEU C 12 4.47 14.53 24.58
N GLY C 13 4.31 13.72 25.62
CA GLY C 13 4.23 14.28 26.97
C GLY C 13 5.50 14.97 27.42
N ALA C 14 6.63 14.65 26.79
CA ALA C 14 7.92 15.23 27.14
C ALA C 14 8.32 16.34 26.17
N ALA C 15 7.41 16.82 25.33
CA ALA C 15 7.75 17.87 24.39
C ALA C 15 8.26 19.12 25.10
N GLY C 16 7.70 19.43 26.26
CA GLY C 16 8.14 20.54 27.06
C GLY C 16 9.16 20.19 28.11
N SER C 17 9.58 18.94 28.20
CA SER C 17 10.57 18.52 29.17
C SER C 17 11.98 18.76 28.65
N THR C 18 12.95 18.71 29.56
CA THR C 18 14.33 18.88 29.18
C THR C 18 14.79 17.71 28.31
N MET C 19 15.78 17.99 27.46
CA MET C 19 16.26 16.98 26.52
C MET C 19 16.74 15.73 27.25
N GLY C 20 17.36 15.90 28.41
CA GLY C 20 17.82 14.75 29.17
C GLY C 20 16.67 13.89 29.66
N ALA C 21 15.60 14.52 30.13
CA ALA C 21 14.46 13.77 30.66
C ALA C 21 13.63 13.14 29.54
N ALA C 22 13.57 13.79 28.38
CA ALA C 22 12.77 13.27 27.28
C ALA C 22 13.33 11.96 26.72
N SER C 23 14.59 11.63 27.03
CA SER C 23 15.18 10.39 26.53
C SER C 23 14.50 9.15 27.09
N ASN C 24 13.72 9.29 28.15
CA ASN C 24 13.08 8.15 28.80
C ASN C 24 11.78 7.74 28.12
N THR C 25 11.31 8.50 27.12
CA THR C 25 10.04 8.20 26.46
C THR C 25 10.17 8.37 24.95
N LEU C 26 11.28 7.90 24.40
CA LEU C 26 11.44 7.90 22.95
C LEU C 26 10.64 6.79 22.29
N THR C 27 10.42 5.69 23.02
CA THR C 27 9.78 4.51 22.43
C THR C 27 8.35 4.82 21.99
N VAL C 28 7.64 5.65 22.77
CA VAL C 28 6.25 5.93 22.44
C VAL C 28 6.16 6.67 21.10
N GLN C 29 7.02 7.66 20.88
CA GLN C 29 7.03 8.36 19.60
C GLN C 29 7.45 7.42 18.47
N ALA C 30 8.43 6.57 18.72
CA ALA C 30 8.85 5.63 17.69
C ALA C 30 7.70 4.70 17.28
N ARG C 31 6.96 4.20 18.26
CA ARG C 31 5.81 3.35 17.97
C ARG C 31 4.75 4.10 17.19
N GLN C 32 4.45 5.33 17.62
CA GLN C 32 3.43 6.12 16.95
C GLN C 32 3.79 6.40 15.49
N LEU C 33 5.08 6.53 15.20
CA LEU C 33 5.50 6.80 13.83
C LEU C 33 5.05 5.71 12.87
N LEU C 34 4.80 4.50 13.38
CA LEU C 34 4.44 3.35 12.56
C LEU C 34 2.98 2.95 12.71
N SER C 35 2.50 2.81 13.95
CA SER C 35 1.17 2.26 14.20
C SER C 35 0.16 3.30 14.65
N GLY C 36 0.56 4.53 14.91
CA GLY C 36 -0.33 5.52 15.47
C GLY C 36 -0.50 5.33 16.96
N ILE C 37 -1.41 6.12 17.53
CA ILE C 37 -1.65 6.06 18.96
C ILE C 37 -2.37 4.76 19.29
N VAL C 38 -1.86 4.04 20.29
CA VAL C 38 -2.43 2.77 20.69
C VAL C 38 -3.82 2.98 21.27
N HIS C 53 -13.07 -1.65 10.28
CA HIS C 53 -11.96 -2.54 9.97
C HIS C 53 -11.46 -2.34 8.55
N LEU C 54 -12.18 -2.90 7.58
CA LEU C 54 -11.78 -2.87 6.19
C LEU C 54 -12.35 -1.64 5.51
N LEU C 55 -11.51 -0.94 4.74
CA LEU C 55 -11.97 0.16 3.93
C LEU C 55 -12.76 -0.35 2.73
N LYS C 56 -13.66 0.49 2.23
CA LYS C 56 -14.43 0.19 1.03
C LYS C 56 -13.86 0.95 -0.15
N LEU C 57 -14.01 0.38 -1.35
CA LEU C 57 -13.55 1.05 -2.55
C LEU C 57 -14.26 2.38 -2.70
N GLY C 58 -13.49 3.43 -2.95
CA GLY C 58 -14.05 4.76 -3.08
C GLY C 58 -12.97 5.80 -2.85
N VAL C 59 -13.41 7.05 -2.94
CA VAL C 59 -12.49 8.17 -2.74
C VAL C 59 -11.91 8.13 -1.34
N TRP C 60 -12.76 7.91 -0.34
CA TRP C 60 -12.31 7.92 1.05
C TRP C 60 -11.35 6.78 1.32
N GLY C 61 -11.73 5.56 0.95
CA GLY C 61 -10.88 4.42 1.19
C GLY C 61 -9.55 4.51 0.46
N PHE C 62 -9.59 4.99 -0.79
CA PHE C 62 -8.36 5.17 -1.54
C PHE C 62 -7.44 6.18 -0.86
N LYS C 63 -8.02 7.28 -0.36
CA LYS C 63 -7.23 8.27 0.34
C LYS C 63 -6.56 7.67 1.58
N GLN C 64 -7.32 6.90 2.36
CA GLN C 64 -6.76 6.31 3.57
C GLN C 64 -5.64 5.33 3.23
N LEU C 65 -5.84 4.51 2.20
CA LEU C 65 -4.81 3.57 1.80
C LEU C 65 -3.55 4.29 1.36
N GLN C 66 -3.70 5.39 0.61
CA GLN C 66 -2.55 6.19 0.22
C GLN C 66 -1.82 6.70 1.45
N ALA C 67 -2.57 7.19 2.44
CA ALA C 67 -1.94 7.71 3.65
C ALA C 67 -1.16 6.62 4.38
N ARG C 68 -1.73 5.42 4.46
CA ARG C 68 -1.04 4.33 5.15
C ARG C 68 0.24 3.95 4.43
N VAL C 69 0.20 3.88 3.10
CA VAL C 69 1.41 3.57 2.33
C VAL C 69 2.46 4.65 2.54
N LEU C 70 2.02 5.91 2.54
CA LEU C 70 2.96 7.01 2.78
C LEU C 70 3.60 6.91 4.15
N ALA C 71 2.81 6.54 5.17
CA ALA C 71 3.37 6.38 6.50
C ALA C 71 4.42 5.28 6.53
N VAL C 72 4.15 4.16 5.86
CA VAL C 72 5.12 3.08 5.80
C VAL C 72 6.40 3.56 5.13
N GLU C 73 6.28 4.28 4.02
CA GLU C 73 7.45 4.77 3.32
C GLU C 73 8.26 5.72 4.19
N ARG C 74 7.58 6.62 4.91
CA ARG C 74 8.28 7.55 5.78
C ARG C 74 9.04 6.83 6.88
N TYR C 75 8.38 5.84 7.51
CA TYR C 75 9.02 5.08 8.57
C TYR C 75 10.25 4.34 8.03
N LEU C 76 10.13 3.73 6.85
CA LEU C 76 11.25 3.01 6.27
C LEU C 76 12.39 3.95 5.89
N GLU C 77 12.06 5.16 5.44
CA GLU C 77 13.09 6.14 5.15
C GLU C 77 13.89 6.48 6.40
N VAL C 78 13.20 6.67 7.52
CA VAL C 78 13.89 6.97 8.77
C VAL C 78 14.79 5.82 9.17
N GLN C 79 14.27 4.58 9.08
CA GLN C 79 15.08 3.43 9.46
C GLN C 79 16.27 3.26 8.53
N GLN C 80 16.09 3.53 7.24
CA GLN C 80 17.20 3.46 6.29
C GLN C 80 18.28 4.45 6.67
N LEU C 81 17.89 5.68 7.05
CA LEU C 81 18.86 6.67 7.47
C LEU C 81 19.63 6.20 8.70
N LEU C 82 18.91 5.64 9.68
CA LEU C 82 19.57 5.16 10.90
C LEU C 82 20.57 4.06 10.57
N GLY C 83 20.17 3.11 9.73
CA GLY C 83 21.09 2.05 9.34
C GLY C 83 22.30 2.58 8.59
N ILE C 84 22.08 3.56 7.72
CA ILE C 84 23.18 4.16 6.97
C ILE C 84 24.16 4.83 7.91
N TRP C 85 23.68 5.33 9.05
CA TRP C 85 24.56 5.91 10.06
C TRP C 85 25.17 4.87 10.98
N GLY C 86 24.82 3.59 10.83
CA GLY C 86 25.30 2.58 11.73
C GLY C 86 24.58 2.54 13.06
N CYS C 87 23.32 2.98 13.09
CA CYS C 87 22.55 3.11 14.32
C CYS C 87 21.25 2.32 14.24
N SER C 88 21.23 1.26 13.45
CA SER C 88 20.02 0.46 13.30
C SER C 88 19.71 -0.30 14.58
N GLY C 89 18.42 -0.38 14.91
CA GLY C 89 18.00 -1.11 16.09
C GLY C 89 18.35 -0.44 17.40
N LYS C 90 18.54 0.87 17.39
CA LYS C 90 18.91 1.62 18.59
C LYS C 90 18.08 2.88 18.69
N LEU C 91 17.68 3.22 19.92
CA LEU C 91 17.02 4.48 20.20
C LEU C 91 18.03 5.58 20.50
N ILE C 92 19.14 5.24 21.14
CA ILE C 92 20.23 6.16 21.41
C ILE C 92 21.50 5.55 20.85
N CYS C 93 22.12 6.24 19.90
CA CYS C 93 23.30 5.72 19.20
C CYS C 93 24.42 6.74 19.29
N CYS C 94 25.59 6.29 19.75
CA CYS C 94 26.78 7.11 19.79
C CYS C 94 27.57 6.94 18.51
N THR C 95 28.31 7.98 18.14
CA THR C 95 29.01 8.03 16.86
C THR C 95 30.46 8.45 17.09
N ASN C 96 31.21 8.48 16.00
CA ASN C 96 32.61 8.92 16.00
C ASN C 96 32.77 10.31 15.42
N VAL C 97 31.67 11.02 15.16
CA VAL C 97 31.71 12.34 14.56
C VAL C 97 31.88 13.36 15.69
N PRO C 98 32.98 14.11 15.74
CA PRO C 98 33.12 15.13 16.78
C PRO C 98 32.15 16.28 16.57
N TRP C 99 31.77 16.91 17.68
CA TRP C 99 30.87 18.05 17.62
C TRP C 99 31.63 19.32 17.25
N ASN C 100 31.07 20.08 16.32
CA ASN C 100 31.66 21.33 15.89
C ASN C 100 31.00 22.47 16.65
N SER C 101 31.83 23.26 17.36
CA SER C 101 31.28 24.37 18.14
C SER C 101 30.59 25.40 17.27
N SER C 102 30.87 25.41 15.97
CA SER C 102 30.17 26.31 15.06
C SER C 102 28.68 26.01 15.04
N TRP C 103 28.31 24.73 15.06
CA TRP C 103 26.90 24.36 15.11
C TRP C 103 26.25 24.89 16.37
N SER C 104 26.92 24.77 17.51
CA SER C 104 26.43 25.31 18.77
C SER C 104 27.55 25.26 19.79
N ASN C 105 27.71 26.34 20.54
CA ASN C 105 28.76 26.45 21.56
C ASN C 105 28.24 26.29 22.98
N ARG C 106 26.94 26.01 23.14
CA ARG C 106 26.39 25.80 24.47
C ARG C 106 27.05 24.60 25.13
N ASN C 107 27.31 24.72 26.43
CA ASN C 107 27.89 23.61 27.16
C ASN C 107 26.83 22.55 27.45
N LEU C 108 27.29 21.39 27.91
CA LEU C 108 26.42 20.23 28.01
C LEU C 108 25.27 20.47 28.97
N SER C 109 25.55 21.13 30.10
CA SER C 109 24.52 21.35 31.10
C SER C 109 23.36 22.15 30.53
N GLU C 110 23.66 23.21 29.78
CA GLU C 110 22.62 24.02 29.18
C GLU C 110 21.70 23.15 28.30
N ILE C 111 22.31 22.35 27.42
CA ILE C 111 21.52 21.59 26.45
C ILE C 111 20.67 20.54 27.15
N TRP C 112 21.27 19.77 28.04
CA TRP C 112 20.62 18.59 28.60
C TRP C 112 19.88 18.85 29.90
N ASP C 113 19.87 20.10 30.39
CA ASP C 113 19.12 20.41 31.60
C ASP C 113 18.37 21.73 31.52
N ASN C 114 18.49 22.48 30.42
CA ASN C 114 17.81 23.77 30.30
C ASN C 114 17.23 24.00 28.91
N MET C 115 17.12 22.95 28.10
CA MET C 115 16.65 23.07 26.73
C MET C 115 15.71 21.93 26.41
N THR C 116 14.77 22.19 25.51
CA THR C 116 13.88 21.19 24.96
C THR C 116 14.29 20.83 23.54
N TRP C 117 13.81 19.68 23.08
CA TRP C 117 14.17 19.22 21.74
C TRP C 117 13.65 20.16 20.66
N LEU C 118 12.50 20.79 20.90
CA LEU C 118 11.98 21.75 19.93
C LEU C 118 12.90 22.97 19.83
N GLN C 119 13.34 23.49 20.97
CA GLN C 119 14.27 24.61 20.97
C GLN C 119 15.58 24.21 20.30
N TRP C 120 16.08 23.01 20.60
CA TRP C 120 17.32 22.54 20.00
C TRP C 120 17.19 22.43 18.48
N ASP C 121 16.06 21.91 18.01
CA ASP C 121 15.84 21.81 16.58
C ASP C 121 15.81 23.19 15.93
N LYS C 122 15.17 24.16 16.58
CA LYS C 122 15.18 25.52 16.07
C LYS C 122 16.60 26.06 15.99
N GLU C 123 17.42 25.76 17.00
CA GLU C 123 18.77 26.30 17.04
C GLU C 123 19.65 25.71 15.94
N ILE C 124 19.64 24.39 15.79
CA ILE C 124 20.59 23.70 14.93
C ILE C 124 19.92 23.18 13.65
N GLY C 125 18.77 23.73 13.28
CA GLY C 125 18.11 23.28 12.06
C GLY C 125 18.90 23.55 10.80
N ASN C 126 19.82 24.51 10.85
CA ASN C 126 20.58 24.88 9.67
C ASN C 126 21.68 23.88 9.35
N TYR C 127 22.24 23.22 10.37
CA TYR C 127 23.38 22.32 10.21
C TYR C 127 22.98 20.85 10.18
N THR C 128 21.68 20.57 10.14
CA THR C 128 21.22 19.19 10.23
C THR C 128 21.74 18.36 9.07
N GLN C 129 21.67 18.89 7.85
CA GLN C 129 22.11 18.13 6.68
C GLN C 129 23.62 17.92 6.71
N ILE C 130 24.37 18.92 7.17
CA ILE C 130 25.82 18.78 7.29
C ILE C 130 26.13 17.63 8.24
N ILE C 131 25.46 17.60 9.39
CA ILE C 131 25.70 16.54 10.36
C ILE C 131 25.33 15.18 9.77
N TYR C 132 24.23 15.12 9.03
CA TYR C 132 23.81 13.87 8.42
C TYR C 132 24.87 13.35 7.45
N GLY C 133 25.41 14.23 6.61
CA GLY C 133 26.45 13.82 5.68
C GLY C 133 27.69 13.33 6.39
N LEU C 134 28.09 14.03 7.46
CA LEU C 134 29.25 13.60 8.22
C LEU C 134 29.03 12.22 8.84
N LEU C 135 27.82 11.96 9.34
CA LEU C 135 27.52 10.65 9.88
C LEU C 135 27.64 9.57 8.80
N GLU C 136 27.13 9.86 7.61
CA GLU C 136 27.24 8.93 6.50
C GLU C 136 28.71 8.60 6.21
N GLU C 137 29.54 9.63 6.07
CA GLU C 137 30.94 9.41 5.74
C GLU C 137 31.64 8.63 6.84
N SER C 138 31.38 8.97 8.10
CA SER C 138 32.03 8.27 9.20
C SER C 138 31.67 6.79 9.21
N GLN C 139 30.39 6.47 8.99
CA GLN C 139 29.98 5.08 8.99
C GLN C 139 30.63 4.32 7.84
N PHE C 140 30.68 4.92 6.66
CA PHE C 140 31.31 4.25 5.52
C PHE C 140 32.79 3.99 5.79
N GLN C 141 33.50 4.99 6.32
CA GLN C 141 34.90 4.81 6.65
C GLN C 141 35.08 3.73 7.72
N GLN C 142 34.15 3.68 8.68
CA GLN C 142 34.21 2.64 9.70
C GLN C 142 34.09 1.25 9.07
N GLU C 143 33.16 1.11 8.12
CA GLU C 143 33.02 -0.18 7.45
C GLU C 143 34.28 -0.55 6.68
N ILE C 144 34.84 0.41 5.95
CA ILE C 144 36.04 0.13 5.15
C ILE C 144 37.20 -0.25 6.07
N ASN C 145 37.42 0.53 7.13
CA ASN C 145 38.52 0.24 8.05
C ASN C 145 38.31 -1.08 8.76
N GLU C 146 37.06 -1.39 9.12
CA GLU C 146 36.77 -2.69 9.70
C GLU C 146 37.18 -3.81 8.76
N GLN C 147 36.79 -3.70 7.48
CA GLN C 147 37.12 -4.74 6.52
C GLN C 147 38.62 -4.92 6.38
N ASP C 148 39.36 -3.81 6.26
CA ASP C 148 40.81 -3.90 6.09
C ASP C 148 41.49 -4.44 7.35
N LEU C 149 41.17 -3.86 8.51
CA LEU C 149 41.77 -4.29 9.76
C LEU C 149 41.54 -5.77 9.99
N LEU C 150 40.34 -6.25 9.68
CA LEU C 150 39.99 -7.63 9.99
C LEU C 150 40.34 -8.58 8.86
N ALA C 151 40.63 -8.05 7.67
CA ALA C 151 41.27 -8.84 6.62
C ALA C 151 42.71 -9.15 6.98
N LEU C 152 43.37 -8.23 7.70
CA LEU C 152 44.72 -8.50 8.17
C LEU C 152 44.76 -9.72 9.08
N ASP C 153 43.66 -10.01 9.76
CA ASP C 153 43.60 -11.15 10.68
C ASP C 153 43.93 -12.45 9.94
N GLU D 2 36.51 20.70 25.99
CA GLU D 2 36.39 19.25 26.13
C GLU D 2 36.04 18.61 24.79
N ASN D 3 36.04 17.28 24.76
CA ASN D 3 35.76 16.53 23.54
C ASN D 3 34.30 16.12 23.53
N LEU D 4 33.58 16.54 22.49
CA LEU D 4 32.16 16.24 22.33
C LEU D 4 31.93 15.55 20.99
N TRP D 5 30.95 14.65 20.98
CA TRP D 5 30.65 13.83 19.81
C TRP D 5 29.15 13.84 19.54
N VAL D 6 28.81 13.71 18.27
CA VAL D 6 27.42 13.65 17.86
C VAL D 6 26.78 12.37 18.39
N THR D 7 25.55 12.48 18.87
CA THR D 7 24.78 11.36 19.36
C THR D 7 23.38 11.45 18.77
N VAL D 8 22.87 10.31 18.32
CA VAL D 8 21.62 10.23 17.57
C VAL D 8 20.53 9.69 18.48
N TYR D 9 19.40 10.38 18.50
CA TYR D 9 18.24 9.97 19.29
C TYR D 9 17.06 9.76 18.35
N TYR D 10 16.41 8.60 18.49
CA TYR D 10 15.30 8.22 17.63
C TYR D 10 14.02 8.21 18.46
N GLY D 11 13.10 9.12 18.12
CA GLY D 11 11.82 9.20 18.80
C GLY D 11 11.70 10.42 19.68
N VAL D 12 12.36 11.51 19.31
CA VAL D 12 12.33 12.73 20.11
C VAL D 12 11.00 13.44 19.88
N PRO D 13 10.50 14.18 20.88
CA PRO D 13 9.21 14.91 20.70
C PRO D 13 9.37 16.24 19.98
N VAL D 14 9.48 16.15 18.66
CA VAL D 14 9.62 17.31 17.80
C VAL D 14 8.60 17.22 16.68
N TRP D 15 8.09 18.37 16.24
CA TRP D 15 7.06 18.40 15.23
C TRP D 15 7.16 19.68 14.41
N LYS D 16 6.54 19.64 13.24
CA LYS D 16 6.45 20.78 12.34
C LYS D 16 5.03 20.90 11.81
N ASP D 17 4.65 22.11 11.41
CA ASP D 17 3.35 22.29 10.78
C ASP D 17 3.29 21.51 9.47
N ALA D 18 2.18 20.81 9.25
CA ALA D 18 2.07 19.94 8.09
C ALA D 18 0.60 19.72 7.75
N GLU D 19 0.38 19.16 6.56
CA GLU D 19 -0.94 18.78 6.08
C GLU D 19 -0.93 17.29 5.76
N THR D 20 -2.03 16.62 6.07
CA THR D 20 -2.15 15.19 5.80
C THR D 20 -3.62 14.84 5.64
N THR D 21 -3.88 13.54 5.50
CA THR D 21 -5.23 13.02 5.32
C THR D 21 -5.65 12.35 6.62
N LEU D 22 -6.51 13.02 7.37
CA LEU D 22 -7.06 12.46 8.59
C LEU D 22 -8.17 11.46 8.25
N PHE D 23 -8.50 10.63 9.23
CA PHE D 23 -9.64 9.72 9.09
C PHE D 23 -10.72 10.10 10.10
N CYS D 24 -11.90 9.52 9.93
CA CYS D 24 -13.06 9.91 10.70
C CYS D 24 -13.60 8.73 11.49
N ALA D 25 -14.11 9.03 12.68
CA ALA D 25 -14.66 8.04 13.59
C ALA D 25 -16.00 8.53 14.12
N SER D 26 -16.87 7.57 14.43
CA SER D 26 -18.21 7.85 14.93
C SER D 26 -18.53 6.86 16.05
N ASP D 27 -19.46 7.25 16.90
CA ASP D 27 -19.89 6.39 17.99
C ASP D 27 -20.72 5.23 17.48
N ALA D 28 -20.78 4.16 18.27
CA ALA D 28 -21.56 2.99 17.89
C ALA D 28 -23.04 3.29 17.79
N LYS D 29 -23.51 4.37 18.40
CA LYS D 29 -24.94 4.67 18.40
C LYS D 29 -25.48 4.75 16.97
N ALA D 30 -24.74 5.38 16.06
CA ALA D 30 -25.19 5.47 14.68
C ALA D 30 -25.36 4.09 14.07
N TYR D 31 -24.42 3.18 14.34
CA TYR D 31 -24.54 1.82 13.84
C TYR D 31 -25.80 1.14 14.37
N GLU D 32 -26.26 1.55 15.55
CA GLU D 32 -27.49 1.01 16.12
C GLU D 32 -28.75 1.63 15.52
N THR D 33 -28.63 2.76 14.82
CA THR D 33 -29.80 3.35 14.17
C THR D 33 -30.19 2.56 12.93
N GLU D 34 -29.20 2.13 12.15
CA GLU D 34 -29.44 1.39 10.91
C GLU D 34 -30.26 2.20 9.92
N LYS D 35 -30.17 3.52 10.01
CA LYS D 35 -30.80 4.42 9.05
C LYS D 35 -29.87 4.80 7.92
N HIS D 36 -28.69 4.20 7.85
CA HIS D 36 -27.73 4.43 6.77
C HIS D 36 -27.32 5.90 6.70
N ASN D 37 -26.74 6.39 7.80
CA ASN D 37 -26.11 7.69 7.78
C ASN D 37 -24.90 7.66 6.86
N VAL D 38 -24.72 8.73 6.10
CA VAL D 38 -23.67 8.74 5.07
C VAL D 38 -22.30 8.60 5.70
N TRP D 39 -22.05 9.34 6.79
CA TRP D 39 -20.74 9.32 7.42
C TRP D 39 -20.40 7.94 7.96
N ALA D 40 -21.30 7.38 8.77
CA ALA D 40 -21.05 6.07 9.36
C ALA D 40 -21.06 4.96 8.31
N THR D 41 -21.67 5.19 7.15
CA THR D 41 -21.80 4.16 6.13
C THR D 41 -20.60 4.09 5.22
N HIS D 42 -20.06 5.23 4.80
CA HIS D 42 -19.03 5.26 3.77
C HIS D 42 -17.64 5.63 4.27
N ALA D 43 -17.51 6.33 5.38
CA ALA D 43 -16.23 6.93 5.76
C ALA D 43 -15.71 6.52 7.13
N CYS D 44 -16.57 6.46 8.14
CA CYS D 44 -16.11 6.47 9.52
C CYS D 44 -16.04 5.06 10.11
N VAL D 45 -15.34 4.98 11.23
CA VAL D 45 -15.10 3.72 11.94
C VAL D 45 -15.52 3.89 13.39
N PRO D 46 -15.52 2.83 14.20
CA PRO D 46 -15.93 2.97 15.60
C PRO D 46 -15.03 3.93 16.36
N THR D 47 -15.63 4.64 17.31
CA THR D 47 -14.90 5.58 18.14
C THR D 47 -14.29 4.86 19.33
N ASP D 48 -13.10 5.32 19.74
CA ASP D 48 -12.44 4.71 20.87
C ASP D 48 -13.26 4.95 22.14
N PRO D 49 -13.52 3.92 22.96
CA PRO D 49 -14.34 4.15 24.16
C PRO D 49 -13.75 5.19 25.09
N ASN D 50 -12.43 5.23 25.22
CA ASN D 50 -11.74 6.15 26.13
C ASN D 50 -10.66 6.88 25.33
N PRO D 51 -11.01 7.98 24.67
CA PRO D 51 -10.01 8.70 23.87
C PRO D 51 -8.89 9.25 24.75
N GLN D 52 -7.69 9.30 24.18
CA GLN D 52 -6.50 9.72 24.91
C GLN D 52 -6.22 11.20 24.65
N GLU D 53 -6.08 11.95 25.73
CA GLU D 53 -5.70 13.35 25.67
C GLU D 53 -4.53 13.57 26.62
N ILE D 54 -3.40 14.04 26.09
CA ILE D 54 -2.19 14.24 26.86
C ILE D 54 -1.92 15.74 26.93
N HIS D 55 -1.85 16.27 28.13
CA HIS D 55 -1.60 17.69 28.34
C HIS D 55 -0.11 17.95 28.31
N LEU D 56 0.31 18.87 27.44
CA LEU D 56 1.73 19.14 27.22
C LEU D 56 2.16 20.29 28.12
N GLU D 57 2.78 19.95 29.24
CA GLU D 57 3.32 20.97 30.12
C GLU D 57 4.46 21.70 29.43
N ASN D 58 4.58 23.00 29.71
CA ASN D 58 5.63 23.89 29.25
C ASN D 58 5.46 24.28 27.78
N VAL D 59 4.52 23.71 27.05
CA VAL D 59 4.44 23.87 25.60
C VAL D 59 3.58 25.07 25.26
N THR D 60 4.10 25.93 24.39
CA THR D 60 3.37 27.05 23.83
C THR D 60 3.45 26.93 22.31
N GLU D 61 2.29 26.89 21.65
CA GLU D 61 2.23 26.59 20.23
C GLU D 61 1.41 27.65 19.50
N GLU D 62 1.82 27.97 18.29
CA GLU D 62 1.14 28.98 17.48
C GLU D 62 0.04 28.33 16.66
N PHE D 63 -1.15 28.91 16.73
CA PHE D 63 -2.33 28.42 16.02
C PHE D 63 -2.82 29.49 15.05
N ASN D 64 -3.48 29.04 13.98
CA ASN D 64 -4.10 29.93 13.01
C ASN D 64 -5.29 29.19 12.40
N MET D 65 -6.50 29.56 12.81
CA MET D 65 -7.70 28.89 12.34
C MET D 65 -8.04 29.23 10.89
N TRP D 66 -7.39 30.23 10.30
CA TRP D 66 -7.70 30.67 8.95
C TRP D 66 -6.82 30.04 7.89
N LYS D 67 -5.85 29.22 8.29
CA LYS D 67 -5.00 28.47 7.38
C LYS D 67 -4.87 27.03 7.84
N ASN D 68 -6.02 26.43 8.16
CA ASN D 68 -6.10 25.07 8.68
C ASN D 68 -6.66 24.16 7.59
N ASN D 69 -5.85 23.20 7.14
CA ASN D 69 -6.28 22.28 6.10
C ASN D 69 -7.36 21.33 6.58
N MET D 70 -7.56 21.21 7.90
CA MET D 70 -8.63 20.38 8.42
C MET D 70 -9.98 20.82 7.87
N VAL D 71 -10.18 22.14 7.76
CA VAL D 71 -11.43 22.67 7.25
C VAL D 71 -11.64 22.24 5.81
N GLU D 72 -10.60 22.35 4.99
CA GLU D 72 -10.72 21.96 3.58
C GLU D 72 -11.01 20.48 3.45
N GLN D 73 -10.33 19.65 4.24
CA GLN D 73 -10.58 18.21 4.19
C GLN D 73 -12.00 17.90 4.60
N MET D 74 -12.52 18.56 5.63
CA MET D 74 -13.88 18.31 6.09
C MET D 74 -14.90 18.73 5.04
N HIS D 75 -14.68 19.88 4.40
CA HIS D 75 -15.57 20.31 3.33
C HIS D 75 -15.58 19.32 2.18
N THR D 76 -14.41 18.89 1.73
CA THR D 76 -14.34 17.93 0.65
C THR D 76 -15.00 16.61 1.04
N ASP D 77 -14.77 16.16 2.28
CA ASP D 77 -15.33 14.89 2.73
C ASP D 77 -16.84 14.93 2.73
N ILE D 78 -17.43 15.97 3.31
CA ILE D 78 -18.88 16.04 3.41
C ILE D 78 -19.50 16.12 2.02
N ILE D 79 -18.92 16.92 1.14
CA ILE D 79 -19.46 17.02 -0.22
C ILE D 79 -19.40 15.66 -0.91
N SER D 80 -18.26 14.99 -0.83
CA SER D 80 -18.12 13.70 -1.49
C SER D 80 -19.09 12.67 -0.92
N LEU D 81 -19.27 12.67 0.40
CA LEU D 81 -20.16 11.69 1.01
C LEU D 81 -21.60 11.92 0.57
N TRP D 82 -22.04 13.18 0.49
CA TRP D 82 -23.39 13.45 0.01
C TRP D 82 -23.56 12.98 -1.43
N ASP D 83 -22.58 13.26 -2.28
CA ASP D 83 -22.67 12.81 -3.67
C ASP D 83 -22.72 11.29 -3.75
N GLN D 84 -21.88 10.61 -2.95
CA GLN D 84 -21.87 9.16 -2.96
C GLN D 84 -23.21 8.59 -2.51
N SER D 85 -23.81 9.18 -1.48
CA SER D 85 -25.11 8.70 -1.02
C SER D 85 -26.19 8.97 -2.07
N LEU D 86 -26.05 10.02 -2.87
CA LEU D 86 -27.04 10.33 -3.89
C LEU D 86 -26.85 9.53 -5.17
N LYS D 87 -25.70 8.89 -5.36
CA LYS D 87 -25.46 8.15 -6.60
C LYS D 87 -26.52 7.08 -6.86
N PRO D 88 -26.85 6.21 -5.91
CA PRO D 88 -27.82 5.13 -6.20
C PRO D 88 -29.27 5.57 -6.16
N CYS D 89 -29.55 6.84 -5.93
CA CYS D 89 -30.93 7.30 -5.79
C CYS D 89 -31.55 7.57 -7.15
N VAL D 90 -32.86 7.87 -7.13
CA VAL D 90 -33.64 8.00 -8.35
C VAL D 90 -33.31 9.33 -9.01
N LYS D 91 -33.17 9.30 -10.34
CA LYS D 91 -32.96 10.50 -11.13
C LYS D 91 -34.30 10.93 -11.73
N LEU D 92 -34.68 12.17 -11.47
CA LEU D 92 -36.00 12.68 -11.89
C LEU D 92 -35.93 13.34 -13.26
N THR D 93 -35.37 12.62 -14.23
CA THR D 93 -35.40 13.11 -15.61
C THR D 93 -36.81 13.21 -16.16
N PRO D 94 -37.68 12.20 -16.03
CA PRO D 94 -39.02 12.33 -16.60
C PRO D 94 -39.86 13.43 -15.98
N LEU D 95 -39.50 13.90 -14.79
CA LEU D 95 -40.29 14.95 -14.14
C LEU D 95 -40.21 16.28 -14.88
N CYS D 96 -39.29 16.41 -15.84
CA CYS D 96 -39.15 17.66 -16.60
C CYS D 96 -40.14 17.63 -17.75
N VAL D 97 -41.38 17.99 -17.43
CA VAL D 97 -42.48 18.01 -18.39
C VAL D 97 -43.29 19.28 -18.15
N THR D 98 -44.20 19.56 -19.09
CA THR D 98 -45.09 20.69 -18.94
C THR D 98 -46.10 20.42 -17.83
N LEU D 99 -46.33 21.43 -17.00
CA LEU D 99 -47.25 21.35 -15.88
C LEU D 99 -48.40 22.33 -16.07
N GLN D 100 -49.62 21.85 -15.86
CA GLN D 100 -50.81 22.71 -15.87
C GLN D 100 -51.15 22.99 -14.41
N CYS D 101 -50.86 24.21 -13.96
CA CYS D 101 -50.90 24.55 -12.55
C CYS D 101 -51.98 25.58 -12.26
N THR D 102 -52.70 25.37 -11.17
CA THR D 102 -53.68 26.28 -10.62
C THR D 102 -53.26 26.68 -9.20
N ASN D 103 -54.04 27.58 -8.60
CA ASN D 103 -53.78 27.99 -7.23
C ASN D 103 -54.26 26.91 -6.25
N VAL D 104 -53.76 27.01 -5.02
CA VAL D 104 -54.28 26.22 -3.90
C VAL D 104 -54.91 27.20 -2.91
N THR D 105 -56.20 27.45 -3.06
CA THR D 105 -56.91 28.41 -2.23
C THR D 105 -57.81 27.74 -1.20
N ASN D 106 -57.59 26.45 -0.93
CA ASN D 106 -58.42 25.70 0.01
C ASN D 106 -57.93 25.99 1.42
N ASN D 107 -58.53 27.02 2.04
CA ASN D 107 -58.25 27.40 3.42
C ASN D 107 -56.77 27.74 3.61
N ILE D 108 -56.37 28.81 2.93
CA ILE D 108 -55.02 29.36 3.04
C ILE D 108 -55.11 30.72 3.74
N THR D 109 -53.98 31.13 4.30
CA THR D 109 -53.84 32.47 4.86
C THR D 109 -53.34 33.43 3.79
N ASP D 110 -53.50 34.72 4.07
CA ASP D 110 -53.10 35.73 3.09
C ASP D 110 -51.61 35.70 2.84
N ASP D 111 -50.81 35.43 3.87
CA ASP D 111 -49.36 35.39 3.70
C ASP D 111 -48.90 34.22 2.85
N MET D 112 -49.69 33.14 2.79
CA MET D 112 -49.35 31.95 2.03
C MET D 112 -50.11 31.87 0.71
N ARG D 113 -50.46 33.01 0.13
CA ARG D 113 -51.21 33.05 -1.12
C ARG D 113 -50.25 32.98 -2.29
N GLY D 114 -50.45 32.01 -3.17
CA GLY D 114 -49.58 31.80 -4.30
C GLY D 114 -48.32 31.03 -3.99
N GLU D 115 -48.11 30.62 -2.75
CA GLU D 115 -46.91 29.87 -2.40
C GLU D 115 -46.98 28.42 -2.85
N LEU D 116 -48.16 27.84 -2.88
CA LEU D 116 -48.36 26.46 -3.30
C LEU D 116 -49.18 26.42 -4.58
N LYS D 117 -48.86 25.46 -5.44
CA LYS D 117 -49.51 25.33 -6.74
C LYS D 117 -49.95 23.90 -6.96
N ASN D 118 -51.15 23.69 -7.48
CA ASN D 118 -51.67 22.36 -7.79
C ASN D 118 -51.42 22.10 -9.27
N CYS D 119 -50.49 21.30 -9.59
CA CYS D 119 -49.99 21.06 -10.93
C CYS D 119 -50.34 19.65 -11.38
N SER D 120 -51.02 19.56 -12.53
CA SER D 120 -51.31 18.30 -13.18
C SER D 120 -50.39 18.11 -14.36
N PHE D 121 -50.00 16.85 -14.61
CA PHE D 121 -49.07 16.56 -15.70
C PHE D 121 -49.21 15.09 -16.09
N ASN D 122 -48.76 14.79 -17.31
CA ASN D 122 -48.64 13.43 -17.80
C ASN D 122 -47.27 12.89 -17.41
N MET D 123 -47.23 11.63 -16.99
CA MET D 123 -46.01 11.02 -16.50
C MET D 123 -45.89 9.60 -17.04
N THR D 124 -44.65 9.13 -17.14
CA THR D 124 -44.38 7.76 -17.54
C THR D 124 -44.80 6.79 -16.46
N THR D 125 -45.04 5.56 -16.87
CA THR D 125 -45.39 4.47 -15.96
C THR D 125 -44.33 3.39 -16.02
N GLU D 126 -44.59 2.29 -15.32
CA GLU D 126 -43.70 1.14 -15.40
C GLU D 126 -43.71 0.51 -16.79
N LEU D 127 -44.70 0.85 -17.62
CA LEU D 127 -44.77 0.42 -19.00
C LEU D 127 -44.38 1.58 -19.91
N ARG D 128 -43.43 1.32 -20.80
CA ARG D 128 -42.89 2.39 -21.64
C ARG D 128 -43.92 2.95 -22.60
N ASP D 129 -44.98 2.20 -22.91
CA ASP D 129 -45.95 2.60 -23.91
C ASP D 129 -47.23 3.17 -23.29
N LYS D 130 -47.23 3.46 -21.99
CA LYS D 130 -48.41 3.98 -21.31
C LYS D 130 -48.06 5.24 -20.55
N LYS D 131 -49.01 6.17 -20.51
CA LYS D 131 -48.87 7.42 -19.78
C LYS D 131 -50.00 7.54 -18.76
N GLN D 132 -49.69 8.16 -17.62
CA GLN D 132 -50.66 8.36 -16.55
C GLN D 132 -50.78 9.85 -16.27
N LYS D 133 -52.01 10.33 -16.14
CA LYS D 133 -52.26 11.71 -15.77
C LYS D 133 -52.31 11.79 -14.24
N VAL D 134 -51.40 12.57 -13.66
CA VAL D 134 -51.27 12.67 -12.22
C VAL D 134 -51.24 14.14 -11.84
N TYR D 135 -51.34 14.39 -10.53
CA TYR D 135 -51.29 15.75 -10.00
C TYR D 135 -50.44 15.75 -8.74
N SER D 136 -49.93 16.93 -8.41
CA SER D 136 -49.12 17.11 -7.23
C SER D 136 -49.19 18.57 -6.80
N LEU D 137 -48.64 18.83 -5.62
CA LEU D 137 -48.51 20.19 -5.10
C LEU D 137 -47.04 20.58 -5.13
N PHE D 138 -46.75 21.74 -5.71
CA PHE D 138 -45.39 22.24 -5.85
C PHE D 138 -45.28 23.61 -5.22
N TYR D 139 -44.16 23.85 -4.54
CA TYR D 139 -43.91 25.16 -3.96
C TYR D 139 -43.62 26.18 -5.05
N ARG D 140 -44.08 27.41 -4.84
CA ARG D 140 -43.92 28.45 -5.84
C ARG D 140 -42.47 28.64 -6.25
N LEU D 141 -41.54 28.39 -5.32
CA LEU D 141 -40.13 28.58 -5.61
C LEU D 141 -39.55 27.49 -6.51
N ASP D 142 -40.21 26.35 -6.61
CA ASP D 142 -39.69 25.21 -7.37
C ASP D 142 -40.19 25.16 -8.79
N VAL D 143 -41.02 26.11 -9.22
CA VAL D 143 -41.59 26.12 -10.56
C VAL D 143 -41.45 27.52 -11.15
N VAL D 144 -41.47 27.57 -12.48
CA VAL D 144 -41.38 28.82 -13.23
C VAL D 144 -42.30 28.74 -14.42
N GLN D 145 -42.98 29.85 -14.72
CA GLN D 145 -43.92 29.89 -15.84
C GLN D 145 -43.17 29.80 -17.16
N ILE D 146 -43.66 28.95 -18.05
CA ILE D 146 -43.04 28.80 -19.37
C ILE D 146 -43.37 29.99 -20.25
N ASN D 147 -44.64 30.39 -20.28
CA ASN D 147 -45.09 31.49 -21.12
C ASN D 147 -45.50 32.69 -20.29
N LYS D 159 -50.86 29.44 -17.18
CA LYS D 159 -51.26 28.22 -16.48
C LYS D 159 -50.26 27.09 -16.73
N GLU D 160 -49.26 27.35 -17.55
CA GLU D 160 -48.23 26.36 -17.89
C GLU D 160 -46.94 26.68 -17.15
N TYR D 161 -46.39 25.68 -16.48
CA TYR D 161 -45.20 25.83 -15.66
C TYR D 161 -44.23 24.69 -15.94
N ARG D 162 -43.00 24.88 -15.48
CA ARG D 162 -41.98 23.83 -15.54
C ARG D 162 -41.14 23.91 -14.28
N LEU D 163 -40.50 22.79 -13.93
CA LEU D 163 -39.62 22.78 -12.78
C LEU D 163 -38.44 23.72 -13.01
N ILE D 164 -37.97 24.33 -11.93
CA ILE D 164 -36.96 25.37 -12.03
C ILE D 164 -35.66 24.84 -12.62
N ASN D 165 -35.35 23.56 -12.37
CA ASN D 165 -34.07 22.98 -12.73
C ASN D 165 -34.03 22.42 -14.15
N CYS D 166 -35.14 22.47 -14.88
CA CYS D 166 -35.23 21.73 -16.14
C CYS D 166 -34.28 22.27 -17.21
N ASN D 167 -33.88 23.53 -17.13
CA ASN D 167 -32.95 24.10 -18.09
C ASN D 167 -31.50 24.05 -17.64
N THR D 168 -31.23 23.45 -16.48
CA THR D 168 -29.88 23.34 -15.94
C THR D 168 -29.43 21.90 -15.78
N SER D 169 -30.26 21.06 -15.18
CA SER D 169 -29.91 19.67 -14.95
C SER D 169 -31.11 18.96 -14.36
N ALA D 170 -31.03 17.63 -14.29
CA ALA D 170 -32.06 16.81 -13.69
C ALA D 170 -31.73 16.58 -12.22
N CYS D 171 -32.75 16.66 -11.37
CA CYS D 171 -32.57 16.54 -9.93
C CYS D 171 -32.63 15.08 -9.52
N THR D 172 -31.85 14.75 -8.49
CA THR D 172 -31.82 13.41 -7.90
C THR D 172 -32.66 13.43 -6.64
N GLN D 173 -33.67 12.57 -6.59
CA GLN D 173 -34.53 12.48 -5.42
C GLN D 173 -33.79 11.83 -4.27
N ILE D 174 -33.87 12.44 -3.08
CA ILE D 174 -33.21 11.86 -1.92
C ILE D 174 -33.90 10.56 -1.55
N CYS D 175 -33.11 9.52 -1.34
CA CYS D 175 -33.64 8.24 -0.91
C CYS D 175 -34.17 8.37 0.51
N PRO D 176 -35.47 8.12 0.75
CA PRO D 176 -35.98 8.24 2.12
C PRO D 176 -35.32 7.31 3.12
N LYS D 177 -34.64 6.26 2.66
CA LYS D 177 -33.94 5.39 3.59
C LYS D 177 -32.61 5.99 4.04
N VAL D 178 -32.12 7.02 3.36
CA VAL D 178 -30.86 7.67 3.71
C VAL D 178 -31.15 8.83 4.63
N SER D 179 -30.34 8.97 5.68
CA SER D 179 -30.46 10.04 6.66
C SER D 179 -29.25 10.96 6.56
N PHE D 180 -29.51 12.25 6.46
CA PHE D 180 -28.45 13.26 6.47
C PHE D 180 -28.40 14.01 7.78
N GLU D 181 -29.11 13.54 8.80
CA GLU D 181 -29.10 14.22 10.09
C GLU D 181 -27.67 14.25 10.63
N PRO D 182 -27.24 15.39 11.20
CA PRO D 182 -25.84 15.48 11.64
C PRO D 182 -25.58 14.64 12.89
N ILE D 183 -24.71 13.65 12.75
CA ILE D 183 -24.22 12.88 13.90
C ILE D 183 -22.80 13.33 14.17
N PRO D 184 -22.34 13.30 15.42
CA PRO D 184 -20.97 13.77 15.71
C PRO D 184 -19.94 12.98 14.92
N ILE D 185 -18.94 13.70 14.42
CA ILE D 185 -17.84 13.12 13.67
C ILE D 185 -16.54 13.55 14.34
N HIS D 186 -15.67 12.58 14.54
CA HIS D 186 -14.34 12.83 15.15
C HIS D 186 -13.29 12.70 14.06
N TYR D 187 -12.42 13.66 14.01
CA TYR D 187 -11.30 13.59 13.08
C TYR D 187 -10.04 13.17 13.82
N CYS D 188 -9.37 12.16 13.29
CA CYS D 188 -8.26 11.49 13.95
C CYS D 188 -7.06 11.46 13.01
N ALA D 189 -5.87 11.54 13.62
CA ALA D 189 -4.62 11.64 12.88
C ALA D 189 -4.00 10.26 12.69
N PRO D 190 -3.36 10.03 11.55
CA PRO D 190 -2.70 8.73 11.32
C PRO D 190 -1.29 8.69 11.89
N ALA D 191 -0.59 7.59 11.61
CA ALA D 191 0.77 7.43 12.12
C ALA D 191 1.67 8.53 11.60
N GLY D 192 2.57 9.00 12.47
CA GLY D 192 3.50 10.06 12.12
C GLY D 192 2.94 11.46 12.23
N PHE D 193 1.68 11.61 12.61
CA PHE D 193 1.04 12.91 12.72
C PHE D 193 0.31 12.99 14.05
N ALA D 194 0.14 14.23 14.52
CA ALA D 194 -0.54 14.49 15.79
C ALA D 194 -1.50 15.65 15.62
N ILE D 195 -2.54 15.66 16.45
CA ILE D 195 -3.50 16.75 16.52
C ILE D 195 -3.28 17.50 17.82
N LEU D 196 -2.97 18.78 17.72
CA LEU D 196 -2.77 19.65 18.86
C LEU D 196 -4.01 20.49 19.07
N LYS D 197 -4.40 20.65 20.34
CA LYS D 197 -5.62 21.32 20.75
C LYS D 197 -5.28 22.46 21.70
N CYS D 198 -5.81 23.64 21.42
CA CYS D 198 -5.66 24.78 22.30
C CYS D 198 -6.83 24.84 23.28
N LYS D 199 -6.51 24.88 24.56
CA LYS D 199 -7.52 24.91 25.62
C LYS D 199 -7.67 26.29 26.25
N ASP D 200 -7.03 27.30 25.69
CA ASP D 200 -7.20 28.66 26.20
C ASP D 200 -8.64 29.09 26.04
N LYS D 201 -9.19 29.71 27.08
CA LYS D 201 -10.59 30.09 27.08
C LYS D 201 -10.85 31.26 26.14
N LYS D 202 -9.93 32.22 26.10
CA LYS D 202 -10.08 33.45 25.33
C LYS D 202 -9.21 33.43 24.07
N PHE D 203 -9.05 32.26 23.47
CA PHE D 203 -8.29 32.14 22.23
C PHE D 203 -9.12 32.65 21.07
N ASN D 204 -8.55 33.59 20.31
CA ASN D 204 -9.28 34.27 19.26
C ASN D 204 -9.07 33.65 17.88
N GLY D 205 -8.43 32.48 17.82
CA GLY D 205 -8.24 31.76 16.58
C GLY D 205 -6.87 31.93 15.97
N THR D 206 -6.11 32.95 16.39
CA THR D 206 -4.80 33.21 15.84
C THR D 206 -3.86 33.63 16.95
N GLY D 207 -2.64 33.09 16.93
CA GLY D 207 -1.63 33.49 17.87
C GLY D 207 -1.16 32.35 18.76
N PRO D 208 -0.44 32.69 19.83
CA PRO D 208 0.09 31.65 20.72
C PRO D 208 -0.97 31.10 21.66
N CYS D 209 -0.82 29.81 21.98
CA CYS D 209 -1.61 29.14 23.01
C CYS D 209 -0.64 28.54 24.01
N LYS D 210 -0.88 28.82 25.29
CA LYS D 210 -0.01 28.38 26.36
C LYS D 210 -0.54 27.13 27.07
N ASN D 211 -1.78 26.74 26.83
CA ASN D 211 -2.39 25.55 27.41
C ASN D 211 -2.73 24.62 26.25
N VAL D 212 -1.77 23.79 25.86
CA VAL D 212 -1.88 22.94 24.68
C VAL D 212 -1.97 21.49 25.13
N SER D 213 -2.67 20.69 24.32
CA SER D 213 -2.75 19.25 24.52
C SER D 213 -2.63 18.56 23.18
N THR D 214 -2.42 17.25 23.22
CA THR D 214 -2.43 16.41 22.03
C THR D 214 -3.52 15.37 22.18
N VAL D 215 -4.31 15.20 21.12
CA VAL D 215 -5.48 14.33 21.15
C VAL D 215 -5.44 13.37 19.98
N GLN D 216 -5.83 12.12 20.22
CA GLN D 216 -5.96 11.16 19.14
C GLN D 216 -7.03 11.60 18.14
N CYS D 217 -8.16 12.09 18.65
CA CYS D 217 -9.28 12.49 17.81
C CYS D 217 -9.86 13.79 18.32
N THR D 218 -10.49 14.53 17.41
CA THR D 218 -11.20 15.73 17.80
C THR D 218 -12.48 15.39 18.55
N HIS D 219 -13.05 16.40 19.20
CA HIS D 219 -14.34 16.21 19.84
C HIS D 219 -15.42 15.99 18.79
N GLY D 220 -16.55 15.46 19.24
CA GLY D 220 -17.66 15.21 18.35
C GLY D 220 -18.16 16.46 17.66
N ILE D 221 -17.92 16.56 16.36
CA ILE D 221 -18.33 17.72 15.57
C ILE D 221 -19.53 17.31 14.73
N LYS D 222 -20.62 18.05 14.87
CA LYS D 222 -21.83 17.79 14.10
C LYS D 222 -21.82 18.64 12.84
N PRO D 223 -21.76 18.05 11.65
CA PRO D 223 -21.73 18.86 10.41
C PRO D 223 -23.07 19.46 10.06
N VAL D 224 -23.44 20.51 10.78
CA VAL D 224 -24.71 21.19 10.58
C VAL D 224 -24.57 22.18 9.43
N VAL D 225 -25.46 22.08 8.45
CA VAL D 225 -25.47 22.97 7.30
C VAL D 225 -26.48 24.07 7.58
N SER D 226 -26.00 25.31 7.68
CA SER D 226 -26.86 26.43 8.00
C SER D 226 -26.18 27.72 7.57
N THR D 227 -26.99 28.77 7.43
CA THR D 227 -26.53 30.08 7.00
C THR D 227 -27.03 31.15 7.97
N GLN D 228 -26.19 32.15 8.21
CA GLN D 228 -26.53 33.33 9.01
C GLN D 228 -26.64 33.01 10.49
N LEU D 229 -26.57 31.73 10.85
CA LEU D 229 -26.72 31.30 12.24
C LEU D 229 -26.10 29.94 12.39
N LEU D 230 -25.20 29.80 13.36
CA LEU D 230 -24.59 28.51 13.66
C LEU D 230 -25.45 27.78 14.68
N LEU D 231 -25.83 26.55 14.36
CA LEU D 231 -26.79 25.79 15.14
C LEU D 231 -26.13 24.57 15.75
N ASN D 232 -26.50 24.26 17.00
CA ASN D 232 -26.11 23.02 17.66
C ASN D 232 -24.59 22.86 17.72
N GLY D 233 -23.87 23.98 17.82
CA GLY D 233 -22.44 23.98 17.87
C GLY D 233 -21.89 24.09 19.28
N SER D 234 -20.59 24.31 19.37
CA SER D 234 -19.92 24.48 20.65
C SER D 234 -20.05 25.93 21.11
N LEU D 235 -20.02 26.11 22.43
CA LEU D 235 -20.17 27.41 23.06
C LEU D 235 -18.87 27.83 23.72
N ALA D 236 -18.67 29.15 23.78
CA ALA D 236 -17.53 29.70 24.51
C ALA D 236 -17.71 29.46 26.01
N GLU D 237 -16.58 29.36 26.71
CA GLU D 237 -16.60 29.00 28.11
C GLU D 237 -16.74 30.20 29.04
N GLU D 238 -16.19 31.35 28.68
CA GLU D 238 -16.19 32.52 29.53
C GLU D 238 -17.05 33.65 28.98
N GLU D 239 -16.80 34.09 27.75
CA GLU D 239 -17.49 35.23 27.17
C GLU D 239 -17.69 35.00 25.68
N VAL D 240 -18.49 35.88 25.08
CA VAL D 240 -18.69 35.84 23.63
C VAL D 240 -17.37 36.12 22.94
N MET D 241 -17.11 35.38 21.87
CA MET D 241 -15.84 35.46 21.15
C MET D 241 -16.08 35.96 19.74
N ILE D 242 -15.27 36.93 19.33
CA ILE D 242 -15.28 37.48 17.98
C ILE D 242 -14.00 37.03 17.29
N ARG D 243 -14.15 36.44 16.10
CA ARG D 243 -13.01 35.90 15.37
C ARG D 243 -13.07 36.37 13.93
N SER D 244 -11.93 36.78 13.40
CA SER D 244 -11.86 37.24 12.02
C SER D 244 -10.42 37.16 11.54
N GLU D 245 -10.23 36.76 10.29
CA GLU D 245 -8.88 36.73 9.73
C GLU D 245 -8.26 38.11 9.78
N ASN D 246 -9.07 39.15 9.59
CA ASN D 246 -8.59 40.52 9.70
C ASN D 246 -9.82 41.39 10.02
N ILE D 247 -9.96 41.76 11.29
CA ILE D 247 -11.15 42.46 11.73
C ILE D 247 -11.29 43.81 11.04
N THR D 248 -10.17 44.45 10.72
CA THR D 248 -10.21 45.76 10.09
C THR D 248 -10.58 45.70 8.62
N ASN D 249 -10.56 44.51 8.01
CA ASN D 249 -10.97 44.36 6.61
C ASN D 249 -12.43 43.96 6.58
N ASN D 250 -13.28 44.85 6.07
CA ASN D 250 -14.71 44.59 6.04
C ASN D 250 -15.06 43.44 5.11
N ALA D 251 -14.15 43.04 4.22
CA ALA D 251 -14.41 41.96 3.29
C ALA D 251 -14.25 40.58 3.93
N LYS D 252 -13.74 40.50 5.15
CA LYS D 252 -13.56 39.24 5.85
C LYS D 252 -14.74 39.01 6.80
N ASN D 253 -15.30 37.82 6.74
CA ASN D 253 -16.44 37.49 7.59
C ASN D 253 -16.01 37.37 9.05
N ILE D 254 -16.94 37.69 9.94
CA ILE D 254 -16.72 37.62 11.38
C ILE D 254 -17.51 36.44 11.92
N ILE D 255 -16.82 35.56 12.65
CA ILE D 255 -17.45 34.43 13.31
C ILE D 255 -17.64 34.79 14.77
N VAL D 256 -18.88 34.74 15.23
CA VAL D 256 -19.25 35.07 16.61
C VAL D 256 -19.63 33.78 17.30
N GLN D 257 -19.01 33.52 18.45
CA GLN D 257 -19.29 32.34 19.25
C GLN D 257 -19.93 32.79 20.56
N PHE D 258 -21.11 32.24 20.86
CA PHE D 258 -21.81 32.59 22.07
C PHE D 258 -21.28 31.79 23.26
N ASN D 259 -21.48 32.35 24.45
CA ASN D 259 -21.24 31.63 25.69
C ASN D 259 -22.50 30.99 26.25
N THR D 260 -23.67 31.46 25.84
CA THR D 260 -24.94 30.85 26.17
C THR D 260 -25.76 30.66 24.90
N PRO D 261 -26.43 29.53 24.74
CA PRO D 261 -27.21 29.29 23.53
C PRO D 261 -28.52 30.07 23.53
N VAL D 262 -29.08 30.23 22.33
CA VAL D 262 -30.39 30.85 22.16
C VAL D 262 -31.31 29.83 21.52
N GLN D 263 -32.40 29.50 22.21
CA GLN D 263 -33.34 28.51 21.68
C GLN D 263 -34.11 29.08 20.51
N ILE D 264 -34.25 28.27 19.46
CA ILE D 264 -35.04 28.62 18.28
C ILE D 264 -35.96 27.45 17.95
N ASN D 265 -37.25 27.73 17.86
CA ASN D 265 -38.26 26.72 17.55
C ASN D 265 -38.81 26.97 16.16
N CYS D 266 -38.56 26.03 15.25
CA CYS D 266 -39.03 26.16 13.87
C CYS D 266 -40.08 25.10 13.59
N THR D 267 -41.11 25.45 12.83
CA THR D 267 -42.21 24.55 12.60
C THR D 267 -42.83 24.76 11.23
N ARG D 268 -43.23 23.66 10.61
CA ARG D 268 -44.17 23.61 9.50
C ARG D 268 -45.48 23.05 10.04
N PRO D 269 -46.52 23.86 10.23
CA PRO D 269 -47.75 23.32 10.82
C PRO D 269 -48.65 22.60 9.84
N ASN D 270 -48.43 22.76 8.54
CA ASN D 270 -49.30 22.13 7.55
C ASN D 270 -49.14 20.62 7.61
N ASN D 271 -50.26 19.91 7.66
CA ASN D 271 -50.27 18.45 7.69
C ASN D 271 -50.22 17.97 6.25
N MET D 272 -49.07 17.44 5.85
CA MET D 272 -48.81 17.07 4.46
C MET D 272 -48.89 15.57 4.27
N THR D 273 -49.35 15.17 3.08
CA THR D 273 -49.48 13.77 2.71
C THR D 273 -48.50 13.47 1.58
N ARG D 274 -47.79 12.35 1.71
CA ARG D 274 -46.82 11.91 0.72
C ARG D 274 -47.49 10.89 -0.20
N LYS D 275 -47.37 11.11 -1.51
CA LYS D 275 -47.96 10.24 -2.51
C LYS D 275 -46.87 9.67 -3.40
N SER D 276 -46.92 8.36 -3.64
CA SER D 276 -45.94 7.68 -4.46
C SER D 276 -46.48 7.54 -5.88
N ILE D 277 -45.67 7.94 -6.86
CA ILE D 277 -46.03 7.85 -8.27
C ILE D 277 -44.96 7.00 -8.95
N ARG D 278 -45.38 5.91 -9.58
CA ARG D 278 -44.45 5.00 -10.23
C ARG D 278 -44.12 5.53 -11.61
N ILE D 279 -42.88 6.00 -11.78
CA ILE D 279 -42.45 6.61 -13.03
C ILE D 279 -41.63 5.67 -13.89
N GLY D 280 -41.33 4.48 -13.40
CA GLY D 280 -40.56 3.52 -14.14
C GLY D 280 -40.41 2.23 -13.35
N PRO D 281 -39.75 1.24 -13.92
CA PRO D 281 -39.55 -0.02 -13.19
C PRO D 281 -38.70 0.19 -11.94
N GLY D 282 -39.34 0.06 -10.77
CA GLY D 282 -38.64 0.28 -9.53
C GLY D 282 -38.33 1.73 -9.22
N GLN D 283 -38.86 2.67 -10.01
CA GLN D 283 -38.61 4.09 -9.82
C GLN D 283 -39.88 4.76 -9.32
N ALA D 284 -39.80 5.32 -8.11
CA ALA D 284 -40.92 5.98 -7.48
C ALA D 284 -40.58 7.44 -7.18
N PHE D 285 -41.52 8.33 -7.45
CA PHE D 285 -41.39 9.75 -7.18
C PHE D 285 -42.36 10.10 -6.07
N TYR D 286 -41.84 10.72 -5.01
CA TYR D 286 -42.63 11.04 -3.83
C TYR D 286 -43.04 12.50 -3.91
N ALA D 287 -44.32 12.75 -4.12
CA ALA D 287 -44.89 14.07 -4.30
C ALA D 287 -45.76 14.43 -3.11
N LEU D 288 -46.16 15.70 -3.07
CA LEU D 288 -47.08 16.21 -2.05
C LEU D 288 -48.50 15.94 -2.57
N GLY D 289 -49.22 15.06 -1.88
CA GLY D 289 -50.55 14.69 -2.31
C GLY D 289 -51.60 15.72 -1.96
N ASP D 290 -51.77 15.99 -0.67
CA ASP D 290 -52.81 16.91 -0.21
C ASP D 290 -52.39 17.50 1.12
N ILE D 291 -53.06 18.59 1.49
CA ILE D 291 -52.87 19.25 2.76
C ILE D 291 -54.13 19.05 3.59
N ILE D 292 -53.96 18.47 4.77
CA ILE D 292 -55.09 18.19 5.66
C ILE D 292 -55.25 19.39 6.59
N GLY D 293 -56.35 20.11 6.42
CA GLY D 293 -56.63 21.29 7.23
C GLY D 293 -56.28 22.57 6.51
N ASP D 294 -56.15 23.63 7.32
CA ASP D 294 -55.78 24.93 6.79
C ASP D 294 -54.29 24.98 6.49
N ILE D 295 -53.90 25.96 5.67
CA ILE D 295 -52.52 26.15 5.25
C ILE D 295 -52.00 27.40 5.93
N ARG D 296 -50.91 27.23 6.68
CA ARG D 296 -50.32 28.32 7.46
C ARG D 296 -48.83 28.42 7.13
N GLN D 297 -48.30 29.61 7.34
CA GLN D 297 -46.90 29.87 7.01
C GLN D 297 -45.99 29.16 8.01
N PRO D 298 -45.04 28.35 7.55
CA PRO D 298 -44.03 27.83 8.48
C PRO D 298 -43.20 28.97 9.04
N HIS D 299 -42.78 28.82 10.30
CA HIS D 299 -42.17 29.94 10.98
C HIS D 299 -41.22 29.46 12.07
N CYS D 300 -40.30 30.34 12.45
CA CYS D 300 -39.41 30.10 13.57
C CYS D 300 -39.67 31.16 14.63
N THR D 301 -39.34 30.81 15.87
CA THR D 301 -39.56 31.70 17.01
C THR D 301 -38.35 31.68 17.93
N VAL D 302 -37.97 32.86 18.41
CA VAL D 302 -36.92 32.99 19.42
C VAL D 302 -37.36 34.02 20.45
N SER D 303 -36.89 33.84 21.67
CA SER D 303 -37.24 34.79 22.74
C SER D 303 -36.60 36.14 22.47
N LYS D 304 -37.39 37.20 22.65
CA LYS D 304 -36.88 38.55 22.38
C LYS D 304 -35.84 38.96 23.41
N ALA D 305 -36.09 38.68 24.69
CA ALA D 305 -35.17 39.10 25.73
C ALA D 305 -33.82 38.40 25.61
N THR D 306 -33.83 37.09 25.36
CA THR D 306 -32.58 36.35 25.22
C THR D 306 -31.78 36.85 24.04
N TRP D 307 -32.44 37.08 22.90
CA TRP D 307 -31.74 37.59 21.73
C TRP D 307 -31.19 38.99 21.99
N ASN D 308 -31.94 39.83 22.69
CA ASN D 308 -31.46 41.17 23.01
C ASN D 308 -30.22 41.10 23.90
N GLU D 309 -30.24 40.24 24.91
CA GLU D 309 -29.07 40.10 25.78
C GLU D 309 -27.87 39.60 25.00
N THR D 310 -28.07 38.60 24.14
CA THR D 310 -26.97 38.08 23.35
C THR D 310 -26.39 39.14 22.42
N LEU D 311 -27.26 39.94 21.80
CA LEU D 311 -26.79 41.02 20.94
C LEU D 311 -26.04 42.07 21.73
N GLY D 312 -26.50 42.35 22.95
CA GLY D 312 -25.77 43.29 23.79
C GLY D 312 -24.36 42.79 24.11
N LYS D 313 -24.24 41.50 24.44
CA LYS D 313 -22.92 40.94 24.69
C LYS D 313 -22.05 41.00 23.45
N VAL D 314 -22.62 40.69 22.28
CA VAL D 314 -21.87 40.74 21.03
C VAL D 314 -21.39 42.17 20.77
N VAL D 315 -22.24 43.15 21.00
CA VAL D 315 -21.87 44.54 20.80
C VAL D 315 -20.75 44.93 21.76
N LYS D 316 -20.85 44.49 23.01
CA LYS D 316 -19.80 44.78 23.98
C LYS D 316 -18.46 44.23 23.51
N GLN D 317 -18.46 43.00 22.99
CA GLN D 317 -17.22 42.42 22.50
C GLN D 317 -16.72 43.12 21.24
N LEU D 318 -17.64 43.62 20.40
CA LEU D 318 -17.24 44.30 19.18
C LEU D 318 -16.64 45.67 19.47
N ARG D 319 -17.13 46.35 20.52
CA ARG D 319 -16.61 47.68 20.83
C ARG D 319 -15.14 47.64 21.21
N LYS D 320 -14.62 46.48 21.64
CA LYS D 320 -13.19 46.35 21.87
C LYS D 320 -12.37 46.56 20.61
N HIS D 321 -12.98 46.33 19.44
CA HIS D 321 -12.30 46.51 18.17
C HIS D 321 -12.79 47.73 17.39
N PHE D 322 -14.00 48.22 17.65
CA PHE D 322 -14.58 49.29 16.87
C PHE D 322 -14.92 50.53 17.69
N GLY D 323 -14.45 50.61 18.93
CA GLY D 323 -14.58 51.83 19.70
C GLY D 323 -15.66 51.72 20.77
N ASN D 324 -15.42 52.41 21.89
CA ASN D 324 -16.38 52.43 22.99
C ASN D 324 -17.55 53.35 22.73
N ASN D 325 -17.41 54.32 21.82
CA ASN D 325 -18.45 55.29 21.55
C ASN D 325 -19.07 55.14 20.17
N THR D 326 -18.53 54.27 19.32
CA THR D 326 -19.08 54.10 17.98
C THR D 326 -20.47 53.50 18.05
N ILE D 327 -21.35 53.94 17.15
CA ILE D 327 -22.71 53.45 17.10
C ILE D 327 -22.73 52.17 16.27
N ILE D 328 -23.39 51.13 16.79
CA ILE D 328 -23.42 49.82 16.16
C ILE D 328 -24.82 49.58 15.60
N PHE D 329 -24.89 49.18 14.33
CA PHE D 329 -26.16 48.90 13.67
C PHE D 329 -26.21 47.43 13.28
N PHE D 330 -27.31 46.77 13.60
CA PHE D 330 -27.60 45.42 13.15
C PHE D 330 -28.73 45.51 12.12
N ALA D 331 -28.38 45.29 10.86
CA ALA D 331 -29.32 45.34 9.75
C ALA D 331 -29.38 43.99 9.06
N ASN D 332 -30.45 43.79 8.30
CA ASN D 332 -30.66 42.52 7.62
C ASN D 332 -29.71 42.38 6.44
N SER D 333 -29.81 41.24 5.76
CA SER D 333 -28.89 40.94 4.67
C SER D 333 -29.08 41.92 3.52
N SER D 334 -27.98 42.15 2.78
CA SER D 334 -28.01 43.11 1.69
C SER D 334 -28.67 42.54 0.45
N GLY D 335 -28.14 41.45 -0.08
CA GLY D 335 -28.69 40.87 -1.29
C GLY D 335 -28.01 39.55 -1.60
N GLY D 336 -28.47 38.94 -2.71
CA GLY D 336 -28.00 37.66 -3.17
C GLY D 336 -29.17 36.74 -3.44
N ASP D 337 -28.90 35.44 -3.38
CA ASP D 337 -29.94 34.44 -3.59
C ASP D 337 -30.56 34.06 -2.25
N LEU D 338 -31.48 33.09 -2.28
CA LEU D 338 -32.24 32.75 -1.09
C LEU D 338 -31.33 32.17 0.00
N GLU D 339 -30.33 31.38 -0.39
CA GLU D 339 -29.49 30.72 0.60
C GLU D 339 -28.74 31.73 1.47
N VAL D 340 -28.24 32.81 0.87
CA VAL D 340 -27.41 33.76 1.60
C VAL D 340 -28.26 34.82 2.30
N THR D 341 -29.36 35.26 1.67
CA THR D 341 -30.19 36.30 2.24
C THR D 341 -31.11 35.79 3.35
N THR D 342 -31.18 34.48 3.55
CA THR D 342 -32.04 33.89 4.56
C THR D 342 -31.25 32.91 5.42
N HIS D 343 -31.76 32.67 6.62
CA HIS D 343 -31.25 31.61 7.47
C HIS D 343 -31.77 30.29 6.91
N SER D 344 -30.91 29.55 6.24
CA SER D 344 -31.29 28.30 5.60
C SER D 344 -30.85 27.13 6.48
N PHE D 345 -31.68 26.10 6.55
CA PHE D 345 -31.34 24.94 7.36
C PHE D 345 -32.29 23.79 6.99
N ASN D 346 -32.10 22.66 7.66
CA ASN D 346 -32.90 21.46 7.45
C ASN D 346 -33.60 21.11 8.76
N CYS D 347 -34.92 21.04 8.72
CA CYS D 347 -35.75 20.70 9.87
C CYS D 347 -36.53 19.44 9.53
N GLY D 348 -36.21 18.34 10.21
CA GLY D 348 -36.94 17.11 10.01
C GLY D 348 -36.95 16.62 8.58
N GLY D 349 -35.95 17.00 7.80
CA GLY D 349 -35.86 16.60 6.41
C GLY D 349 -36.35 17.63 5.41
N GLU D 350 -37.05 18.66 5.86
CA GLU D 350 -37.53 19.72 4.99
C GLU D 350 -36.58 20.91 5.04
N PHE D 351 -36.41 21.56 3.89
CA PHE D 351 -35.41 22.61 3.74
C PHE D 351 -36.08 23.97 3.90
N PHE D 352 -35.74 24.62 5.02
CA PHE D 352 -36.31 25.90 5.42
C PHE D 352 -35.37 27.05 5.05
N TYR D 353 -35.95 28.17 4.66
CA TYR D 353 -35.25 29.43 4.43
C TYR D 353 -36.04 30.51 5.14
N CYS D 354 -35.48 31.06 6.21
CA CYS D 354 -36.20 31.95 7.11
C CYS D 354 -35.69 33.37 7.00
N ASN D 355 -36.62 34.32 7.16
CA ASN D 355 -36.33 35.74 7.04
C ASN D 355 -35.82 36.24 8.40
N THR D 356 -34.57 36.66 8.44
CA THR D 356 -33.92 37.07 9.68
C THR D 356 -33.95 38.58 9.90
N SER D 357 -34.75 39.31 9.12
CA SER D 357 -34.80 40.77 9.27
C SER D 357 -35.20 41.17 10.68
N GLY D 358 -36.03 40.36 11.34
CA GLY D 358 -36.44 40.67 12.70
C GLY D 358 -35.39 40.42 13.75
N LEU D 359 -34.30 39.74 13.39
CA LEU D 359 -33.23 39.46 14.33
C LEU D 359 -32.15 40.54 14.33
N PHE D 360 -31.83 41.09 13.16
CA PHE D 360 -30.81 42.12 13.03
C PHE D 360 -31.52 43.40 12.57
N ASN D 361 -32.12 44.09 13.53
CA ASN D 361 -32.88 45.30 13.27
C ASN D 361 -32.68 46.31 14.41
N SER D 362 -31.45 46.46 14.87
CA SER D 362 -31.20 47.12 16.15
C SER D 362 -30.13 48.20 16.03
N THR D 363 -30.18 49.13 16.98
CA THR D 363 -29.19 50.20 17.08
C THR D 363 -28.66 50.25 18.51
N TRP D 364 -27.35 50.46 18.64
CA TRP D 364 -26.69 50.51 19.95
C TRP D 364 -25.79 51.74 19.98
N ILE D 365 -25.85 52.47 21.10
CA ILE D 365 -25.29 53.81 21.20
C ILE D 365 -24.26 53.95 22.31
N SER D 366 -24.02 52.90 23.09
CA SER D 366 -23.07 52.96 24.20
C SER D 366 -23.55 53.90 25.30
N ASN D 367 -24.78 53.68 25.76
CA ASN D 367 -25.33 54.44 26.87
C ASN D 367 -26.20 53.55 27.76
N SER D 378 -43.05 39.07 29.19
CA SER D 378 -41.84 39.44 28.49
C SER D 378 -41.50 38.46 27.38
N ASN D 379 -42.45 37.58 27.06
CA ASN D 379 -42.27 36.56 26.03
C ASN D 379 -42.83 37.07 24.71
N ASP D 380 -42.17 38.10 24.17
CA ASP D 380 -42.61 38.68 22.91
C ASP D 380 -42.32 37.76 21.73
N SER D 381 -41.35 36.86 21.87
CA SER D 381 -41.18 35.74 20.95
C SER D 381 -41.10 36.20 19.49
N ILE D 382 -40.01 36.90 19.18
CA ILE D 382 -39.70 37.28 17.80
C ILE D 382 -40.03 36.10 16.89
N THR D 383 -40.82 36.37 15.86
CA THR D 383 -41.26 35.36 14.91
C THR D 383 -40.69 35.68 13.53
N LEU D 384 -40.03 34.69 12.94
CA LEU D 384 -39.42 34.82 11.63
C LEU D 384 -40.22 33.98 10.63
N PRO D 385 -40.83 34.59 9.62
CA PRO D 385 -41.50 33.79 8.59
C PRO D 385 -40.48 32.98 7.79
N CYS D 386 -40.89 31.81 7.35
CA CYS D 386 -40.02 30.90 6.63
C CYS D 386 -40.72 30.35 5.40
N ARG D 387 -39.92 30.03 4.39
CA ARG D 387 -40.38 29.35 3.19
C ARG D 387 -39.69 28.00 3.11
N ILE D 388 -40.27 27.09 2.34
CA ILE D 388 -39.77 25.72 2.22
C ILE D 388 -39.49 25.44 0.76
N LYS D 389 -38.39 24.72 0.50
CA LYS D 389 -38.05 24.33 -0.86
C LYS D 389 -37.81 22.84 -0.92
N GLN D 390 -38.11 22.26 -2.09
CA GLN D 390 -37.87 20.85 -2.36
C GLN D 390 -36.72 20.60 -3.32
N ILE D 391 -36.42 21.55 -4.20
CA ILE D 391 -35.30 21.46 -5.13
C ILE D 391 -34.16 22.24 -4.51
N ILE D 392 -33.07 21.56 -4.17
CA ILE D 392 -32.01 22.11 -3.35
C ILE D 392 -30.71 22.09 -4.13
N ASN D 393 -30.02 23.23 -4.13
CA ASN D 393 -28.67 23.35 -4.68
C ASN D 393 -27.72 23.57 -3.51
N MET D 394 -26.92 22.56 -3.19
CA MET D 394 -26.04 22.60 -2.03
C MET D 394 -24.63 22.97 -2.44
N TRP D 395 -23.86 23.43 -1.44
CA TRP D 395 -22.45 23.74 -1.60
C TRP D 395 -22.21 24.86 -2.61
N GLN D 396 -23.22 25.67 -2.88
CA GLN D 396 -23.12 26.76 -3.85
C GLN D 396 -22.79 26.25 -5.25
N ARG D 397 -23.05 24.98 -5.51
CA ARG D 397 -22.76 24.38 -6.81
C ARG D 397 -23.91 24.64 -7.78
N VAL D 398 -23.66 24.30 -9.04
CA VAL D 398 -24.65 24.41 -10.11
C VAL D 398 -24.58 23.14 -10.95
N GLY D 399 -25.76 22.64 -11.33
CA GLY D 399 -25.85 21.46 -12.15
C GLY D 399 -25.94 20.15 -11.39
N GLN D 400 -26.10 20.19 -10.07
CA GLN D 400 -26.22 19.00 -9.24
C GLN D 400 -27.39 19.17 -8.27
N CYS D 401 -28.53 19.61 -8.79
CA CYS D 401 -29.68 19.89 -7.95
C CYS D 401 -30.19 18.60 -7.31
N MET D 402 -30.81 18.76 -6.14
CA MET D 402 -31.30 17.65 -5.34
C MET D 402 -32.75 17.91 -4.99
N TYR D 403 -33.58 16.88 -5.06
CA TYR D 403 -35.00 16.96 -4.75
C TYR D 403 -35.26 16.32 -3.40
N ALA D 404 -35.91 17.07 -2.51
CA ALA D 404 -36.20 16.59 -1.17
C ALA D 404 -37.64 16.12 -1.10
N PRO D 405 -37.91 14.82 -0.91
CA PRO D 405 -39.29 14.37 -0.84
C PRO D 405 -39.99 14.95 0.37
N PRO D 406 -41.30 15.16 0.30
CA PRO D 406 -42.02 15.75 1.44
C PRO D 406 -42.03 14.81 2.64
N ILE D 407 -42.14 15.42 3.81
CA ILE D 407 -42.22 14.70 5.08
C ILE D 407 -43.68 14.72 5.53
N GLN D 408 -44.21 13.55 5.86
CA GLN D 408 -45.62 13.42 6.20
C GLN D 408 -45.85 13.90 7.63
N GLY D 409 -46.89 14.72 7.80
CA GLY D 409 -47.28 15.18 9.12
C GLY D 409 -46.96 16.63 9.38
N VAL D 410 -46.83 16.98 10.65
CA VAL D 410 -46.49 18.34 11.08
C VAL D 410 -45.07 18.31 11.62
N ILE D 411 -44.28 19.32 11.25
CA ILE D 411 -42.85 19.33 11.53
C ILE D 411 -42.57 20.35 12.62
N ARG D 412 -41.83 19.94 13.64
CA ARG D 412 -41.35 20.84 14.67
C ARG D 412 -39.92 20.45 15.05
N CYS D 413 -39.04 21.44 15.12
CA CYS D 413 -37.67 21.23 15.55
C CYS D 413 -37.27 22.35 16.51
N VAL D 414 -36.40 22.02 17.45
CA VAL D 414 -35.86 22.96 18.41
C VAL D 414 -34.34 22.89 18.35
N SER D 415 -33.70 24.03 18.16
CA SER D 415 -32.26 24.09 17.98
C SER D 415 -31.69 25.20 18.85
N ASN D 416 -30.37 25.18 18.98
CA ASN D 416 -29.62 26.20 19.72
C ASN D 416 -28.79 27.01 18.75
N ILE D 417 -29.04 28.32 18.71
CA ILE D 417 -28.11 29.24 18.09
C ILE D 417 -26.93 29.40 19.02
N THR D 418 -25.75 28.99 18.57
CA THR D 418 -24.52 29.09 19.32
C THR D 418 -23.55 30.10 18.73
N GLY D 419 -23.87 30.67 17.57
CA GLY D 419 -22.95 31.61 16.95
C GLY D 419 -23.59 32.25 15.74
N LEU D 420 -22.83 33.17 15.15
CA LEU D 420 -23.27 33.95 14.00
C LEU D 420 -22.13 34.09 13.01
N ILE D 421 -22.50 34.37 11.76
CA ILE D 421 -21.58 34.80 10.72
C ILE D 421 -22.03 36.18 10.26
N LEU D 422 -21.14 37.16 10.36
CA LEU D 422 -21.48 38.55 10.12
C LEU D 422 -20.53 39.14 9.08
N THR D 423 -20.98 40.22 8.46
CA THR D 423 -20.19 41.00 7.52
C THR D 423 -20.38 42.47 7.85
N ARG D 424 -19.28 43.22 7.77
CA ARG D 424 -19.28 44.64 8.06
C ARG D 424 -19.30 45.43 6.76
N ASP D 425 -20.10 46.49 6.73
CA ASP D 425 -20.12 47.36 5.57
C ASP D 425 -18.85 48.20 5.51
N GLY D 426 -18.58 48.75 4.34
CA GLY D 426 -17.37 49.52 4.12
C GLY D 426 -17.18 50.62 5.14
N GLY D 427 -18.24 51.39 5.40
CA GLY D 427 -18.24 52.42 6.41
C GLY D 427 -17.82 53.79 5.90
N SER D 428 -17.23 53.87 4.71
CA SER D 428 -16.78 55.12 4.10
C SER D 428 -15.65 55.78 4.88
N THR D 429 -15.05 55.07 5.83
CA THR D 429 -13.95 55.58 6.65
C THR D 429 -14.37 56.73 7.56
N ASN D 430 -15.67 57.01 7.68
CA ASN D 430 -16.11 58.05 8.58
C ASN D 430 -15.83 57.70 10.03
N SER D 431 -15.92 56.42 10.38
CA SER D 431 -15.62 55.87 11.70
C SER D 431 -16.67 56.22 12.74
N THR D 432 -17.71 56.98 12.38
CA THR D 432 -18.73 57.34 13.36
C THR D 432 -19.63 56.16 13.69
N THR D 433 -19.95 55.34 12.70
CA THR D 433 -20.89 54.24 12.88
C THR D 433 -20.39 52.99 12.17
N GLU D 434 -20.80 51.84 12.67
CA GLU D 434 -20.53 50.54 12.05
C GLU D 434 -21.82 49.74 12.00
N THR D 435 -22.07 49.11 10.85
CA THR D 435 -23.27 48.31 10.65
C THR D 435 -22.84 46.89 10.27
N PHE D 436 -23.48 45.91 10.90
CA PHE D 436 -23.18 44.51 10.67
C PHE D 436 -24.42 43.81 10.12
N ARG D 437 -24.21 42.93 9.14
CA ARG D 437 -25.30 42.20 8.51
C ARG D 437 -25.01 40.72 8.54
N PRO D 438 -26.04 39.88 8.64
CA PRO D 438 -25.82 38.44 8.58
C PRO D 438 -25.23 38.03 7.24
N GLY D 439 -24.32 37.05 7.30
CA GLY D 439 -23.68 36.55 6.10
C GLY D 439 -23.60 35.04 6.06
N GLY D 440 -22.75 34.50 5.20
CA GLY D 440 -22.58 33.07 5.12
C GLY D 440 -22.39 32.56 3.71
N GLY D 441 -23.04 31.44 3.39
CA GLY D 441 -22.89 30.82 2.09
C GLY D 441 -21.81 29.76 2.07
N ASP D 442 -20.57 30.17 2.30
CA ASP D 442 -19.43 29.25 2.33
C ASP D 442 -19.46 28.48 3.65
N MET D 443 -19.69 27.16 3.56
CA MET D 443 -19.77 26.34 4.76
C MET D 443 -18.43 26.20 5.46
N ARG D 444 -17.32 26.58 4.82
CA ARG D 444 -16.02 26.47 5.47
C ARG D 444 -15.97 27.26 6.75
N ASP D 445 -16.69 28.38 6.82
CA ASP D 445 -16.77 29.14 8.07
C ASP D 445 -17.47 28.34 9.16
N ASN D 446 -18.50 27.58 8.79
CA ASN D 446 -19.18 26.74 9.77
C ASN D 446 -18.23 25.72 10.37
N TRP D 447 -17.38 25.10 9.54
CA TRP D 447 -16.40 24.16 10.05
C TRP D 447 -15.34 24.86 10.89
N ARG D 448 -14.90 26.05 10.44
CA ARG D 448 -13.93 26.81 11.22
C ARG D 448 -14.47 27.14 12.60
N SER D 449 -15.78 27.33 12.72
CA SER D 449 -16.38 27.62 14.02
C SER D 449 -16.14 26.50 15.02
N GLU D 450 -15.82 25.30 14.56
CA GLU D 450 -15.60 24.16 15.43
C GLU D 450 -14.16 23.67 15.44
N LEU D 451 -13.42 23.87 14.35
CA LEU D 451 -12.04 23.39 14.24
C LEU D 451 -11.02 24.46 14.54
N TYR D 452 -11.45 25.62 15.04
CA TYR D 452 -10.52 26.72 15.29
C TYR D 452 -9.44 26.33 16.29
N LYS D 453 -9.73 25.39 17.18
CA LYS D 453 -8.85 25.04 18.29
C LYS D 453 -7.94 23.86 17.97
N TYR D 454 -7.98 23.34 16.75
CA TYR D 454 -7.23 22.15 16.38
C TYR D 454 -6.22 22.48 15.28
N LYS D 455 -5.08 21.80 15.33
CA LYS D 455 -4.11 21.87 14.25
C LYS D 455 -3.43 20.51 14.11
N VAL D 456 -2.86 20.28 12.93
CA VAL D 456 -2.20 19.02 12.59
C VAL D 456 -0.70 19.29 12.46
N VAL D 457 0.10 18.41 13.06
CA VAL D 457 1.55 18.51 13.00
C VAL D 457 2.14 17.18 12.60
N LYS D 458 3.32 17.23 11.98
CA LYS D 458 4.07 16.07 11.55
C LYS D 458 5.26 15.88 12.48
N ILE D 459 5.45 14.67 12.97
CA ILE D 459 6.50 14.38 13.93
C ILE D 459 7.82 14.22 13.21
N GLU D 460 8.88 14.80 13.79
CA GLU D 460 10.24 14.62 13.32
C GLU D 460 11.01 13.86 14.39
N PRO D 461 11.14 12.54 14.28
CA PRO D 461 11.63 11.75 15.42
C PRO D 461 13.14 11.66 15.55
N LEU D 462 13.90 12.19 14.60
CA LEU D 462 15.36 12.09 14.63
C LEU D 462 15.95 13.36 15.21
N GLY D 463 16.86 13.20 16.16
CA GLY D 463 17.59 14.31 16.73
C GLY D 463 19.06 13.98 16.88
N VAL D 464 19.87 15.02 16.83
CA VAL D 464 21.32 14.91 16.96
C VAL D 464 21.77 15.93 18.00
N ALA D 465 22.53 15.48 18.99
CA ALA D 465 22.94 16.34 20.08
C ALA D 465 24.35 15.96 20.51
N PRO D 466 25.07 16.87 21.17
CA PRO D 466 26.42 16.54 21.62
C PRO D 466 26.41 15.81 22.96
N THR D 467 27.30 14.82 23.07
CA THR D 467 27.52 14.13 24.33
C THR D 467 29.00 13.78 24.43
N ARG D 468 29.36 13.15 25.53
CA ARG D 468 30.71 12.61 25.70
C ARG D 468 30.81 11.16 25.27
N CYS D 469 29.74 10.60 24.73
CA CYS D 469 29.73 9.21 24.26
C CYS D 469 30.38 9.13 22.88
N LYS D 470 31.30 8.19 22.72
CA LYS D 470 32.04 7.99 21.49
C LYS D 470 31.92 6.54 21.05
N ARG D 471 31.67 6.33 19.75
CA ARG D 471 31.47 4.98 19.26
C ARG D 471 32.78 4.20 19.31
N ARG D 472 32.65 2.89 19.50
CA ARG D 472 33.81 2.01 19.51
C ARG D 472 34.39 1.88 18.11
N VAL D 473 35.67 1.54 18.05
CA VAL D 473 36.36 1.40 16.78
C VAL D 473 36.64 -0.09 16.51
N ALA E 1 48.98 16.91 -13.60
CA ALA E 1 47.72 17.64 -13.63
C ALA E 1 46.56 16.71 -13.32
N VAL E 2 45.64 17.18 -12.48
CA VAL E 2 44.50 16.40 -12.02
C VAL E 2 43.22 17.15 -12.35
N GLY E 3 42.40 16.57 -13.22
CA GLY E 3 41.07 17.08 -13.47
C GLY E 3 40.08 16.41 -12.53
N ILE E 4 39.13 17.21 -12.04
CA ILE E 4 38.19 16.77 -11.01
C ILE E 4 36.78 16.95 -11.52
N GLY E 5 35.96 15.94 -11.35
CA GLY E 5 34.55 16.04 -11.68
C GLY E 5 33.82 17.01 -10.78
N GLU E 6 32.72 17.56 -11.30
CA GLU E 6 31.98 18.57 -10.57
C GLU E 6 31.42 18.01 -9.27
N VAL E 7 30.84 16.80 -9.34
CA VAL E 7 30.11 16.22 -8.22
C VAL E 7 30.40 14.72 -8.19
N PHE E 8 30.11 14.10 -7.05
CA PHE E 8 30.23 12.66 -6.93
C PHE E 8 29.44 11.97 -8.03
N LEU E 9 29.73 10.69 -8.28
CA LEU E 9 29.26 10.05 -9.50
C LEU E 9 27.74 10.08 -9.61
N GLY E 10 27.04 9.62 -8.58
CA GLY E 10 25.60 9.58 -8.61
C GLY E 10 25.06 8.18 -8.89
N PHE E 11 23.75 8.13 -9.13
CA PHE E 11 23.06 6.87 -9.31
C PHE E 11 23.60 6.13 -10.53
N LEU E 12 24.10 4.91 -10.31
CA LEU E 12 24.62 4.03 -11.35
C LEU E 12 25.87 4.60 -12.03
N GLY E 13 26.44 5.69 -11.50
CA GLY E 13 27.62 6.26 -12.11
C GLY E 13 28.83 5.35 -12.08
N ALA E 14 28.84 4.36 -11.19
CA ALA E 14 29.95 3.42 -11.08
C ALA E 14 29.65 2.08 -11.74
N ALA E 15 28.59 2.00 -12.55
CA ALA E 15 28.26 0.74 -13.21
C ALA E 15 29.41 0.25 -14.07
N GLY E 16 30.14 1.16 -14.71
CA GLY E 16 31.29 0.82 -15.50
C GLY E 16 32.61 0.89 -14.76
N SER E 17 32.59 1.22 -13.48
CA SER E 17 33.81 1.31 -12.70
C SER E 17 34.18 -0.07 -12.14
N THR E 18 35.43 -0.17 -11.68
CA THR E 18 35.89 -1.41 -11.08
C THR E 18 35.13 -1.70 -9.79
N MET E 19 35.04 -2.98 -9.46
CA MET E 19 34.29 -3.39 -8.28
C MET E 19 34.83 -2.73 -7.02
N GLY E 20 36.15 -2.56 -6.94
CA GLY E 20 36.72 -1.91 -5.78
C GLY E 20 36.31 -0.46 -5.66
N ALA E 21 36.28 0.26 -6.77
CA ALA E 21 35.92 1.68 -6.75
C ALA E 21 34.42 1.88 -6.54
N ALA E 22 33.60 0.95 -7.06
CA ALA E 22 32.16 1.09 -6.92
C ALA E 22 31.68 0.99 -5.48
N SER E 23 32.51 0.47 -4.58
CA SER E 23 32.13 0.33 -3.18
C SER E 23 31.92 1.68 -2.51
N ASN E 24 32.41 2.76 -3.11
CA ASN E 24 32.30 4.08 -2.50
C ASN E 24 30.97 4.76 -2.75
N THR E 25 30.10 4.16 -3.57
CA THR E 25 28.81 4.77 -3.92
C THR E 25 27.70 3.74 -3.88
N LEU E 26 27.72 2.87 -2.87
CA LEU E 26 26.63 1.92 -2.68
C LEU E 26 25.39 2.59 -2.08
N THR E 27 25.60 3.66 -1.30
CA THR E 27 24.50 4.29 -0.58
C THR E 27 23.48 4.87 -1.53
N VAL E 28 23.92 5.43 -2.66
CA VAL E 28 22.98 6.05 -3.59
C VAL E 28 22.03 5.01 -4.16
N GLN E 29 22.55 3.84 -4.56
CA GLN E 29 21.68 2.78 -5.05
C GLN E 29 20.76 2.28 -3.97
N ALA E 30 21.27 2.13 -2.74
CA ALA E 30 20.43 1.68 -1.64
C ALA E 30 19.27 2.64 -1.41
N ARG E 31 19.55 3.94 -1.42
CA ARG E 31 18.49 4.93 -1.25
C ARG E 31 17.48 4.86 -2.39
N GLN E 32 17.97 4.76 -3.63
CA GLN E 32 17.08 4.70 -4.78
C GLN E 32 16.16 3.49 -4.73
N LEU E 33 16.64 2.39 -4.15
CA LEU E 33 15.80 1.19 -4.07
C LEU E 33 14.52 1.44 -3.29
N LEU E 34 14.51 2.44 -2.42
CA LEU E 34 13.38 2.74 -1.56
C LEU E 34 12.62 3.99 -1.97
N SER E 35 13.34 5.10 -2.18
CA SER E 35 12.71 6.39 -2.41
C SER E 35 12.78 6.88 -3.84
N GLY E 36 13.51 6.19 -4.72
CA GLY E 36 13.72 6.68 -6.05
C GLY E 36 14.81 7.73 -6.10
N ILE E 37 14.98 8.32 -7.28
CA ILE E 37 16.00 9.35 -7.46
C ILE E 37 15.57 10.61 -6.73
N VAL E 38 16.48 11.17 -5.93
CA VAL E 38 16.20 12.37 -5.16
C VAL E 38 15.97 13.54 -6.09
N HIS E 53 1.04 15.58 -5.99
CA HIS E 53 1.15 15.05 -4.64
C HIS E 53 0.30 13.79 -4.46
N LEU E 54 -0.99 13.98 -4.26
CA LEU E 54 -1.91 12.88 -3.99
C LEU E 54 -2.47 12.31 -5.29
N LEU E 55 -2.48 11.00 -5.39
CA LEU E 55 -3.12 10.34 -6.52
C LEU E 55 -4.63 10.42 -6.39
N LYS E 56 -5.31 10.36 -7.53
CA LYS E 56 -6.76 10.31 -7.57
C LYS E 56 -7.24 8.90 -7.85
N LEU E 57 -8.42 8.57 -7.34
CA LEU E 57 -9.00 7.26 -7.60
C LEU E 57 -9.17 7.06 -9.09
N GLY E 58 -8.72 5.91 -9.57
CA GLY E 58 -8.79 5.62 -10.98
C GLY E 58 -7.78 4.56 -11.35
N VAL E 59 -7.78 4.22 -12.65
CA VAL E 59 -6.85 3.20 -13.14
C VAL E 59 -5.42 3.64 -12.92
N TRP E 60 -5.11 4.90 -13.25
CA TRP E 60 -3.75 5.38 -13.13
C TRP E 60 -3.29 5.41 -11.68
N GLY E 61 -4.10 6.01 -10.80
CA GLY E 61 -3.72 6.09 -9.40
C GLY E 61 -3.59 4.72 -8.76
N PHE E 62 -4.50 3.81 -9.09
CA PHE E 62 -4.43 2.45 -8.56
C PHE E 62 -3.14 1.77 -9.02
N LYS E 63 -2.77 1.95 -10.28
CA LYS E 63 -1.53 1.37 -10.79
C LYS E 63 -0.33 1.90 -10.03
N GLN E 64 -0.28 3.22 -9.82
CA GLN E 64 0.85 3.80 -9.11
C GLN E 64 0.93 3.31 -7.68
N LEU E 65 -0.21 3.20 -7.00
CA LEU E 65 -0.22 2.70 -5.63
C LEU E 65 0.26 1.26 -5.58
N GLN E 66 -0.16 0.44 -6.54
CA GLN E 66 0.33 -0.93 -6.62
C GLN E 66 1.84 -0.96 -6.78
N ALA E 67 2.37 -0.09 -7.65
CA ALA E 67 3.81 -0.06 -7.86
C ALA E 67 4.55 0.33 -6.59
N ARG E 68 4.02 1.31 -5.86
CA ARG E 68 4.68 1.73 -4.62
C ARG E 68 4.69 0.62 -3.58
N VAL E 69 3.56 -0.09 -3.45
CA VAL E 69 3.50 -1.21 -2.51
C VAL E 69 4.50 -2.29 -2.93
N LEU E 70 4.57 -2.57 -4.23
CA LEU E 70 5.52 -3.57 -4.71
C LEU E 70 6.96 -3.16 -4.40
N ALA E 71 7.28 -1.88 -4.57
CA ALA E 71 8.62 -1.40 -4.24
C ALA E 71 8.93 -1.60 -2.77
N VAL E 72 7.96 -1.31 -1.90
CA VAL E 72 8.17 -1.51 -0.47
C VAL E 72 8.42 -2.98 -0.18
N GLU E 73 7.63 -3.86 -0.78
CA GLU E 73 7.80 -5.29 -0.55
C GLU E 73 9.17 -5.77 -1.01
N ARG E 74 9.61 -5.30 -2.18
CA ARG E 74 10.92 -5.69 -2.70
C ARG E 74 12.04 -5.23 -1.77
N TYR E 75 11.96 -3.99 -1.32
CA TYR E 75 12.97 -3.47 -0.40
C TYR E 75 13.01 -4.27 0.89
N LEU E 76 11.84 -4.59 1.44
CA LEU E 76 11.79 -5.36 2.68
C LEU E 76 12.31 -6.78 2.47
N GLU E 77 12.06 -7.37 1.30
CA GLU E 77 12.61 -8.69 1.01
C GLU E 77 14.14 -8.65 1.03
N VAL E 78 14.73 -7.63 0.43
CA VAL E 78 16.18 -7.50 0.43
C VAL E 78 16.70 -7.36 1.85
N GLN E 79 16.05 -6.50 2.65
CA GLN E 79 16.50 -6.31 4.02
C GLN E 79 16.35 -7.59 4.84
N GLN E 80 15.26 -8.32 4.62
CA GLN E 80 15.07 -9.59 5.31
C GLN E 80 16.19 -10.56 4.97
N LEU E 81 16.58 -10.63 3.71
CA LEU E 81 17.68 -11.50 3.32
C LEU E 81 18.97 -11.09 4.02
N LEU E 82 19.25 -9.79 4.06
CA LEU E 82 20.47 -9.31 4.71
C LEU E 82 20.48 -9.68 6.18
N GLY E 83 19.34 -9.47 6.87
CA GLY E 83 19.26 -9.84 8.26
C GLY E 83 19.42 -11.33 8.48
N ILE E 84 18.83 -12.13 7.59
CA ILE E 84 18.95 -13.58 7.70
C ILE E 84 20.41 -14.01 7.55
N TRP E 85 21.20 -13.24 6.79
CA TRP E 85 22.62 -13.52 6.67
C TRP E 85 23.44 -12.93 7.81
N GLY E 86 22.82 -12.21 8.73
CA GLY E 86 23.56 -11.55 9.78
C GLY E 86 24.25 -10.28 9.34
N CYS E 87 23.71 -9.61 8.33
CA CYS E 87 24.34 -8.44 7.72
C CYS E 87 23.40 -7.24 7.74
N SER E 88 22.48 -7.20 8.71
CA SER E 88 21.53 -6.10 8.80
C SER E 88 22.22 -4.81 9.18
N GLY E 89 21.78 -3.71 8.58
CA GLY E 89 22.34 -2.41 8.90
C GLY E 89 23.75 -2.19 8.40
N LYS E 90 24.17 -2.92 7.38
CA LYS E 90 25.51 -2.82 6.84
C LYS E 90 25.47 -2.77 5.33
N LEU E 91 26.33 -1.93 4.74
CA LEU E 91 26.52 -1.90 3.30
C LEU E 91 27.56 -2.91 2.85
N ILE E 92 28.59 -3.14 3.65
CA ILE E 92 29.61 -4.15 3.40
C ILE E 92 29.68 -5.05 4.62
N CYS E 93 29.40 -6.33 4.41
CA CYS E 93 29.34 -7.30 5.50
C CYS E 93 30.25 -8.48 5.19
N CYS E 94 31.13 -8.79 6.14
CA CYS E 94 32.00 -9.94 6.04
C CYS E 94 31.33 -11.15 6.69
N THR E 95 31.67 -12.34 6.19
CA THR E 95 31.02 -13.58 6.59
C THR E 95 32.07 -14.62 6.96
N ASN E 96 31.59 -15.78 7.40
CA ASN E 96 32.44 -16.92 7.74
C ASN E 96 32.39 -17.99 6.67
N VAL E 97 31.77 -17.72 5.53
CA VAL E 97 31.63 -18.70 4.45
C VAL E 97 32.88 -18.62 3.58
N PRO E 98 33.69 -19.68 3.49
CA PRO E 98 34.85 -19.63 2.61
C PRO E 98 34.45 -19.61 1.14
N TRP E 99 35.31 -19.00 0.33
CA TRP E 99 35.05 -18.94 -1.10
C TRP E 99 35.46 -20.24 -1.77
N ASN E 100 34.60 -20.75 -2.65
CA ASN E 100 34.87 -21.96 -3.39
C ASN E 100 35.41 -21.59 -4.76
N SER E 101 36.62 -22.10 -5.07
CA SER E 101 37.23 -21.78 -6.35
C SER E 101 36.40 -22.28 -7.52
N SER E 102 35.50 -23.23 -7.29
CA SER E 102 34.62 -23.68 -8.36
C SER E 102 33.73 -22.54 -8.85
N TRP E 103 33.25 -21.70 -7.95
CA TRP E 103 32.45 -20.56 -8.35
C TRP E 103 33.26 -19.62 -9.23
N SER E 104 34.51 -19.36 -8.87
CA SER E 104 35.40 -18.55 -9.67
C SER E 104 36.81 -18.70 -9.14
N ASN E 105 37.77 -18.85 -10.04
CA ASN E 105 39.18 -19.03 -9.68
C ASN E 105 40.01 -17.78 -9.91
N ARG E 106 39.39 -16.69 -10.35
CA ARG E 106 40.13 -15.45 -10.55
C ARG E 106 40.72 -14.97 -9.23
N ASN E 107 41.95 -14.45 -9.30
CA ASN E 107 42.57 -13.92 -8.10
C ASN E 107 41.99 -12.55 -7.76
N LEU E 108 42.34 -12.08 -6.56
CA LEU E 108 41.66 -10.90 -6.02
C LEU E 108 41.91 -9.68 -6.88
N SER E 109 43.12 -9.51 -7.38
CA SER E 109 43.45 -8.33 -8.18
C SER E 109 42.55 -8.23 -9.40
N GLU E 110 42.38 -9.35 -10.10
CA GLU E 110 41.52 -9.36 -11.28
C GLU E 110 40.12 -8.86 -10.94
N ILE E 111 39.53 -9.40 -9.89
CA ILE E 111 38.14 -9.10 -9.56
C ILE E 111 37.99 -7.64 -9.14
N TRP E 112 38.86 -7.18 -8.24
CA TRP E 112 38.67 -5.89 -7.61
C TRP E 112 39.41 -4.75 -8.30
N ASP E 113 40.10 -5.02 -9.41
CA ASP E 113 40.77 -3.96 -10.15
C ASP E 113 40.62 -4.09 -11.66
N ASN E 114 39.97 -5.14 -12.17
CA ASN E 114 39.84 -5.34 -13.60
C ASN E 114 38.46 -5.84 -13.98
N MET E 115 37.47 -5.77 -13.08
CA MET E 115 36.15 -6.30 -13.32
C MET E 115 35.10 -5.32 -12.80
N THR E 116 33.94 -5.33 -13.43
CA THR E 116 32.78 -4.58 -12.99
C THR E 116 31.76 -5.52 -12.36
N TRP E 117 30.84 -4.94 -11.59
CA TRP E 117 29.85 -5.76 -10.91
C TRP E 117 28.92 -6.45 -11.89
N LEU E 118 28.65 -5.82 -13.04
CA LEU E 118 27.82 -6.46 -14.06
C LEU E 118 28.53 -7.68 -14.62
N GLN E 119 29.82 -7.56 -14.94
CA GLN E 119 30.58 -8.70 -15.42
C GLN E 119 30.63 -9.80 -14.37
N TRP E 120 30.85 -9.42 -13.11
CA TRP E 120 30.90 -10.40 -12.03
C TRP E 120 29.58 -11.14 -11.88
N ASP E 121 28.47 -10.40 -11.98
CA ASP E 121 27.16 -11.04 -11.90
C ASP E 121 26.96 -12.02 -13.04
N LYS E 122 27.38 -11.64 -14.25
CA LYS E 122 27.29 -12.57 -15.37
C LYS E 122 28.12 -13.82 -15.11
N GLU E 123 29.29 -13.66 -14.51
CA GLU E 123 30.18 -14.80 -14.29
C GLU E 123 29.61 -15.76 -13.25
N ILE E 124 29.16 -15.24 -12.11
CA ILE E 124 28.79 -16.07 -10.97
C ILE E 124 27.28 -16.13 -10.77
N GLY E 125 26.49 -15.80 -11.79
CA GLY E 125 25.05 -15.85 -11.65
C GLY E 125 24.51 -17.24 -11.40
N ASN E 126 25.27 -18.27 -11.76
CA ASN E 126 24.80 -19.65 -11.59
C ASN E 126 24.89 -20.12 -10.16
N TYR E 127 25.85 -19.62 -9.38
CA TYR E 127 26.10 -20.07 -8.03
C TYR E 127 25.51 -19.15 -6.97
N THR E 128 24.72 -18.16 -7.37
CA THR E 128 24.21 -17.17 -6.42
C THR E 128 23.34 -17.83 -5.37
N GLN E 129 22.44 -18.72 -5.77
CA GLN E 129 21.55 -19.35 -4.81
C GLN E 129 22.31 -20.26 -3.86
N ILE E 130 23.33 -20.96 -4.37
CA ILE E 130 24.16 -21.80 -3.52
C ILE E 130 24.82 -20.96 -2.45
N ILE E 131 25.39 -19.82 -2.85
CA ILE E 131 26.05 -18.94 -1.89
C ILE E 131 25.05 -18.42 -0.87
N TYR E 132 23.84 -18.07 -1.32
CA TYR E 132 22.82 -17.57 -0.41
C TYR E 132 22.47 -18.61 0.64
N GLY E 133 22.28 -19.86 0.22
CA GLY E 133 21.98 -20.91 1.17
C GLY E 133 23.10 -21.13 2.16
N LEU E 134 24.35 -21.10 1.69
CA LEU E 134 25.48 -21.26 2.59
C LEU E 134 25.52 -20.13 3.61
N LEU E 135 25.23 -18.90 3.19
CA LEU E 135 25.19 -17.79 4.13
C LEU E 135 24.12 -18.01 5.19
N GLU E 136 22.94 -18.47 4.76
CA GLU E 136 21.88 -18.77 5.71
C GLU E 136 22.34 -19.78 6.77
N GLU E 137 22.92 -20.90 6.31
CA GLU E 137 23.34 -21.95 7.23
C GLU E 137 24.41 -21.43 8.18
N SER E 138 25.37 -20.66 7.65
CA SER E 138 26.44 -20.16 8.51
C SER E 138 25.91 -19.24 9.59
N GLN E 139 24.97 -18.35 9.23
CA GLN E 139 24.42 -17.44 10.22
C GLN E 139 23.64 -18.20 11.30
N PHE E 140 22.85 -19.20 10.88
CA PHE E 140 22.10 -19.97 11.87
C PHE E 140 23.04 -20.71 12.82
N GLN E 141 24.09 -21.33 12.27
CA GLN E 141 25.06 -22.02 13.13
C GLN E 141 25.75 -21.03 14.05
N GLN E 142 26.03 -19.82 13.56
CA GLN E 142 26.65 -18.81 14.40
C GLN E 142 25.73 -18.46 15.57
N GLU E 143 24.43 -18.31 15.31
CA GLU E 143 23.49 -18.01 16.39
C GLU E 143 23.44 -19.14 17.41
N ILE E 144 23.39 -20.39 16.93
CA ILE E 144 23.32 -21.53 17.83
C ILE E 144 24.57 -21.62 18.69
N ASN E 145 25.74 -21.51 18.05
CA ASN E 145 27.00 -21.61 18.78
C ASN E 145 27.15 -20.44 19.75
N GLU E 146 26.69 -19.25 19.36
CA GLU E 146 26.70 -18.12 20.29
C GLU E 146 25.88 -18.44 21.52
N GLN E 147 24.67 -18.97 21.32
CA GLN E 147 23.81 -19.27 22.46
C GLN E 147 24.45 -20.30 23.38
N ASP E 148 25.02 -21.36 22.81
CA ASP E 148 25.62 -22.41 23.64
C ASP E 148 26.87 -21.88 24.35
N LEU E 149 27.79 -21.27 23.61
CA LEU E 149 29.01 -20.76 24.20
C LEU E 149 28.72 -19.79 25.33
N LEU E 150 27.71 -18.95 25.16
CA LEU E 150 27.44 -17.91 26.13
C LEU E 150 26.48 -18.37 27.21
N ALA E 151 25.79 -19.49 26.99
CA ALA E 151 25.09 -20.17 28.08
C ALA E 151 26.07 -20.80 29.05
N LEU E 152 27.22 -21.25 28.54
CA LEU E 152 28.26 -21.78 29.42
C LEU E 152 28.74 -20.72 30.42
N ASP E 153 28.63 -19.45 30.07
CA ASP E 153 29.06 -18.36 30.94
C ASP E 153 28.32 -18.43 32.27
N GLU F 2 45.49 -19.14 -1.14
CA GLU F 2 45.18 -18.34 0.04
C GLU F 2 43.75 -18.57 0.52
N ASN F 3 43.41 -17.99 1.65
CA ASN F 3 42.08 -18.16 2.25
C ASN F 3 41.19 -16.99 1.85
N LEU F 4 40.07 -17.29 1.20
CA LEU F 4 39.12 -16.29 0.75
C LEU F 4 37.74 -16.59 1.33
N TRP F 5 36.99 -15.53 1.59
CA TRP F 5 35.69 -15.62 2.23
C TRP F 5 34.69 -14.77 1.49
N VAL F 6 33.43 -15.21 1.53
CA VAL F 6 32.35 -14.47 0.90
C VAL F 6 32.13 -13.16 1.64
N THR F 7 31.89 -12.10 0.88
CA THR F 7 31.61 -10.78 1.41
C THR F 7 30.41 -10.21 0.66
N VAL F 8 29.50 -9.61 1.42
CA VAL F 8 28.21 -9.16 0.90
C VAL F 8 28.25 -7.64 0.74
N TYR F 9 27.83 -7.17 -0.42
CA TYR F 9 27.76 -5.75 -0.72
C TYR F 9 26.31 -5.40 -1.07
N TYR F 10 25.80 -4.36 -0.42
CA TYR F 10 24.42 -3.92 -0.59
C TYR F 10 24.42 -2.57 -1.30
N GLY F 11 23.88 -2.56 -2.52
CA GLY F 11 23.77 -1.33 -3.29
C GLY F 11 24.72 -1.28 -4.47
N VAL F 12 25.03 -2.44 -5.03
CA VAL F 12 25.96 -2.52 -6.15
C VAL F 12 25.25 -2.07 -7.43
N PRO F 13 25.96 -1.49 -8.39
CA PRO F 13 25.33 -1.04 -9.64
C PRO F 13 25.14 -2.18 -10.66
N VAL F 14 24.10 -2.97 -10.43
CA VAL F 14 23.76 -4.09 -11.30
C VAL F 14 22.28 -4.00 -11.65
N TRP F 15 21.95 -4.43 -12.86
CA TRP F 15 20.58 -4.34 -13.33
C TRP F 15 20.28 -5.45 -14.32
N LYS F 16 18.99 -5.69 -14.51
CA LYS F 16 18.49 -6.67 -15.47
C LYS F 16 17.33 -6.05 -16.25
N ASP F 17 17.09 -6.58 -17.44
CA ASP F 17 15.94 -6.14 -18.22
C ASP F 17 14.66 -6.51 -17.48
N ALA F 18 13.72 -5.57 -17.44
CA ALA F 18 12.51 -5.77 -16.66
C ALA F 18 11.40 -4.86 -17.19
N GLU F 19 10.18 -5.14 -16.73
CA GLU F 19 9.00 -4.36 -17.04
C GLU F 19 8.38 -3.87 -15.73
N THR F 20 7.89 -2.64 -15.74
CA THR F 20 7.27 -2.07 -14.56
C THR F 20 6.27 -1.00 -14.98
N THR F 21 5.69 -0.32 -14.00
CA THR F 21 4.70 0.73 -14.22
C THR F 21 5.38 2.07 -13.96
N LEU F 22 5.70 2.78 -15.04
CA LEU F 22 6.26 4.11 -14.92
C LEU F 22 5.16 5.13 -14.61
N PHE F 23 5.58 6.29 -14.13
CA PHE F 23 4.64 7.40 -13.92
C PHE F 23 4.98 8.54 -14.87
N CYS F 24 4.08 9.51 -14.97
CA CYS F 24 4.19 10.57 -15.96
C CYS F 24 4.25 11.92 -15.27
N ALA F 25 5.02 12.82 -15.88
CA ALA F 25 5.22 14.17 -15.37
C ALA F 25 5.07 15.16 -16.51
N SER F 26 4.62 16.36 -16.15
CA SER F 26 4.40 17.43 -17.11
C SER F 26 4.89 18.74 -16.51
N ASP F 27 5.18 19.69 -17.39
CA ASP F 27 5.64 21.00 -16.94
C ASP F 27 4.49 21.80 -16.33
N ALA F 28 4.86 22.78 -15.51
CA ALA F 28 3.85 23.63 -14.87
C ALA F 28 3.04 24.43 -15.88
N LYS F 29 3.56 24.62 -17.09
CA LYS F 29 2.87 25.44 -18.08
C LYS F 29 1.45 24.96 -18.30
N ALA F 30 1.26 23.64 -18.41
CA ALA F 30 -0.08 23.10 -18.60
C ALA F 30 -1.00 23.49 -17.46
N TYR F 31 -0.50 23.42 -16.22
CA TYR F 31 -1.31 23.83 -15.08
C TYR F 31 -1.70 25.30 -15.17
N GLU F 32 -0.90 26.11 -15.86
CA GLU F 32 -1.22 27.52 -16.06
C GLU F 32 -2.21 27.75 -17.18
N THR F 33 -2.45 26.75 -18.04
CA THR F 33 -3.45 26.90 -19.09
C THR F 33 -4.86 26.80 -18.52
N GLU F 34 -5.07 25.89 -17.59
CA GLU F 34 -6.39 25.66 -16.99
C GLU F 34 -7.43 25.29 -18.03
N LYS F 35 -6.99 24.67 -19.12
CA LYS F 35 -7.89 24.14 -20.14
C LYS F 35 -8.22 22.67 -19.91
N HIS F 36 -7.80 22.11 -18.79
CA HIS F 36 -8.10 20.73 -18.41
C HIS F 36 -7.59 19.74 -19.46
N ASN F 37 -6.28 19.77 -19.67
CA ASN F 37 -5.64 18.74 -20.46
C ASN F 37 -5.76 17.39 -19.74
N VAL F 38 -6.03 16.34 -20.52
CA VAL F 38 -6.30 15.04 -19.92
C VAL F 38 -5.09 14.54 -19.15
N TRP F 39 -3.90 14.66 -19.74
CA TRP F 39 -2.70 14.14 -19.10
C TRP F 39 -2.41 14.85 -17.79
N ALA F 40 -2.37 16.18 -17.82
CA ALA F 40 -2.08 16.95 -16.61
C ALA F 40 -3.19 16.86 -15.59
N THR F 41 -4.40 16.49 -16.00
CA THR F 41 -5.55 16.47 -15.11
C THR F 41 -5.69 15.15 -14.37
N HIS F 42 -5.45 14.01 -15.04
CA HIS F 42 -5.74 12.71 -14.47
C HIS F 42 -4.51 11.89 -14.11
N ALA F 43 -3.36 12.13 -14.74
CA ALA F 43 -2.24 11.21 -14.62
C ALA F 43 -0.95 11.84 -14.12
N CYS F 44 -0.60 13.02 -14.58
CA CYS F 44 0.78 13.51 -14.45
C CYS F 44 0.95 14.45 -13.26
N VAL F 45 2.21 14.66 -12.91
CA VAL F 45 2.61 15.48 -11.76
C VAL F 45 3.61 16.52 -12.24
N PRO F 46 4.01 17.46 -11.39
CA PRO F 46 4.96 18.49 -11.82
C PRO F 46 6.29 17.87 -12.25
N THR F 47 6.91 18.51 -13.23
CA THR F 47 8.20 18.08 -13.73
C THR F 47 9.33 18.67 -12.89
N ASP F 48 10.39 17.89 -12.71
CA ASP F 48 11.53 18.37 -11.93
C ASP F 48 12.17 19.56 -12.66
N PRO F 49 12.44 20.66 -11.97
CA PRO F 49 13.04 21.81 -12.67
C PRO F 49 14.37 21.49 -13.34
N ASN F 50 15.19 20.65 -12.70
CA ASN F 50 16.51 20.28 -13.22
C ASN F 50 16.61 18.76 -13.23
N PRO F 51 16.15 18.11 -14.30
CA PRO F 51 16.21 16.65 -14.35
C PRO F 51 17.65 16.16 -14.31
N GLN F 52 17.84 14.98 -13.71
CA GLN F 52 19.16 14.40 -13.51
C GLN F 52 19.45 13.39 -14.62
N GLU F 53 20.59 13.58 -15.28
CA GLU F 53 21.09 12.65 -16.29
C GLU F 53 22.52 12.31 -15.94
N ILE F 54 22.80 11.02 -15.73
CA ILE F 54 24.13 10.56 -15.35
C ILE F 54 24.69 9.74 -16.50
N HIS F 55 25.83 10.14 -17.01
CA HIS F 55 26.47 9.45 -18.12
C HIS F 55 27.31 8.29 -17.58
N LEU F 56 27.04 7.09 -18.09
CA LEU F 56 27.67 5.87 -17.58
C LEU F 56 28.91 5.59 -18.42
N GLU F 57 30.08 5.97 -17.90
CA GLU F 57 31.33 5.64 -18.57
C GLU F 57 31.55 4.14 -18.56
N ASN F 58 32.15 3.63 -19.63
CA ASN F 58 32.55 2.24 -19.83
C ASN F 58 31.36 1.33 -20.14
N VAL F 59 30.13 1.82 -20.07
CA VAL F 59 28.96 0.96 -20.13
C VAL F 59 28.51 0.81 -21.58
N THR F 60 28.29 -0.44 -21.98
CA THR F 60 27.72 -0.78 -23.28
C THR F 60 26.50 -1.65 -23.02
N GLU F 61 25.34 -1.23 -23.52
CA GLU F 61 24.07 -1.87 -23.19
C GLU F 61 23.31 -2.22 -24.46
N GLU F 62 22.61 -3.35 -24.43
CA GLU F 62 21.84 -3.81 -25.58
C GLU F 62 20.43 -3.23 -25.53
N PHE F 63 20.00 -2.65 -26.64
CA PHE F 63 18.68 -2.05 -26.77
C PHE F 63 17.89 -2.76 -27.86
N ASN F 64 16.56 -2.71 -27.72
CA ASN F 64 15.67 -3.26 -28.74
C ASN F 64 14.36 -2.47 -28.66
N MET F 65 14.14 -1.59 -29.62
CA MET F 65 12.95 -0.73 -29.61
C MET F 65 11.68 -1.49 -29.98
N TRP F 66 11.79 -2.73 -30.46
CA TRP F 66 10.64 -3.51 -30.90
C TRP F 66 10.10 -4.43 -29.83
N LYS F 67 10.74 -4.48 -28.66
CA LYS F 67 10.26 -5.25 -27.51
C LYS F 67 10.35 -4.41 -26.25
N ASN F 68 9.86 -3.18 -26.34
CA ASN F 68 9.91 -2.21 -25.25
C ASN F 68 8.50 -2.04 -24.67
N ASN F 69 8.33 -2.42 -23.41
CA ASN F 69 7.03 -2.31 -22.76
C ASN F 69 6.63 -0.86 -22.53
N MET F 70 7.56 0.08 -22.63
CA MET F 70 7.21 1.49 -22.49
C MET F 70 6.17 1.89 -23.52
N VAL F 71 6.29 1.36 -24.74
CA VAL F 71 5.34 1.67 -25.80
C VAL F 71 3.95 1.18 -25.43
N GLU F 72 3.86 -0.05 -24.93
CA GLU F 72 2.56 -0.60 -24.56
C GLU F 72 1.94 0.20 -23.42
N GLN F 73 2.74 0.56 -22.42
CA GLN F 73 2.22 1.36 -21.31
C GLN F 73 1.72 2.70 -21.80
N MET F 74 2.45 3.34 -22.71
CA MET F 74 2.04 4.64 -23.21
C MET F 74 0.75 4.54 -24.02
N HIS F 75 0.62 3.50 -24.84
CA HIS F 75 -0.61 3.28 -25.59
C HIS F 75 -1.79 3.09 -24.66
N THR F 76 -1.64 2.22 -23.66
CA THR F 76 -2.72 1.98 -22.71
C THR F 76 -3.07 3.26 -21.96
N ASP F 77 -2.05 4.02 -21.55
CA ASP F 77 -2.29 5.22 -20.77
C ASP F 77 -3.08 6.25 -21.57
N ILE F 78 -2.67 6.50 -22.81
CA ILE F 78 -3.34 7.53 -23.60
C ILE F 78 -4.78 7.11 -23.89
N ILE F 79 -5.00 5.84 -24.21
CA ILE F 79 -6.35 5.37 -24.47
C ILE F 79 -7.22 5.55 -23.23
N SER F 80 -6.71 5.13 -22.08
CA SER F 80 -7.49 5.23 -20.84
C SER F 80 -7.79 6.68 -20.50
N LEU F 81 -6.81 7.57 -20.69
CA LEU F 81 -7.03 8.98 -20.36
C LEU F 81 -8.09 9.60 -21.25
N TRP F 82 -8.08 9.27 -22.55
CA TRP F 82 -9.12 9.79 -23.43
C TRP F 82 -10.49 9.29 -23.01
N ASP F 83 -10.60 8.01 -22.69
CA ASP F 83 -11.89 7.47 -22.23
C ASP F 83 -12.33 8.15 -20.95
N GLN F 84 -11.41 8.35 -20.01
CA GLN F 84 -11.77 8.99 -18.75
C GLN F 84 -12.25 10.41 -18.98
N SER F 85 -11.59 11.14 -19.87
CA SER F 85 -12.01 12.51 -20.16
C SER F 85 -13.38 12.52 -20.85
N LEU F 86 -13.70 11.49 -21.62
CA LEU F 86 -14.98 11.43 -22.31
C LEU F 86 -16.11 10.92 -21.44
N LYS F 87 -15.82 10.33 -20.28
CA LYS F 87 -16.87 9.79 -19.44
C LYS F 87 -17.91 10.84 -19.04
N PRO F 88 -17.53 12.01 -18.53
CA PRO F 88 -18.53 12.98 -18.07
C PRO F 88 -19.16 13.79 -19.19
N CYS F 89 -18.82 13.54 -20.45
CA CYS F 89 -19.31 14.35 -21.55
C CYS F 89 -20.68 13.86 -22.00
N VAL F 90 -21.28 14.62 -22.91
CA VAL F 90 -22.66 14.39 -23.34
C VAL F 90 -22.70 13.18 -24.25
N LYS F 91 -23.72 12.33 -24.06
CA LYS F 91 -23.96 11.19 -24.92
C LYS F 91 -25.05 11.55 -25.93
N LEU F 92 -24.74 11.40 -27.22
CA LEU F 92 -25.65 11.82 -28.29
C LEU F 92 -26.58 10.69 -28.71
N THR F 93 -27.24 10.07 -27.75
CA THR F 93 -28.26 9.08 -28.07
C THR F 93 -29.43 9.66 -28.83
N PRO F 94 -30.02 10.79 -28.42
CA PRO F 94 -31.17 11.31 -29.16
C PRO F 94 -30.84 11.74 -30.59
N LEU F 95 -29.57 11.98 -30.90
CA LEU F 95 -29.20 12.41 -32.25
C LEU F 95 -29.43 11.32 -33.28
N CYS F 96 -29.70 10.08 -32.86
CA CYS F 96 -29.95 8.98 -33.80
C CYS F 96 -31.41 9.01 -34.20
N VAL F 97 -31.72 9.88 -35.15
CA VAL F 97 -33.07 10.06 -35.67
C VAL F 97 -33.00 10.16 -37.19
N THR F 98 -34.18 10.11 -37.81
CA THR F 98 -34.26 10.29 -39.25
C THR F 98 -33.95 11.74 -39.62
N LEU F 99 -33.16 11.92 -40.67
CA LEU F 99 -32.76 13.23 -41.14
C LEU F 99 -33.28 13.45 -42.55
N GLN F 100 -33.87 14.62 -42.78
CA GLN F 100 -34.29 15.05 -44.11
C GLN F 100 -33.22 15.98 -44.65
N CYS F 101 -32.42 15.49 -45.58
CA CYS F 101 -31.20 16.17 -46.00
C CYS F 101 -31.28 16.61 -47.46
N THR F 102 -30.83 17.82 -47.71
CA THR F 102 -30.68 18.39 -49.05
C THR F 102 -29.22 18.75 -49.28
N ASN F 103 -28.92 19.21 -50.49
CA ASN F 103 -27.57 19.65 -50.81
C ASN F 103 -27.29 21.03 -50.20
N VAL F 104 -26.00 21.35 -50.13
CA VAL F 104 -25.56 22.71 -49.81
C VAL F 104 -24.84 23.26 -51.03
N THR F 105 -25.59 23.94 -51.90
CA THR F 105 -25.06 24.47 -53.15
C THR F 105 -24.86 25.98 -53.11
N ASN F 106 -24.84 26.57 -51.91
CA ASN F 106 -24.70 28.01 -51.76
C ASN F 106 -23.22 28.36 -51.87
N ASN F 107 -22.79 28.66 -53.10
CA ASN F 107 -21.43 29.10 -53.38
C ASN F 107 -20.41 28.04 -52.94
N ILE F 108 -20.49 26.89 -53.61
CA ILE F 108 -19.55 25.80 -53.40
C ILE F 108 -18.71 25.64 -54.65
N THR F 109 -17.55 25.01 -54.48
CA THR F 109 -16.69 24.65 -55.59
C THR F 109 -17.05 23.24 -56.08
N ASP F 110 -16.61 22.93 -57.29
CA ASP F 110 -16.94 21.64 -57.89
C ASP F 110 -16.37 20.48 -57.08
N ASP F 111 -15.17 20.66 -56.51
CA ASP F 111 -14.55 19.60 -55.74
C ASP F 111 -15.28 19.34 -54.43
N MET F 112 -16.01 20.33 -53.90
CA MET F 112 -16.73 20.19 -52.64
C MET F 112 -18.23 19.99 -52.86
N ARG F 113 -18.61 19.37 -53.98
CA ARG F 113 -20.01 19.14 -54.31
C ARG F 113 -20.46 17.84 -53.67
N GLY F 114 -21.53 17.91 -52.88
CA GLY F 114 -22.04 16.75 -52.17
C GLY F 114 -21.31 16.42 -50.89
N GLU F 115 -20.29 17.19 -50.52
CA GLU F 115 -19.54 16.92 -49.30
C GLU F 115 -20.30 17.36 -48.06
N LEU F 116 -21.10 18.41 -48.16
CA LEU F 116 -21.87 18.94 -47.04
C LEU F 116 -23.36 18.76 -47.33
N LYS F 117 -24.12 18.49 -46.28
CA LYS F 117 -25.55 18.23 -46.40
C LYS F 117 -26.32 19.06 -45.38
N ASN F 118 -27.42 19.67 -45.76
CA ASN F 118 -28.27 20.44 -44.87
C ASN F 118 -29.41 19.54 -44.41
N CYS F 119 -29.37 19.09 -43.22
CA CYS F 119 -30.25 18.07 -42.66
C CYS F 119 -31.15 18.69 -41.60
N SER F 120 -32.46 18.53 -41.78
CA SER F 120 -33.45 18.93 -40.80
C SER F 120 -33.97 17.70 -40.07
N PHE F 121 -34.27 17.86 -38.79
CA PHE F 121 -34.73 16.75 -37.97
C PHE F 121 -35.47 17.27 -36.75
N ASN F 122 -36.31 16.40 -36.18
CA ASN F 122 -36.97 16.66 -34.92
C ASN F 122 -36.06 16.19 -33.78
N MET F 123 -36.01 16.98 -32.72
CA MET F 123 -35.11 16.71 -31.60
C MET F 123 -35.83 16.96 -30.29
N THR F 124 -35.36 16.27 -29.26
CA THR F 124 -35.88 16.48 -27.91
C THR F 124 -35.46 17.83 -27.37
N THR F 125 -36.21 18.32 -26.39
CA THR F 125 -35.93 19.57 -25.72
C THR F 125 -35.68 19.30 -24.25
N GLU F 126 -35.52 20.38 -23.49
CA GLU F 126 -35.39 20.26 -22.03
C GLU F 126 -36.68 19.75 -21.40
N LEU F 127 -37.79 19.78 -22.14
CA LEU F 127 -39.05 19.23 -21.69
C LEU F 127 -39.31 17.92 -22.42
N ARG F 128 -39.58 16.87 -21.65
CA ARG F 128 -39.73 15.53 -22.23
C ARG F 128 -40.93 15.42 -23.16
N ASP F 129 -41.91 16.30 -23.03
CA ASP F 129 -43.14 16.21 -23.80
C ASP F 129 -43.18 17.16 -24.99
N LYS F 130 -42.05 17.78 -25.33
CA LYS F 130 -42.00 18.75 -26.42
C LYS F 130 -40.88 18.38 -27.38
N LYS F 131 -41.13 18.62 -28.67
CA LYS F 131 -40.16 18.39 -29.72
C LYS F 131 -39.90 19.69 -30.48
N GLN F 132 -38.66 19.86 -30.94
CA GLN F 132 -38.26 21.04 -31.69
C GLN F 132 -37.73 20.61 -33.04
N LYS F 133 -38.17 21.29 -34.09
CA LYS F 133 -37.65 21.06 -35.43
C LYS F 133 -36.42 21.93 -35.65
N VAL F 134 -35.28 21.30 -35.89
CA VAL F 134 -34.01 22.01 -36.03
C VAL F 134 -33.33 21.54 -37.30
N TYR F 135 -32.26 22.24 -37.65
CA TYR F 135 -31.47 21.91 -38.83
C TYR F 135 -30.00 22.06 -38.50
N SER F 136 -29.18 21.37 -39.28
CA SER F 136 -27.73 21.41 -39.11
C SER F 136 -27.07 21.06 -40.43
N LEU F 137 -25.75 21.23 -40.46
CA LEU F 137 -24.94 20.83 -41.60
C LEU F 137 -24.08 19.65 -41.19
N PHE F 138 -24.13 18.59 -41.99
CA PHE F 138 -23.41 17.36 -41.71
C PHE F 138 -22.49 17.02 -42.88
N TYR F 139 -21.29 16.54 -42.57
CA TYR F 139 -20.37 16.12 -43.62
C TYR F 139 -20.86 14.83 -44.25
N ARG F 140 -20.63 14.71 -45.56
CA ARG F 140 -21.11 13.55 -46.30
C ARG F 140 -20.62 12.24 -45.69
N LEU F 141 -19.45 12.26 -45.07
CA LEU F 141 -18.88 11.05 -44.50
C LEU F 141 -19.56 10.62 -43.20
N ASP F 142 -20.28 11.53 -42.55
CA ASP F 142 -20.89 11.26 -41.26
C ASP F 142 -22.33 10.80 -41.35
N VAL F 143 -22.88 10.69 -42.56
CA VAL F 143 -24.27 10.29 -42.75
C VAL F 143 -24.34 9.23 -43.84
N VAL F 144 -25.42 8.45 -43.80
CA VAL F 144 -25.67 7.39 -44.76
C VAL F 144 -27.16 7.36 -45.07
N GLN F 145 -27.48 7.14 -46.35
CA GLN F 145 -28.87 7.11 -46.77
C GLN F 145 -29.58 5.88 -46.22
N ILE F 146 -30.77 6.09 -45.67
CA ILE F 146 -31.55 4.98 -45.13
C ILE F 146 -32.15 4.15 -46.25
N ASN F 147 -32.75 4.81 -47.25
CA ASN F 147 -33.40 4.13 -48.35
C ASN F 147 -32.65 4.35 -49.65
N LYS F 159 -33.76 11.26 -49.82
CA LYS F 159 -33.69 12.48 -49.03
C LYS F 159 -33.64 12.17 -47.54
N GLU F 160 -33.71 10.90 -47.18
CA GLU F 160 -33.69 10.46 -45.79
C GLU F 160 -32.32 9.87 -45.47
N TYR F 161 -31.73 10.34 -44.38
CA TYR F 161 -30.40 9.93 -43.96
C TYR F 161 -30.39 9.63 -42.47
N ARG F 162 -29.32 8.97 -42.03
CA ARG F 162 -29.07 8.72 -40.62
C ARG F 162 -27.59 8.84 -40.34
N LEU F 163 -27.24 9.12 -39.10
CA LEU F 163 -25.85 9.19 -38.73
C LEU F 163 -25.19 7.83 -38.90
N ILE F 164 -23.91 7.86 -39.28
CA ILE F 164 -23.20 6.63 -39.65
C ILE F 164 -23.12 5.66 -38.48
N ASN F 165 -23.06 6.18 -37.25
CA ASN F 165 -22.82 5.37 -36.07
C ASN F 165 -24.08 4.77 -35.47
N CYS F 166 -25.26 5.07 -36.02
CA CYS F 166 -26.50 4.74 -35.34
C CYS F 166 -26.74 3.24 -35.24
N ASN F 167 -26.16 2.44 -36.11
CA ASN F 167 -26.32 0.99 -36.06
C ASN F 167 -25.18 0.30 -35.32
N THR F 168 -24.24 1.06 -34.76
CA THR F 168 -23.12 0.49 -34.01
C THR F 168 -23.10 0.94 -32.56
N SER F 169 -23.26 2.23 -32.31
CA SER F 169 -23.22 2.76 -30.95
C SER F 169 -23.56 4.24 -31.01
N ALA F 170 -23.77 4.81 -29.82
CA ALA F 170 -24.02 6.25 -29.70
C ALA F 170 -22.71 6.97 -29.43
N CYS F 171 -22.54 8.11 -30.09
CA CYS F 171 -21.31 8.88 -30.00
C CYS F 171 -21.36 9.82 -28.81
N THR F 172 -20.19 10.03 -28.21
CA THR F 172 -20.03 10.96 -27.09
C THR F 172 -19.42 12.25 -27.62
N GLN F 173 -20.13 13.36 -27.41
CA GLN F 173 -19.66 14.65 -27.86
C GLN F 173 -18.49 15.12 -27.00
N ILE F 174 -17.43 15.57 -27.66
CA ILE F 174 -16.26 16.06 -26.93
C ILE F 174 -16.65 17.33 -26.18
N CYS F 175 -16.31 17.39 -24.90
CA CYS F 175 -16.56 18.57 -24.11
C CYS F 175 -15.65 19.71 -24.60
N PRO F 176 -16.20 20.83 -25.05
CA PRO F 176 -15.34 21.92 -25.53
C PRO F 176 -14.41 22.47 -24.47
N LYS F 177 -14.67 22.21 -23.18
CA LYS F 177 -13.75 22.67 -22.16
C LYS F 177 -12.53 21.77 -22.03
N VAL F 178 -12.58 20.57 -22.60
CA VAL F 178 -11.47 19.62 -22.55
C VAL F 178 -10.59 19.82 -23.77
N SER F 179 -9.27 19.81 -23.54
CA SER F 179 -8.29 19.98 -24.60
C SER F 179 -7.50 18.69 -24.76
N PHE F 180 -7.41 18.21 -26.00
CA PHE F 180 -6.60 17.04 -26.34
C PHE F 180 -5.32 17.43 -27.05
N GLU F 181 -4.98 18.72 -27.08
CA GLU F 181 -3.76 19.15 -27.74
C GLU F 181 -2.56 18.47 -27.10
N PRO F 182 -1.59 17.99 -27.88
CA PRO F 182 -0.46 17.25 -27.29
C PRO F 182 0.47 18.18 -26.54
N ILE F 183 0.58 17.96 -25.22
CA ILE F 183 1.58 18.64 -24.41
C ILE F 183 2.68 17.63 -24.08
N PRO F 184 3.93 18.05 -23.93
CA PRO F 184 4.99 17.07 -23.66
C PRO F 184 4.71 16.27 -22.40
N ILE F 185 5.00 14.98 -22.47
CA ILE F 185 4.84 14.06 -21.35
C ILE F 185 6.17 13.37 -21.12
N HIS F 186 6.56 13.34 -19.85
CA HIS F 186 7.82 12.67 -19.44
C HIS F 186 7.47 11.39 -18.71
N TYR F 187 8.13 10.34 -19.07
CA TYR F 187 7.94 9.07 -18.39
C TYR F 187 9.11 8.84 -17.44
N CYS F 188 8.78 8.52 -16.19
CA CYS F 188 9.75 8.46 -15.11
C CYS F 188 9.62 7.13 -14.39
N ALA F 189 10.75 6.63 -13.91
CA ALA F 189 10.84 5.31 -13.30
C ALA F 189 10.69 5.39 -11.78
N PRO F 190 10.04 4.41 -11.17
CA PRO F 190 9.89 4.43 -9.71
C PRO F 190 11.08 3.81 -8.99
N ALA F 191 10.97 3.68 -7.68
CA ALA F 191 12.06 3.11 -6.89
C ALA F 191 12.39 1.70 -7.34
N GLY F 192 13.68 1.38 -7.35
CA GLY F 192 14.14 0.07 -7.75
C GLY F 192 14.27 -0.13 -9.25
N PHE F 193 13.95 0.89 -10.05
CA PHE F 193 14.02 0.80 -11.49
C PHE F 193 14.74 2.03 -12.04
N ALA F 194 15.32 1.86 -13.22
CA ALA F 194 16.06 2.92 -13.88
C ALA F 194 15.70 2.96 -15.36
N ILE F 195 15.83 4.13 -15.95
CA ILE F 195 15.63 4.33 -17.38
C ILE F 195 16.99 4.60 -18.01
N LEU F 196 17.38 3.74 -18.94
CA LEU F 196 18.63 3.87 -19.68
C LEU F 196 18.34 4.46 -21.05
N LYS F 197 19.21 5.37 -21.47
CA LYS F 197 19.06 6.14 -22.70
C LYS F 197 20.29 5.94 -23.57
N CYS F 198 20.07 5.62 -24.84
CA CYS F 198 21.14 5.49 -25.81
C CYS F 198 21.32 6.83 -26.53
N LYS F 199 22.55 7.34 -26.50
CA LYS F 199 22.88 8.62 -27.12
C LYS F 199 23.64 8.46 -28.42
N ASP F 200 23.78 7.24 -28.93
CA ASP F 200 24.44 7.03 -30.21
C ASP F 200 23.64 7.72 -31.31
N LYS F 201 24.36 8.41 -32.19
CA LYS F 201 23.70 9.20 -33.22
C LYS F 201 23.09 8.30 -34.30
N LYS F 202 23.77 7.21 -34.64
CA LYS F 202 23.36 6.32 -35.72
C LYS F 202 22.80 5.00 -35.17
N PHE F 203 22.10 5.09 -34.04
CA PHE F 203 21.48 3.92 -33.45
C PHE F 203 20.22 3.57 -34.22
N ASN F 204 20.13 2.32 -34.70
CA ASN F 204 19.05 1.89 -35.56
C ASN F 204 17.89 1.25 -34.81
N GLY F 205 17.90 1.30 -33.49
CA GLY F 205 16.82 0.77 -32.68
C GLY F 205 17.09 -0.59 -32.08
N THR F 206 18.07 -1.32 -32.60
CA THR F 206 18.38 -2.65 -32.11
C THR F 206 19.89 -2.83 -32.08
N GLY F 207 20.39 -3.42 -31.00
CA GLY F 207 21.79 -3.75 -30.88
C GLY F 207 22.48 -3.03 -29.75
N PRO F 208 23.82 -3.06 -29.75
CA PRO F 208 24.56 -2.43 -28.65
C PRO F 208 24.63 -0.92 -28.79
N CYS F 209 24.67 -0.25 -27.65
CA CYS F 209 24.91 1.18 -27.54
C CYS F 209 26.09 1.38 -26.60
N LYS F 210 27.08 2.15 -27.06
CA LYS F 210 28.31 2.39 -26.32
C LYS F 210 28.30 3.71 -25.57
N ASN F 211 27.35 4.59 -25.86
CA ASN F 211 27.21 5.88 -25.19
C ASN F 211 25.86 5.86 -24.48
N VAL F 212 25.85 5.35 -23.24
CA VAL F 212 24.63 5.14 -22.48
C VAL F 212 24.59 6.11 -21.32
N SER F 213 23.37 6.48 -20.93
CA SER F 213 23.15 7.31 -19.76
C SER F 213 21.94 6.77 -19.00
N THR F 214 21.77 7.24 -17.77
CA THR F 214 20.59 6.93 -16.97
C THR F 214 19.89 8.24 -16.64
N VAL F 215 18.57 8.25 -16.81
CA VAL F 215 17.76 9.45 -16.67
C VAL F 215 16.59 9.17 -15.73
N GLN F 216 16.29 10.15 -14.89
CA GLN F 216 15.10 10.06 -14.04
C GLN F 216 13.83 10.00 -14.89
N CYS F 217 13.77 10.83 -15.92
CA CYS F 217 12.59 10.93 -16.76
C CYS F 217 13.02 11.03 -18.22
N THR F 218 12.12 10.60 -19.11
CA THR F 218 12.36 10.75 -20.53
C THR F 218 12.20 12.22 -20.94
N HIS F 219 12.66 12.53 -22.14
CA HIS F 219 12.46 13.85 -22.69
C HIS F 219 10.98 14.08 -22.97
N GLY F 220 10.62 15.35 -23.13
CA GLY F 220 9.25 15.70 -23.40
C GLY F 220 8.73 15.08 -24.68
N ILE F 221 7.82 14.12 -24.55
CA ILE F 221 7.25 13.41 -25.69
C ILE F 221 5.82 13.92 -25.88
N LYS F 222 5.54 14.41 -27.09
CA LYS F 222 4.22 14.90 -27.41
C LYS F 222 3.40 13.79 -28.05
N PRO F 223 2.32 13.32 -27.42
CA PRO F 223 1.54 12.22 -28.00
C PRO F 223 0.67 12.66 -29.18
N VAL F 224 1.33 12.84 -30.32
CA VAL F 224 0.65 13.28 -31.53
C VAL F 224 0.04 12.08 -32.22
N VAL F 225 -1.25 12.16 -32.51
CA VAL F 225 -1.99 11.10 -33.20
C VAL F 225 -2.03 11.44 -34.68
N SER F 226 -1.38 10.62 -35.50
CA SER F 226 -1.32 10.88 -36.93
C SER F 226 -0.99 9.59 -37.66
N THR F 227 -1.28 9.57 -38.96
CA THR F 227 -1.06 8.42 -39.82
C THR F 227 -0.29 8.83 -41.05
N GLN F 228 0.60 7.95 -41.51
CA GLN F 228 1.35 8.11 -42.76
C GLN F 228 2.42 9.18 -42.64
N LEU F 229 2.44 9.92 -41.54
CA LEU F 229 3.39 11.02 -41.36
C LEU F 229 3.51 11.31 -39.87
N LEU F 230 4.74 11.33 -39.37
CA LEU F 230 4.99 11.66 -37.98
C LEU F 230 5.19 13.16 -37.88
N LEU F 231 4.43 13.79 -36.99
CA LEU F 231 4.38 15.25 -36.88
C LEU F 231 4.92 15.71 -35.54
N ASN F 232 5.66 16.81 -35.56
CA ASN F 232 6.10 17.49 -34.35
C ASN F 232 6.92 16.57 -33.45
N GLY F 233 7.66 15.63 -34.06
CA GLY F 233 8.47 14.69 -33.32
C GLY F 233 9.92 15.09 -33.25
N SER F 234 10.73 14.15 -32.78
CA SER F 234 12.17 14.35 -32.69
C SER F 234 12.84 14.06 -34.02
N LEU F 235 13.96 14.73 -34.26
CA LEU F 235 14.71 14.60 -35.50
C LEU F 235 16.03 13.89 -35.25
N ALA F 236 16.51 13.20 -36.28
CA ALA F 236 17.84 12.60 -36.22
C ALA F 236 18.91 13.69 -36.23
N GLU F 237 20.05 13.38 -35.63
CA GLU F 237 21.10 14.37 -35.43
C GLU F 237 22.07 14.45 -36.60
N GLU F 238 22.34 13.35 -37.28
CA GLU F 238 23.32 13.32 -38.35
C GLU F 238 22.68 13.06 -39.71
N GLU F 239 21.92 11.98 -39.86
CA GLU F 239 21.36 11.61 -41.15
C GLU F 239 19.99 10.99 -40.95
N VAL F 240 19.30 10.77 -42.06
CA VAL F 240 18.01 10.10 -42.03
C VAL F 240 18.20 8.67 -41.54
N MET F 241 17.29 8.21 -40.69
CA MET F 241 17.41 6.90 -40.06
C MET F 241 16.26 6.02 -40.50
N ILE F 242 16.59 4.79 -40.89
CA ILE F 242 15.62 3.78 -41.27
C ILE F 242 15.62 2.71 -40.17
N ARG F 243 14.44 2.39 -39.65
CA ARG F 243 14.32 1.43 -38.56
C ARG F 243 13.22 0.43 -38.88
N SER F 244 13.49 -0.84 -38.62
CA SER F 244 12.52 -1.89 -38.88
C SER F 244 12.88 -3.10 -38.03
N GLU F 245 11.86 -3.76 -37.49
CA GLU F 245 12.11 -4.99 -36.74
C GLU F 245 12.83 -6.02 -37.62
N ASN F 246 12.49 -6.05 -38.90
CA ASN F 246 13.17 -6.93 -39.85
C ASN F 246 12.99 -6.30 -41.24
N ILE F 247 14.03 -5.64 -41.72
CA ILE F 247 13.93 -4.89 -42.97
C ILE F 247 13.62 -5.81 -44.14
N THR F 248 14.12 -7.04 -44.10
CA THR F 248 13.90 -7.98 -45.20
C THR F 248 12.49 -8.55 -45.23
N ASN F 249 11.72 -8.38 -44.15
CA ASN F 249 10.34 -8.84 -44.11
C ASN F 249 9.43 -7.69 -44.51
N ASN F 250 8.79 -7.80 -45.68
CA ASN F 250 7.94 -6.73 -46.17
C ASN F 250 6.72 -6.51 -45.30
N ALA F 251 6.38 -7.46 -44.43
CA ALA F 251 5.22 -7.33 -43.56
C ALA F 251 5.49 -6.45 -42.35
N LYS F 252 6.73 -6.06 -42.11
CA LYS F 252 7.09 -5.20 -40.98
C LYS F 252 7.18 -3.76 -41.46
N ASN F 253 6.54 -2.86 -40.72
CA ASN F 253 6.56 -1.45 -41.08
C ASN F 253 7.94 -0.85 -40.87
N ILE F 254 8.25 0.15 -41.69
CA ILE F 254 9.52 0.87 -41.62
C ILE F 254 9.25 2.25 -41.05
N ILE F 255 10.00 2.61 -40.01
CA ILE F 255 9.93 3.94 -39.40
C ILE F 255 11.10 4.74 -39.92
N VAL F 256 10.81 5.87 -40.54
CA VAL F 256 11.80 6.76 -41.11
C VAL F 256 11.87 8.01 -40.25
N GLN F 257 13.06 8.36 -39.80
CA GLN F 257 13.28 9.56 -38.99
C GLN F 257 14.11 10.55 -39.80
N PHE F 258 13.60 11.76 -39.95
CA PHE F 258 14.29 12.79 -40.71
C PHE F 258 15.34 13.48 -39.84
N ASN F 259 16.34 14.05 -40.51
CA ASN F 259 17.30 14.92 -39.86
C ASN F 259 16.94 16.40 -39.99
N THR F 260 16.09 16.74 -40.97
CA THR F 260 15.55 18.08 -41.11
C THR F 260 14.04 17.98 -41.27
N PRO F 261 13.27 18.86 -40.63
CA PRO F 261 11.81 18.78 -40.73
C PRO F 261 11.32 19.33 -42.06
N VAL F 262 10.08 18.94 -42.39
CA VAL F 262 9.40 19.45 -43.59
C VAL F 262 8.14 20.17 -43.13
N GLN F 263 8.04 21.45 -43.46
CA GLN F 263 6.89 22.23 -43.04
C GLN F 263 5.65 21.83 -43.83
N ILE F 264 4.53 21.68 -43.13
CA ILE F 264 3.25 21.38 -43.74
C ILE F 264 2.21 22.34 -43.18
N ASN F 265 1.51 23.04 -44.07
CA ASN F 265 0.48 24.01 -43.70
C ASN F 265 -0.87 23.46 -44.08
N CYS F 266 -1.71 23.19 -43.09
CA CYS F 266 -3.05 22.65 -43.32
C CYS F 266 -4.09 23.69 -42.92
N THR F 267 -5.16 23.77 -43.70
CA THR F 267 -6.16 24.81 -43.47
C THR F 267 -7.55 24.34 -43.87
N ARG F 268 -8.53 24.76 -43.08
CA ARG F 268 -9.94 24.77 -43.44
C ARG F 268 -10.33 26.22 -43.64
N PRO F 269 -10.55 26.68 -44.89
CA PRO F 269 -10.84 28.10 -45.10
C PRO F 269 -12.29 28.47 -44.87
N ASN F 270 -13.19 27.50 -44.80
CA ASN F 270 -14.60 27.80 -44.63
C ASN F 270 -14.83 28.41 -43.24
N ASN F 271 -15.55 29.53 -43.22
CA ASN F 271 -15.90 30.21 -41.98
C ASN F 271 -17.16 29.56 -41.42
N MET F 272 -17.01 28.79 -40.35
CA MET F 272 -18.08 27.97 -39.81
C MET F 272 -18.65 28.61 -38.54
N THR F 273 -19.96 28.41 -38.34
CA THR F 273 -20.67 28.90 -37.18
C THR F 273 -21.13 27.73 -36.34
N ARG F 274 -20.93 27.84 -35.03
CA ARG F 274 -21.33 26.80 -34.08
C ARG F 274 -22.67 27.18 -33.47
N LYS F 275 -23.62 26.26 -33.50
CA LYS F 275 -24.97 26.47 -32.99
C LYS F 275 -25.23 25.47 -31.87
N SER F 276 -25.78 25.97 -30.76
CA SER F 276 -26.10 25.13 -29.62
C SER F 276 -27.56 24.74 -29.66
N ILE F 277 -27.84 23.45 -29.52
CA ILE F 277 -29.20 22.92 -29.52
C ILE F 277 -29.39 22.18 -28.20
N ARG F 278 -30.39 22.60 -27.43
CA ARG F 278 -30.64 22.01 -26.12
C ARG F 278 -31.46 20.74 -26.31
N ILE F 279 -30.84 19.59 -26.06
CA ILE F 279 -31.46 18.30 -26.28
C ILE F 279 -31.96 17.67 -24.99
N GLY F 280 -31.70 18.28 -23.85
CA GLY F 280 -32.13 17.77 -22.57
C GLY F 280 -31.71 18.72 -21.46
N PRO F 281 -32.07 18.38 -20.23
CA PRO F 281 -31.67 19.24 -19.10
C PRO F 281 -30.16 19.30 -18.94
N GLY F 282 -29.58 20.45 -19.24
CA GLY F 282 -28.14 20.60 -19.18
C GLY F 282 -27.38 19.91 -20.28
N GLN F 283 -28.07 19.40 -21.30
CA GLN F 283 -27.45 18.69 -22.40
C GLN F 283 -27.54 19.54 -23.67
N ALA F 284 -26.39 19.92 -24.19
CA ALA F 284 -26.30 20.76 -25.38
C ALA F 284 -25.52 20.04 -26.47
N PHE F 285 -26.03 20.11 -27.69
CA PHE F 285 -25.40 19.53 -28.86
C PHE F 285 -24.91 20.68 -29.75
N TYR F 286 -23.64 20.66 -30.09
CA TYR F 286 -23.01 21.72 -30.86
C TYR F 286 -22.94 21.29 -32.32
N ALA F 287 -23.74 21.94 -33.16
CA ALA F 287 -23.85 21.61 -34.57
C ALA F 287 -23.26 22.73 -35.42
N LEU F 288 -23.13 22.45 -36.72
CA LEU F 288 -22.68 23.43 -37.69
C LEU F 288 -23.91 24.21 -38.15
N GLY F 289 -23.94 25.50 -37.81
CA GLY F 289 -25.08 26.32 -38.14
C GLY F 289 -25.11 26.77 -39.58
N ASP F 290 -24.09 27.51 -40.00
CA ASP F 290 -24.04 28.05 -41.35
C ASP F 290 -22.59 28.29 -41.74
N ILE F 291 -22.39 28.45 -43.04
CA ILE F 291 -21.08 28.75 -43.61
C ILE F 291 -21.13 30.18 -44.14
N ILE F 292 -20.22 31.02 -43.65
CA ILE F 292 -20.16 32.43 -44.05
C ILE F 292 -19.20 32.54 -45.23
N GLY F 293 -19.74 32.84 -46.39
CA GLY F 293 -18.95 32.97 -47.60
C GLY F 293 -19.04 31.74 -48.47
N ASP F 294 -18.05 31.63 -49.37
CA ASP F 294 -17.98 30.48 -50.26
C ASP F 294 -17.42 29.27 -49.52
N ILE F 295 -17.64 28.10 -50.10
CA ILE F 295 -17.21 26.83 -49.54
C ILE F 295 -16.06 26.30 -50.39
N ARG F 296 -14.91 26.08 -49.76
CA ARG F 296 -13.71 25.63 -50.44
C ARG F 296 -13.16 24.39 -49.75
N GLN F 297 -12.43 23.61 -50.52
CA GLN F 297 -11.89 22.35 -50.00
C GLN F 297 -10.77 22.62 -49.00
N PRO F 298 -10.83 22.08 -47.78
CA PRO F 298 -9.67 22.17 -46.89
C PRO F 298 -8.50 21.42 -47.50
N HIS F 299 -7.30 21.93 -47.25
CA HIS F 299 -6.14 21.39 -47.95
C HIS F 299 -4.88 21.61 -47.14
N CYS F 300 -3.87 20.80 -47.45
CA CYS F 300 -2.54 20.94 -46.89
C CYS F 300 -1.55 21.26 -47.99
N THR F 301 -0.45 21.91 -47.63
CA THR F 301 0.56 22.32 -48.59
C THR F 301 1.94 22.03 -48.02
N VAL F 302 2.83 21.51 -48.87
CA VAL F 302 4.23 21.33 -48.53
C VAL F 302 5.08 21.76 -49.72
N SER F 303 6.29 22.23 -49.43
CA SER F 303 7.20 22.65 -50.47
C SER F 303 7.64 21.44 -51.30
N LYS F 304 7.64 21.60 -52.63
CA LYS F 304 8.01 20.50 -53.50
C LYS F 304 9.50 20.19 -53.40
N ALA F 305 10.34 21.23 -53.39
CA ALA F 305 11.78 21.01 -53.35
C ALA F 305 12.22 20.34 -52.06
N THR F 306 11.69 20.81 -50.93
CA THR F 306 12.07 20.21 -49.65
C THR F 306 11.65 18.75 -49.58
N TRP F 307 10.43 18.44 -50.03
CA TRP F 307 9.97 17.07 -50.03
C TRP F 307 10.82 16.21 -50.95
N ASN F 308 11.19 16.73 -52.11
CA ASN F 308 12.03 15.99 -53.04
C ASN F 308 13.39 15.69 -52.43
N GLU F 309 14.00 16.68 -51.77
CA GLU F 309 15.28 16.46 -51.12
C GLU F 309 15.16 15.41 -50.01
N THR F 310 14.11 15.50 -49.20
CA THR F 310 13.93 14.53 -48.13
C THR F 310 13.74 13.13 -48.69
N LEU F 311 12.97 13.00 -49.76
CA LEU F 311 12.77 11.69 -50.38
C LEU F 311 14.07 11.16 -50.96
N GLY F 312 14.89 12.04 -51.53
CA GLY F 312 16.20 11.61 -52.02
C GLY F 312 17.07 11.07 -50.90
N LYS F 313 17.09 11.76 -49.77
CA LYS F 313 17.86 11.27 -48.63
C LYS F 313 17.33 9.92 -48.13
N VAL F 314 16.00 9.79 -48.08
CA VAL F 314 15.41 8.53 -47.64
C VAL F 314 15.79 7.41 -48.60
N VAL F 315 15.76 7.68 -49.91
CA VAL F 315 16.14 6.68 -50.88
C VAL F 315 17.60 6.30 -50.72
N LYS F 316 18.46 7.28 -50.48
CA LYS F 316 19.87 6.99 -50.28
C LYS F 316 20.07 6.07 -49.09
N GLN F 317 19.34 6.33 -47.99
CA GLN F 317 19.47 5.45 -46.83
C GLN F 317 18.87 4.07 -47.08
N LEU F 318 17.82 3.99 -47.91
CA LEU F 318 17.21 2.70 -48.20
C LEU F 318 18.10 1.84 -49.09
N ARG F 319 18.85 2.47 -49.99
CA ARG F 319 19.70 1.70 -50.90
C ARG F 319 20.78 0.93 -50.15
N LYS F 320 21.12 1.35 -48.92
CA LYS F 320 22.04 0.58 -48.10
C LYS F 320 21.49 -0.80 -47.77
N HIS F 321 20.17 -0.96 -47.80
CA HIS F 321 19.54 -2.23 -47.52
C HIS F 321 18.94 -2.90 -48.75
N PHE F 322 18.63 -2.14 -49.80
CA PHE F 322 17.94 -2.70 -50.96
C PHE F 322 18.74 -2.55 -52.25
N GLY F 323 20.01 -2.19 -52.18
CA GLY F 323 20.86 -2.21 -53.35
C GLY F 323 21.13 -0.82 -53.88
N ASN F 324 22.33 -0.64 -54.43
CA ASN F 324 22.74 0.63 -55.01
C ASN F 324 22.13 0.86 -56.40
N ASN F 325 21.70 -0.20 -57.08
CA ASN F 325 21.15 -0.09 -58.43
C ASN F 325 19.67 -0.40 -58.51
N THR F 326 19.05 -0.86 -57.43
CA THR F 326 17.64 -1.18 -57.45
C THR F 326 16.80 0.08 -57.65
N ILE F 327 15.73 -0.05 -58.41
CA ILE F 327 14.83 1.07 -58.67
C ILE F 327 13.84 1.18 -57.52
N ILE F 328 13.66 2.40 -57.01
CA ILE F 328 12.82 2.66 -55.86
C ILE F 328 11.57 3.39 -56.32
N PHE F 329 10.41 2.88 -55.92
CA PHE F 329 9.13 3.49 -56.27
C PHE F 329 8.43 3.96 -55.00
N PHE F 330 7.94 5.20 -55.03
CA PHE F 330 7.09 5.75 -53.98
C PHE F 330 5.68 5.87 -54.55
N ALA F 331 4.79 5.02 -54.09
CA ALA F 331 3.40 4.99 -54.53
C ALA F 331 2.48 5.24 -53.36
N ASN F 332 1.24 5.62 -53.67
CA ASN F 332 0.27 5.95 -52.64
C ASN F 332 -0.22 4.68 -51.94
N SER F 333 -1.09 4.87 -50.96
CA SER F 333 -1.57 3.76 -50.16
C SER F 333 -2.37 2.77 -51.00
N SER F 334 -2.33 1.50 -50.59
CA SER F 334 -3.00 0.45 -51.34
C SER F 334 -4.50 0.45 -51.10
N GLY F 335 -4.91 0.27 -49.84
CA GLY F 335 -6.32 0.21 -49.54
C GLY F 335 -6.54 0.16 -48.05
N GLY F 336 -7.83 0.12 -47.67
CA GLY F 336 -8.27 0.11 -46.30
C GLY F 336 -9.32 1.16 -46.09
N ASP F 337 -9.46 1.60 -44.84
CA ASP F 337 -10.42 2.64 -44.50
C ASP F 337 -9.74 4.01 -44.57
N LEU F 338 -10.50 5.04 -44.22
CA LEU F 338 -10.01 6.41 -44.39
C LEU F 338 -8.79 6.68 -43.53
N GLU F 339 -8.77 6.14 -42.31
CA GLU F 339 -7.66 6.44 -41.39
C GLU F 339 -6.33 5.99 -41.94
N VAL F 340 -6.29 4.80 -42.56
CA VAL F 340 -5.02 4.23 -43.02
C VAL F 340 -4.65 4.74 -44.40
N THR F 341 -5.64 4.91 -45.29
CA THR F 341 -5.36 5.35 -46.65
C THR F 341 -5.07 6.83 -46.77
N THR F 342 -5.26 7.60 -45.69
CA THR F 342 -5.04 9.03 -45.70
C THR F 342 -4.16 9.42 -44.53
N HIS F 343 -3.51 10.58 -44.67
CA HIS F 343 -2.80 11.20 -43.55
C HIS F 343 -3.86 11.84 -42.66
N SER F 344 -4.13 11.20 -41.53
CA SER F 344 -5.16 11.66 -40.60
C SER F 344 -4.49 12.38 -39.44
N PHE F 345 -5.12 13.46 -38.99
CA PHE F 345 -4.57 14.23 -37.88
C PHE F 345 -5.65 15.18 -37.35
N ASN F 346 -5.28 15.94 -36.33
CA ASN F 346 -6.16 16.91 -35.70
C ASN F 346 -5.55 18.30 -35.86
N CYS F 347 -6.31 19.21 -36.46
CA CYS F 347 -5.89 20.59 -36.68
C CYS F 347 -6.89 21.50 -35.97
N GLY F 348 -6.43 22.16 -34.91
CA GLY F 348 -7.28 23.11 -34.21
C GLY F 348 -8.56 22.51 -33.69
N GLY F 349 -8.58 21.21 -33.45
CA GLY F 349 -9.76 20.53 -32.96
C GLY F 349 -10.58 19.81 -34.02
N GLU F 350 -10.33 20.08 -35.30
CA GLU F 350 -11.04 19.42 -36.37
C GLU F 350 -10.21 18.27 -36.92
N PHE F 351 -10.89 17.19 -37.30
CA PHE F 351 -10.24 15.95 -37.68
C PHE F 351 -10.11 15.88 -39.20
N PHE F 352 -8.88 16.00 -39.67
CA PHE F 352 -8.54 16.04 -41.09
C PHE F 352 -8.07 14.67 -41.56
N TYR F 353 -8.42 14.34 -42.80
CA TYR F 353 -7.93 13.16 -43.49
C TYR F 353 -7.51 13.61 -44.89
N CYS F 354 -6.21 13.59 -45.15
CA CYS F 354 -5.65 14.20 -46.34
C CYS F 354 -5.12 13.14 -47.30
N ASN F 355 -5.25 13.43 -48.59
CA ASN F 355 -4.84 12.54 -49.66
C ASN F 355 -3.36 12.75 -49.93
N THR F 356 -2.55 11.72 -49.66
CA THR F 356 -1.10 11.82 -49.77
C THR F 356 -0.58 11.28 -51.10
N SER F 357 -1.45 11.04 -52.07
CA SER F 357 -1.01 10.50 -53.36
C SER F 357 0.02 11.41 -54.02
N GLY F 358 -0.07 12.72 -53.80
CA GLY F 358 0.89 13.64 -54.37
C GLY F 358 2.25 13.65 -53.70
N LEU F 359 2.37 13.01 -52.54
CA LEU F 359 3.63 12.95 -51.82
C LEU F 359 4.46 11.72 -52.19
N PHE F 360 3.81 10.59 -52.42
CA PHE F 360 4.49 9.35 -52.78
C PHE F 360 4.05 8.99 -54.19
N ASN F 361 4.68 9.64 -55.17
CA ASN F 361 4.36 9.45 -56.58
C ASN F 361 5.63 9.52 -57.42
N SER F 362 6.70 8.88 -56.97
CA SER F 362 8.03 9.16 -57.50
C SER F 362 8.76 7.87 -57.87
N THR F 363 9.73 8.02 -58.76
CA THR F 363 10.60 6.94 -59.19
C THR F 363 12.06 7.37 -59.08
N TRP F 364 12.91 6.47 -58.60
CA TRP F 364 14.32 6.74 -58.39
C TRP F 364 15.14 5.60 -58.99
N ILE F 365 16.19 5.95 -59.73
CA ILE F 365 16.89 5.02 -60.61
C ILE F 365 18.38 4.91 -60.29
N SER F 366 18.89 5.66 -59.32
CA SER F 366 20.31 5.63 -58.97
C SER F 366 21.17 6.17 -60.11
N ASN F 367 20.83 7.37 -60.58
CA ASN F 367 21.63 8.04 -61.60
C ASN F 367 21.67 9.54 -61.35
N SER F 378 10.40 28.39 -57.60
CA SER F 378 10.57 26.98 -57.25
C SER F 378 9.60 26.57 -56.15
N ASN F 379 8.63 27.42 -55.86
CA ASN F 379 7.64 27.15 -54.81
C ASN F 379 6.39 26.55 -55.43
N ASP F 380 6.55 25.33 -55.95
CA ASP F 380 5.44 24.63 -56.57
C ASP F 380 4.41 24.17 -55.55
N SER F 381 4.82 23.99 -54.29
CA SER F 381 3.89 23.85 -53.17
C SER F 381 2.85 22.75 -53.41
N ILE F 382 3.36 21.52 -53.44
CA ILE F 382 2.49 20.34 -53.50
C ILE F 382 1.29 20.56 -52.59
N THR F 383 0.09 20.40 -53.15
CA THR F 383 -1.16 20.60 -52.43
C THR F 383 -1.89 19.27 -52.31
N LEU F 384 -2.26 18.91 -51.08
CA LEU F 384 -2.98 17.70 -50.78
C LEU F 384 -4.41 18.04 -50.40
N PRO F 385 -5.42 17.60 -51.16
CA PRO F 385 -6.80 17.81 -50.72
C PRO F 385 -7.10 17.02 -49.47
N CYS F 386 -7.96 17.59 -48.62
CA CYS F 386 -8.30 16.99 -47.35
C CYS F 386 -9.82 17.01 -47.15
N ARG F 387 -10.29 16.02 -46.40
CA ARG F 387 -11.67 15.95 -45.95
C ARG F 387 -11.69 16.05 -44.43
N ILE F 388 -12.86 16.41 -43.89
CA ILE F 388 -13.02 16.62 -42.46
C ILE F 388 -14.13 15.72 -41.96
N LYS F 389 -13.93 15.14 -40.77
CA LYS F 389 -14.94 14.31 -40.15
C LYS F 389 -15.24 14.79 -38.74
N GLN F 390 -16.48 14.57 -38.31
CA GLN F 390 -16.92 14.89 -36.97
C GLN F 390 -17.15 13.68 -36.09
N ILE F 391 -17.48 12.53 -36.69
CA ILE F 391 -17.66 11.28 -35.96
C ILE F 391 -16.36 10.50 -36.11
N ILE F 392 -15.68 10.27 -34.99
CA ILE F 392 -14.31 9.79 -34.99
C ILE F 392 -14.26 8.45 -34.26
N ASN F 393 -13.62 7.46 -34.88
CA ASN F 393 -13.33 6.18 -34.25
C ASN F 393 -11.82 6.11 -34.05
N MET F 394 -11.37 6.21 -32.81
CA MET F 394 -9.96 6.27 -32.47
C MET F 394 -9.45 4.91 -32.04
N TRP F 395 -8.13 4.75 -32.12
CA TRP F 395 -7.44 3.55 -31.66
C TRP F 395 -7.86 2.31 -32.41
N GLN F 396 -8.41 2.46 -33.61
CA GLN F 396 -8.89 1.34 -34.42
C GLN F 396 -9.97 0.55 -33.71
N ARG F 397 -10.63 1.15 -32.72
CA ARG F 397 -11.67 0.47 -31.97
C ARG F 397 -13.01 0.56 -32.70
N VAL F 398 -13.98 -0.18 -32.19
CA VAL F 398 -15.35 -0.17 -32.70
C VAL F 398 -16.31 -0.12 -31.52
N GLY F 399 -17.36 0.68 -31.66
CA GLY F 399 -18.36 0.81 -30.63
C GLY F 399 -18.11 1.90 -29.61
N GLN F 400 -17.11 2.74 -29.83
CA GLN F 400 -16.78 3.86 -28.94
C GLN F 400 -16.57 5.12 -29.75
N CYS F 401 -17.50 5.39 -30.67
CA CYS F 401 -17.36 6.54 -31.56
C CYS F 401 -17.41 7.84 -30.76
N MET F 402 -16.76 8.87 -31.30
CA MET F 402 -16.64 10.17 -30.66
C MET F 402 -17.05 11.24 -31.65
N TYR F 403 -17.81 12.22 -31.16
CA TYR F 403 -18.29 13.33 -31.99
C TYR F 403 -17.47 14.57 -31.68
N ALA F 404 -16.92 15.19 -32.71
CA ALA F 404 -16.10 16.38 -32.55
C ALA F 404 -16.92 17.61 -32.89
N PRO F 405 -17.22 18.49 -31.93
CA PRO F 405 -18.01 19.67 -32.25
C PRO F 405 -17.26 20.58 -33.19
N PRO F 406 -17.96 21.34 -34.03
CA PRO F 406 -17.27 22.22 -34.98
C PRO F 406 -16.53 23.35 -34.28
N ILE F 407 -15.48 23.82 -34.95
CA ILE F 407 -14.67 24.93 -34.47
C ILE F 407 -15.06 26.17 -35.26
N GLN F 408 -15.37 27.25 -34.54
CA GLN F 408 -15.86 28.47 -35.18
C GLN F 408 -14.71 29.24 -35.82
N GLY F 409 -14.92 29.67 -37.06
CA GLY F 409 -13.95 30.49 -37.76
C GLY F 409 -13.22 29.76 -38.86
N VAL F 410 -12.02 30.25 -39.18
CA VAL F 410 -11.16 29.65 -40.20
C VAL F 410 -9.98 29.01 -39.50
N ILE F 411 -9.63 27.80 -39.93
CA ILE F 411 -8.63 26.99 -39.24
C ILE F 411 -7.35 26.95 -40.06
N ARG F 412 -6.23 27.22 -39.40
CA ARG F 412 -4.91 27.10 -40.01
C ARG F 412 -3.95 26.53 -38.99
N CYS F 413 -3.19 25.51 -39.38
CA CYS F 413 -2.15 24.93 -38.54
C CYS F 413 -0.91 24.71 -39.36
N VAL F 414 0.25 24.81 -38.70
CA VAL F 414 1.55 24.57 -39.32
C VAL F 414 2.27 23.54 -38.48
N SER F 415 2.73 22.47 -39.12
CA SER F 415 3.37 21.36 -38.43
C SER F 415 4.66 20.98 -39.14
N ASN F 416 5.46 20.16 -38.47
CA ASN F 416 6.69 19.64 -39.02
C ASN F 416 6.54 18.13 -39.22
N ILE F 417 6.69 17.69 -40.47
CA ILE F 417 6.90 16.28 -40.74
C ILE F 417 8.33 15.95 -40.35
N THR F 418 8.48 15.07 -39.36
CA THR F 418 9.77 14.62 -38.87
C THR F 418 10.05 13.17 -39.20
N GLY F 419 9.09 12.45 -39.76
CA GLY F 419 9.29 11.04 -40.07
C GLY F 419 8.12 10.49 -40.84
N LEU F 420 8.26 9.21 -41.20
CA LEU F 420 7.29 8.50 -42.00
C LEU F 420 7.12 7.08 -41.48
N ILE F 421 5.97 6.49 -41.80
CA ILE F 421 5.74 5.07 -41.62
C ILE F 421 5.45 4.49 -43.01
N LEU F 422 6.24 3.50 -43.40
CA LEU F 422 6.21 2.95 -44.75
C LEU F 422 6.00 1.45 -44.69
N THR F 423 5.52 0.91 -45.80
CA THR F 423 5.37 -0.53 -46.00
C THR F 423 5.90 -0.89 -47.37
N ARG F 424 6.59 -2.01 -47.45
CA ARG F 424 7.17 -2.49 -48.70
C ARG F 424 6.30 -3.59 -49.28
N ASP F 425 6.10 -3.54 -50.60
CA ASP F 425 5.36 -4.59 -51.27
C ASP F 425 6.20 -5.87 -51.34
N GLY F 426 5.51 -6.98 -51.58
CA GLY F 426 6.16 -8.27 -51.61
C GLY F 426 7.36 -8.31 -52.53
N GLY F 427 7.20 -7.79 -53.76
CA GLY F 427 8.26 -7.68 -54.71
C GLY F 427 8.41 -8.87 -55.63
N SER F 428 7.77 -10.01 -55.31
CA SER F 428 7.82 -11.23 -56.11
C SER F 428 9.20 -11.84 -56.16
N THR F 429 10.13 -11.39 -55.33
CA THR F 429 11.51 -11.88 -55.26
C THR F 429 12.30 -11.59 -56.53
N ASN F 430 11.77 -10.77 -57.44
CA ASN F 430 12.53 -10.42 -58.63
C ASN F 430 13.78 -9.62 -58.28
N SER F 431 13.70 -8.77 -57.26
CA SER F 431 14.79 -7.96 -56.73
C SER F 431 15.17 -6.81 -57.66
N THR F 432 14.50 -6.65 -58.80
CA THR F 432 14.85 -5.56 -59.71
C THR F 432 14.35 -4.22 -59.18
N THR F 433 13.18 -4.20 -58.55
CA THR F 433 12.57 -2.96 -58.11
C THR F 433 11.95 -3.15 -56.73
N GLU F 434 11.86 -2.05 -55.99
CA GLU F 434 11.18 -2.02 -54.70
C GLU F 434 10.27 -0.80 -54.66
N THR F 435 9.05 -1.01 -54.17
CA THR F 435 8.05 0.04 -54.06
C THR F 435 7.63 0.19 -52.61
N PHE F 436 7.57 1.42 -52.13
CA PHE F 436 7.19 1.73 -50.76
C PHE F 436 5.92 2.57 -50.75
N ARG F 437 5.02 2.26 -49.82
CA ARG F 437 3.75 2.95 -49.70
C ARG F 437 3.57 3.46 -48.28
N PRO F 438 2.90 4.59 -48.10
CA PRO F 438 2.64 5.06 -46.74
C PRO F 438 1.76 4.07 -45.98
N GLY F 439 2.03 3.93 -44.69
CA GLY F 439 1.28 3.03 -43.85
C GLY F 439 0.93 3.65 -42.51
N GLY F 440 0.55 2.81 -41.54
CA GLY F 440 0.22 3.30 -40.22
C GLY F 440 -0.95 2.58 -39.58
N GLY F 441 -1.82 3.35 -38.93
CA GLY F 441 -2.95 2.78 -38.23
C GLY F 441 -2.65 2.52 -36.77
N ASP F 442 -1.70 1.61 -36.51
CA ASP F 442 -1.30 1.28 -35.14
C ASP F 442 -0.44 2.41 -34.59
N MET F 443 -0.94 3.11 -33.57
CA MET F 443 -0.21 4.23 -33.00
C MET F 443 1.03 3.79 -32.25
N ARG F 444 1.19 2.50 -31.97
CA ARG F 444 2.38 2.04 -31.26
C ARG F 444 3.65 2.39 -32.02
N ASP F 445 3.59 2.41 -33.34
CA ASP F 445 4.75 2.84 -34.12
C ASP F 445 5.07 4.31 -33.87
N ASN F 446 4.04 5.14 -33.72
CA ASN F 446 4.26 6.55 -33.42
C ASN F 446 5.02 6.71 -32.10
N TRP F 447 4.64 5.93 -31.08
CA TRP F 447 5.34 6.00 -29.81
C TRP F 447 6.75 5.44 -29.94
N ARG F 448 6.91 4.35 -30.70
CA ARG F 448 8.24 3.79 -30.92
C ARG F 448 9.16 4.80 -31.58
N SER F 449 8.61 5.68 -32.41
CA SER F 449 9.42 6.70 -33.07
C SER F 449 10.09 7.62 -32.07
N GLU F 450 9.59 7.69 -30.84
CA GLU F 450 10.14 8.55 -29.81
C GLU F 450 10.80 7.80 -28.66
N LEU F 451 10.36 6.58 -28.37
CA LEU F 451 10.86 5.81 -27.25
C LEU F 451 11.91 4.79 -27.67
N TYR F 452 12.38 4.86 -28.93
CA TYR F 452 13.33 3.87 -29.41
C TYR F 452 14.63 3.89 -28.61
N LYS F 453 14.96 5.03 -28.01
CA LYS F 453 16.25 5.22 -27.35
C LYS F 453 16.19 4.97 -25.86
N TYR F 454 15.06 4.52 -25.33
CA TYR F 454 14.86 4.33 -23.90
C TYR F 454 14.58 2.87 -23.59
N LYS F 455 15.06 2.43 -22.43
CA LYS F 455 14.71 1.11 -21.91
C LYS F 455 14.62 1.19 -20.40
N VAL F 456 13.91 0.22 -19.82
CA VAL F 456 13.69 0.15 -18.38
C VAL F 456 14.43 -1.06 -17.83
N VAL F 457 15.13 -0.86 -16.71
CA VAL F 457 15.87 -1.93 -16.06
C VAL F 457 15.55 -1.95 -14.58
N LYS F 458 15.67 -3.14 -13.98
CA LYS F 458 15.44 -3.36 -12.57
C LYS F 458 16.78 -3.57 -11.88
N ILE F 459 16.99 -2.84 -10.79
CA ILE F 459 18.25 -2.88 -10.07
C ILE F 459 18.33 -4.12 -9.21
N GLU F 460 19.50 -4.76 -9.22
CA GLU F 460 19.79 -5.89 -8.33
C GLU F 460 20.88 -5.44 -7.36
N PRO F 461 20.55 -4.99 -6.15
CA PRO F 461 21.53 -4.30 -5.32
C PRO F 461 22.42 -5.22 -4.48
N LEU F 462 22.19 -6.52 -4.48
CA LEU F 462 22.95 -7.45 -3.65
C LEU F 462 24.05 -8.10 -4.49
N GLY F 463 25.26 -8.09 -3.95
CA GLY F 463 26.38 -8.75 -4.58
C GLY F 463 27.20 -9.52 -3.57
N VAL F 464 27.85 -10.58 -4.04
CA VAL F 464 28.70 -11.42 -3.21
C VAL F 464 30.03 -11.60 -3.94
N ALA F 465 31.12 -11.33 -3.24
CA ALA F 465 32.44 -11.38 -3.85
C ALA F 465 33.44 -11.91 -2.85
N PRO F 466 34.58 -12.43 -3.31
CA PRO F 466 35.58 -12.93 -2.37
C PRO F 466 36.48 -11.83 -1.85
N THR F 467 36.81 -11.92 -0.56
CA THR F 467 37.78 -11.03 0.05
C THR F 467 38.56 -11.82 1.09
N ARG F 468 39.49 -11.14 1.75
CA ARG F 468 40.21 -11.71 2.88
C ARG F 468 39.56 -11.37 4.21
N CYS F 469 38.41 -10.70 4.19
CA CYS F 469 37.70 -10.33 5.40
C CYS F 469 36.91 -11.53 5.90
N LYS F 470 37.03 -11.82 7.19
CA LYS F 470 36.37 -12.95 7.83
C LYS F 470 35.60 -12.47 9.04
N ARG F 471 34.36 -12.95 9.19
CA ARG F 471 33.53 -12.49 10.28
C ARG F 471 34.07 -13.00 11.63
N ARG F 472 33.84 -12.20 12.66
CA ARG F 472 34.25 -12.58 14.00
C ARG F 472 33.38 -13.72 14.52
N VAL F 473 33.93 -14.48 15.47
CA VAL F 473 33.24 -15.61 16.05
C VAL F 473 32.80 -15.29 17.47
N GLN G 1 -2.70 -57.34 25.81
CA GLN G 1 -1.31 -57.36 25.27
C GLN G 1 -1.27 -56.81 23.84
N VAL G 2 -0.07 -56.64 23.31
CA VAL G 2 0.11 -56.15 21.94
C VAL G 2 -0.26 -57.29 21.00
N GLN G 3 -1.36 -57.11 20.26
CA GLN G 3 -1.92 -58.16 19.41
C GLN G 3 -1.99 -57.68 17.98
N LEU G 4 -1.54 -58.51 17.05
CA LEU G 4 -1.63 -58.25 15.62
C LEU G 4 -2.35 -59.42 14.96
N VAL G 5 -3.41 -59.13 14.23
CA VAL G 5 -4.15 -60.13 13.46
C VAL G 5 -4.10 -59.73 12.00
N GLU G 6 -3.76 -60.70 11.14
CA GLU G 6 -3.58 -60.47 9.73
C GLU G 6 -4.68 -61.18 8.95
N SER G 7 -5.12 -60.55 7.86
CA SER G 7 -6.20 -61.09 7.05
C SER G 7 -6.07 -60.56 5.63
N GLY G 8 -6.96 -61.00 4.76
CA GLY G 8 -6.97 -60.58 3.37
C GLY G 8 -6.19 -61.45 2.42
N GLY G 9 -5.63 -62.57 2.89
CA GLY G 9 -4.85 -63.45 2.05
C GLY G 9 -5.70 -64.54 1.44
N GLY G 10 -5.59 -64.69 0.12
CA GLY G 10 -6.33 -65.70 -0.60
C GLY G 10 -5.56 -66.31 -1.75
N VAL G 11 -6.19 -66.39 -2.91
CA VAL G 11 -5.58 -66.96 -4.12
C VAL G 11 -5.78 -65.98 -5.27
N VAL G 12 -4.72 -65.77 -6.04
CA VAL G 12 -4.76 -64.84 -7.17
C VAL G 12 -3.82 -65.35 -8.24
N GLN G 13 -4.22 -65.16 -9.50
CA GLN G 13 -3.39 -65.58 -10.62
C GLN G 13 -2.17 -64.69 -10.75
N PRO G 14 -1.09 -65.18 -11.36
CA PRO G 14 0.08 -64.34 -11.58
C PRO G 14 -0.26 -63.13 -12.43
N GLY G 15 0.38 -62.00 -12.12
CA GLY G 15 0.09 -60.75 -12.77
C GLY G 15 -1.13 -60.02 -12.24
N GLY G 16 -1.79 -60.57 -11.22
CA GLY G 16 -2.94 -59.93 -10.61
C GLY G 16 -2.54 -59.01 -9.47
N SER G 17 -3.47 -58.85 -8.53
CA SER G 17 -3.23 -58.00 -7.38
C SER G 17 -3.96 -58.56 -6.17
N LEU G 18 -3.45 -58.24 -4.98
CA LEU G 18 -4.09 -58.66 -3.74
C LEU G 18 -3.76 -57.63 -2.66
N ARG G 19 -4.62 -57.59 -1.64
CA ARG G 19 -4.47 -56.65 -0.54
C ARG G 19 -4.49 -57.42 0.78
N LEU G 20 -3.50 -57.16 1.62
CA LEU G 20 -3.41 -57.76 2.96
C LEU G 20 -3.61 -56.68 4.00
N SER G 21 -4.43 -56.97 5.01
CA SER G 21 -4.77 -56.02 6.05
C SER G 21 -4.39 -56.60 7.41
N CYS G 22 -3.74 -55.79 8.24
CA CYS G 22 -3.36 -56.17 9.59
C CYS G 22 -4.01 -55.20 10.57
N ALA G 23 -4.73 -55.75 11.54
CA ALA G 23 -5.37 -54.94 12.58
C ALA G 23 -4.54 -54.99 13.84
N ALA G 24 -4.25 -53.82 14.39
CA ALA G 24 -3.37 -53.67 15.54
C ALA G 24 -4.16 -53.24 16.77
N SER G 25 -3.76 -53.75 17.93
CA SER G 25 -4.42 -53.41 19.18
C SER G 25 -3.43 -53.59 20.32
N GLY G 26 -3.74 -52.95 21.45
CA GLY G 26 -2.92 -53.04 22.64
C GLY G 26 -1.77 -52.05 22.70
N PHE G 27 -1.61 -51.20 21.70
CA PHE G 27 -0.53 -50.22 21.69
C PHE G 27 -0.92 -49.07 20.78
N ALA G 28 -0.17 -47.97 20.89
CA ALA G 28 -0.38 -46.80 20.06
C ALA G 28 0.13 -47.10 18.65
N PHE G 29 -0.80 -47.32 17.73
CA PHE G 29 -0.42 -47.67 16.36
C PHE G 29 0.38 -46.55 15.70
N LYS G 30 -0.04 -45.30 15.93
CA LYS G 30 0.60 -44.17 15.27
C LYS G 30 2.03 -43.94 15.73
N ASP G 31 2.41 -44.43 16.91
CA ASP G 31 3.69 -44.12 17.51
C ASP G 31 4.80 -45.08 17.08
N PHE G 32 4.51 -46.07 16.24
CA PHE G 32 5.49 -47.07 15.87
C PHE G 32 5.42 -47.34 14.37
N GLY G 33 6.58 -47.59 13.77
CA GLY G 33 6.62 -48.08 12.41
C GLY G 33 6.28 -49.55 12.32
N MET G 34 5.92 -49.99 11.13
CA MET G 34 5.48 -51.36 10.91
C MET G 34 6.19 -51.94 9.70
N HIS G 35 6.46 -53.25 9.77
CA HIS G 35 7.14 -53.98 8.72
C HIS G 35 6.22 -55.05 8.13
N TRP G 36 6.43 -55.33 6.85
CA TRP G 36 5.83 -56.49 6.20
C TRP G 36 6.96 -57.48 5.91
N VAL G 37 6.82 -58.69 6.45
CA VAL G 37 7.85 -59.72 6.33
C VAL G 37 7.23 -60.97 5.72
N ARG G 38 7.98 -61.62 4.84
CA ARG G 38 7.49 -62.76 4.07
C ARG G 38 8.31 -63.99 4.41
N GLN G 39 7.63 -65.10 4.65
CA GLN G 39 8.26 -66.40 4.90
C GLN G 39 7.87 -67.32 3.74
N ALA G 40 8.78 -67.49 2.79
CA ALA G 40 8.54 -68.41 1.70
C ALA G 40 8.43 -69.84 2.25
N PRO G 41 7.61 -70.68 1.64
CA PRO G 41 7.37 -72.02 2.21
C PRO G 41 8.65 -72.83 2.29
N GLY G 42 9.06 -73.15 3.52
CA GLY G 42 10.24 -73.95 3.74
C GLY G 42 11.55 -73.19 3.70
N LYS G 43 11.51 -71.88 3.49
CA LYS G 43 12.71 -71.05 3.40
C LYS G 43 12.81 -70.14 4.63
N GLY G 44 13.83 -69.28 4.64
CA GLY G 44 14.02 -68.37 5.75
C GLY G 44 13.19 -67.10 5.61
N LEU G 45 13.21 -66.31 6.69
CA LEU G 45 12.48 -65.06 6.70
C LEU G 45 13.11 -64.05 5.76
N GLU G 46 12.28 -63.23 5.12
CA GLU G 46 12.74 -62.20 4.20
C GLU G 46 11.90 -60.95 4.41
N TRP G 47 12.56 -59.86 4.80
CA TRP G 47 11.86 -58.59 4.97
C TRP G 47 11.40 -58.06 3.63
N VAL G 48 10.19 -57.49 3.61
CA VAL G 48 9.56 -57.01 2.38
C VAL G 48 9.51 -55.48 2.34
N ALA G 49 8.82 -54.87 3.30
CA ALA G 49 8.62 -53.42 3.26
C ALA G 49 8.41 -52.91 4.68
N VAL G 50 8.59 -51.61 4.84
CA VAL G 50 8.41 -50.92 6.12
C VAL G 50 7.82 -49.55 5.86
N ILE G 51 7.00 -49.09 6.80
CA ILE G 51 6.39 -47.77 6.75
C ILE G 51 6.59 -47.10 8.11
N GLY G 52 6.92 -45.81 8.08
CA GLY G 52 7.15 -45.08 9.31
C GLY G 52 5.85 -44.81 10.06
N GLY G 53 6.01 -44.37 11.30
CA GLY G 53 4.90 -44.07 12.15
C GLY G 53 4.23 -42.75 11.79
N GLY G 54 3.22 -42.39 12.58
CA GLY G 54 2.50 -41.16 12.31
C GLY G 54 1.79 -41.23 10.96
N HIS G 55 2.04 -40.24 10.13
CA HIS G 55 1.40 -40.17 8.82
C HIS G 55 2.00 -41.14 7.81
N GLY G 56 3.07 -41.84 8.17
CA GLY G 56 3.67 -42.80 7.26
C GLY G 56 4.25 -42.16 6.02
N GLN G 57 4.99 -41.08 6.19
CA GLN G 57 5.60 -40.37 5.08
C GLN G 57 6.84 -41.04 4.53
N HIS G 58 7.32 -42.11 5.17
CA HIS G 58 8.50 -42.83 4.71
C HIS G 58 8.10 -44.27 4.42
N GLN G 59 8.53 -44.78 3.27
CA GLN G 59 8.29 -46.17 2.88
C GLN G 59 9.54 -46.71 2.22
N SER G 60 9.98 -47.89 2.65
CA SER G 60 11.13 -48.56 2.08
C SER G 60 10.73 -49.98 1.70
N TYR G 61 11.07 -50.37 0.47
CA TYR G 61 10.71 -51.67 -0.07
C TYR G 61 11.96 -52.45 -0.44
N SER G 62 11.88 -53.76 -0.31
CA SER G 62 12.97 -54.62 -0.74
C SER G 62 13.12 -54.57 -2.25
N GLU G 63 14.37 -54.69 -2.71
CA GLU G 63 14.64 -54.62 -4.14
C GLU G 63 13.87 -55.71 -4.90
N SER G 64 13.70 -56.88 -4.28
CA SER G 64 12.95 -57.95 -4.93
C SER G 64 11.53 -57.52 -5.24
N VAL G 65 10.93 -56.74 -4.34
CA VAL G 65 9.55 -56.29 -4.49
C VAL G 65 9.47 -54.81 -4.86
N LYS G 66 10.60 -54.15 -5.04
CA LYS G 66 10.58 -52.73 -5.37
C LYS G 66 9.90 -52.49 -6.71
N GLY G 67 9.06 -51.46 -6.77
CA GLY G 67 8.38 -51.09 -7.98
C GLY G 67 7.05 -51.77 -8.21
N ARG G 68 6.68 -52.75 -7.38
CA ARG G 68 5.42 -53.46 -7.52
C ARG G 68 4.66 -53.63 -6.21
N PHE G 69 5.26 -53.28 -5.08
CA PHE G 69 4.61 -53.34 -3.78
C PHE G 69 4.40 -51.94 -3.23
N ALA G 70 3.34 -51.78 -2.44
CA ALA G 70 3.05 -50.51 -1.80
C ALA G 70 2.50 -50.76 -0.39
N ILE G 71 3.04 -50.04 0.58
CA ILE G 71 2.63 -50.16 1.97
C ILE G 71 1.86 -48.92 2.37
N THR G 72 0.94 -49.08 3.31
CA THR G 72 0.05 -48.00 3.70
C THR G 72 -0.51 -48.29 5.08
N ARG G 73 -0.84 -47.21 5.81
CA ARG G 73 -1.41 -47.30 7.13
C ARG G 73 -2.79 -46.64 7.15
N ASP G 74 -3.51 -46.89 8.24
CA ASP G 74 -4.74 -46.15 8.57
C ASP G 74 -4.79 -46.07 10.09
N ASN G 75 -4.27 -44.98 10.64
CA ASN G 75 -4.14 -44.87 12.09
C ASN G 75 -5.50 -44.86 12.76
N GLU G 76 -6.51 -44.24 12.13
CA GLU G 76 -7.86 -44.28 12.69
C GLU G 76 -8.39 -45.71 12.72
N LYS G 77 -8.13 -46.48 11.66
CA LYS G 77 -8.56 -47.86 11.59
C LYS G 77 -7.59 -48.82 12.28
N ASN G 78 -6.38 -48.36 12.62
CA ASN G 78 -5.34 -49.25 13.13
C ASN G 78 -5.07 -50.39 12.16
N LYS G 79 -5.06 -50.07 10.87
CA LYS G 79 -4.90 -51.05 9.81
C LYS G 79 -3.64 -50.79 9.02
N LEU G 80 -2.96 -51.87 8.64
CA LEU G 80 -1.79 -51.83 7.78
C LEU G 80 -2.11 -52.56 6.50
N TYR G 81 -1.94 -51.89 5.36
CA TYR G 81 -2.28 -52.43 4.06
C TYR G 81 -1.04 -52.60 3.20
N LEU G 82 -0.95 -53.75 2.53
CA LEU G 82 0.06 -54.00 1.51
C LEU G 82 -0.64 -54.26 0.18
N HIS G 83 -0.23 -53.50 -0.83
CA HIS G 83 -0.90 -53.60 -2.15
C HIS G 83 0.01 -54.37 -3.08
N MET G 84 -0.15 -55.68 -3.06
CA MET G 84 0.61 -56.54 -3.96
C MET G 84 0.06 -56.41 -5.37
N ASP G 85 0.89 -55.93 -6.28
CA ASP G 85 0.52 -55.77 -7.68
C ASP G 85 1.55 -56.46 -8.55
N ARG G 86 1.08 -57.02 -9.67
CA ARG G 86 1.95 -57.72 -10.62
C ARG G 86 2.68 -58.86 -9.91
N LEU G 87 1.88 -59.79 -9.39
CA LEU G 87 2.42 -60.90 -8.61
C LEU G 87 3.14 -61.89 -9.52
N ARG G 88 4.03 -62.67 -8.92
CA ARG G 88 4.83 -63.66 -9.65
C ARG G 88 4.84 -64.96 -8.87
N THR G 89 5.36 -66.01 -9.51
CA THR G 89 5.28 -67.35 -8.93
C THR G 89 5.99 -67.43 -7.58
N GLU G 90 7.06 -66.64 -7.41
CA GLU G 90 7.83 -66.72 -6.17
C GLU G 90 7.19 -65.94 -5.03
N ASP G 91 6.24 -65.05 -5.33
CA ASP G 91 5.62 -64.26 -4.28
C ASP G 91 4.79 -65.10 -3.33
N THR G 92 4.39 -66.31 -3.73
CA THR G 92 3.61 -67.17 -2.86
C THR G 92 4.40 -67.47 -1.58
N ALA G 93 3.81 -67.10 -0.44
CA ALA G 93 4.49 -67.26 0.84
C ALA G 93 3.57 -66.88 1.99
N VAL G 94 4.05 -67.01 3.22
CA VAL G 94 3.34 -66.56 4.41
C VAL G 94 3.85 -65.17 4.75
N TYR G 95 2.93 -64.20 4.79
CA TYR G 95 3.28 -62.80 5.01
C TYR G 95 2.94 -62.42 6.45
N TYR G 96 3.93 -61.85 7.15
CA TYR G 96 3.77 -61.39 8.51
C TYR G 96 3.89 -59.86 8.57
N CYS G 97 3.12 -59.27 9.48
CA CYS G 97 3.26 -57.86 9.83
C CYS G 97 3.73 -57.77 11.27
N ALA G 98 4.78 -56.99 11.50
CA ALA G 98 5.41 -56.91 12.81
C ALA G 98 5.57 -55.45 13.21
N LYS G 99 5.51 -55.21 14.51
CA LYS G 99 5.69 -53.88 15.07
C LYS G 99 7.16 -53.63 15.34
N ASP G 100 7.65 -52.49 14.85
CA ASP G 100 9.04 -52.10 15.10
C ASP G 100 9.17 -51.49 16.49
N ARG G 101 10.33 -51.72 17.10
CA ARG G 101 10.60 -51.13 18.41
C ARG G 101 10.55 -49.60 18.35
N LEU G 102 10.80 -49.04 17.18
CA LEU G 102 10.77 -47.60 16.98
C LEU G 102 10.34 -47.36 15.52
N GLY G 103 10.57 -46.16 15.02
CA GLY G 103 10.07 -45.74 13.72
C GLY G 103 9.23 -44.49 13.79
N ARG G 104 9.02 -43.93 14.98
CA ARG G 104 8.28 -42.69 15.10
C ARG G 104 9.01 -41.58 14.35
N PRO G 105 8.31 -40.78 13.54
CA PRO G 105 8.99 -39.66 12.89
C PRO G 105 9.59 -38.72 13.92
N TRP G 106 10.80 -38.24 13.64
CA TRP G 106 11.53 -37.37 14.54
C TRP G 106 12.05 -36.17 13.77
N ASN G 107 12.11 -35.03 14.46
CA ASN G 107 12.66 -33.80 13.89
C ASN G 107 14.09 -33.68 14.37
N ILE G 108 15.04 -33.96 13.48
CA ILE G 108 16.46 -33.89 13.77
C ILE G 108 17.09 -32.95 12.75
N GLY G 109 17.59 -31.81 13.22
CA GLY G 109 18.18 -30.84 12.32
C GLY G 109 17.21 -30.31 11.27
N GLY G 110 15.95 -30.11 11.66
CA GLY G 110 14.96 -29.62 10.72
C GLY G 110 14.58 -30.61 9.64
N ARG G 111 14.80 -31.90 9.88
CA ARG G 111 14.51 -32.94 8.91
C ARG G 111 13.68 -34.04 9.57
N LEU G 112 12.85 -34.68 8.75
CA LEU G 112 12.05 -35.82 9.20
C LEU G 112 12.88 -37.09 9.05
N VAL G 113 13.20 -37.73 10.16
CA VAL G 113 14.02 -38.93 10.16
C VAL G 113 13.33 -40.00 11.00
N TYR G 114 13.47 -41.25 10.54
CA TYR G 114 12.87 -42.40 11.20
C TYR G 114 13.97 -43.36 11.60
N TYR G 115 13.99 -43.77 12.87
CA TYR G 115 14.94 -44.75 13.37
C TYR G 115 14.21 -46.08 13.56
N TYR G 116 14.61 -47.07 12.77
CA TYR G 116 14.04 -48.41 12.86
C TYR G 116 15.00 -49.32 13.58
N TYR G 117 14.50 -50.00 14.62
CA TYR G 117 15.33 -50.83 15.48
C TYR G 117 14.88 -52.30 15.44
N GLY G 118 14.29 -52.72 14.31
CA GLY G 118 13.93 -54.11 14.13
C GLY G 118 12.46 -54.40 14.33
N MET G 119 12.16 -55.61 14.80
CA MET G 119 10.78 -56.05 15.01
C MET G 119 10.69 -56.72 16.38
N ASP G 120 9.80 -56.22 17.23
CA ASP G 120 9.64 -56.75 18.58
C ASP G 120 8.43 -57.69 18.70
N VAL G 121 7.33 -57.38 18.02
CA VAL G 121 6.12 -58.19 18.08
C VAL G 121 5.70 -58.51 16.65
N TRP G 122 5.41 -59.78 16.41
CA TRP G 122 4.95 -60.25 15.11
C TRP G 122 3.46 -60.59 15.18
N GLY G 123 2.86 -60.75 14.01
CA GLY G 123 1.49 -61.19 13.93
C GLY G 123 1.38 -62.68 14.17
N GLN G 124 0.47 -63.35 13.45
CA GLN G 124 0.33 -64.80 13.55
C GLN G 124 0.47 -65.51 12.21
N GLY G 125 0.34 -64.79 11.10
CA GLY G 125 0.58 -65.37 9.78
C GLY G 125 -0.61 -65.29 8.84
N THR G 126 -0.35 -64.97 7.58
CA THR G 126 -1.39 -65.00 6.56
C THR G 126 -0.75 -65.45 5.25
N THR G 127 -1.29 -66.52 4.68
CA THR G 127 -0.68 -67.18 3.53
C THR G 127 -1.29 -66.65 2.24
N VAL G 128 -0.42 -66.34 1.28
CA VAL G 128 -0.83 -65.99 -0.08
C VAL G 128 -0.36 -67.09 -1.02
N THR G 129 -1.14 -67.32 -2.06
CA THR G 129 -0.85 -68.40 -3.01
C THR G 129 -1.19 -67.94 -4.42
N VAL G 130 -0.24 -68.12 -5.32
CA VAL G 130 -0.42 -67.77 -6.73
C VAL G 130 -0.41 -69.06 -7.55
N SER G 131 -1.39 -69.19 -8.45
CA SER G 131 -1.54 -70.40 -9.23
C SER G 131 -2.11 -70.06 -10.59
N SER G 132 -1.94 -70.98 -11.54
CA SER G 132 -2.44 -70.80 -12.89
C SER G 132 -2.39 -72.12 -13.66
N ALA H 1 23.26 -55.81 0.19
CA ALA H 1 24.63 -55.25 0.33
C ALA H 1 25.36 -55.92 1.49
N ILE H 2 24.65 -56.16 2.58
CA ILE H 2 25.19 -56.81 3.76
C ILE H 2 24.68 -58.24 3.79
N ARG H 3 25.61 -59.19 3.77
CA ARG H 3 25.28 -60.61 3.72
C ARG H 3 25.44 -61.21 5.12
N MET H 4 24.44 -61.97 5.54
CA MET H 4 24.32 -62.44 6.91
C MET H 4 24.28 -63.96 6.88
N THR H 5 25.23 -64.60 7.58
CA THR H 5 25.37 -66.04 7.56
C THR H 5 25.36 -66.58 8.98
N GLN H 6 24.58 -67.64 9.20
CA GLN H 6 24.47 -68.31 10.49
C GLN H 6 25.15 -69.67 10.38
N SER H 7 25.95 -70.01 11.38
CA SER H 7 26.61 -71.31 11.43
C SER H 7 26.45 -71.93 12.81
N PRO H 8 26.32 -73.26 12.89
CA PRO H 8 26.17 -74.23 11.80
C PRO H 8 24.74 -74.27 11.29
N SER H 9 24.48 -75.00 10.19
CA SER H 9 23.13 -75.06 9.66
C SER H 9 22.16 -75.68 10.66
N SER H 10 22.59 -76.76 11.33
CA SER H 10 21.74 -77.44 12.31
C SER H 10 22.60 -77.89 13.48
N LEU H 11 21.95 -78.06 14.64
CA LEU H 11 22.63 -78.48 15.86
C LEU H 11 21.79 -79.52 16.57
N SER H 12 22.44 -80.61 16.99
CA SER H 12 21.85 -81.61 17.86
C SER H 12 22.64 -81.62 19.16
N ALA H 13 21.98 -81.27 20.26
CA ALA H 13 22.65 -81.11 21.55
C ALA H 13 21.85 -81.78 22.64
N SER H 14 22.54 -82.18 23.71
CA SER H 14 21.90 -82.84 24.83
C SER H 14 21.10 -81.84 25.66
N VAL H 15 20.34 -82.37 26.61
CA VAL H 15 19.52 -81.56 27.50
C VAL H 15 20.44 -81.05 28.61
N GLY H 16 20.78 -79.76 28.54
CA GLY H 16 21.59 -79.14 29.58
C GLY H 16 23.03 -78.93 29.19
N ASP H 17 23.27 -78.51 27.95
CA ASP H 17 24.62 -78.23 27.47
C ASP H 17 24.62 -76.92 26.71
N ARG H 18 25.78 -76.27 26.68
CA ARG H 18 25.91 -75.01 25.97
C ARG H 18 25.65 -75.21 24.48
N VAL H 19 24.87 -74.30 23.90
CA VAL H 19 24.63 -74.27 22.46
C VAL H 19 25.04 -72.91 21.96
N THR H 20 25.94 -72.88 20.98
CA THR H 20 26.51 -71.65 20.45
C THR H 20 26.24 -71.57 18.95
N ILE H 21 25.76 -70.43 18.50
CA ILE H 21 25.52 -70.16 17.09
C ILE H 21 26.31 -68.92 16.70
N THR H 22 27.12 -69.03 15.65
CA THR H 22 27.95 -67.93 15.18
C THR H 22 27.25 -67.21 14.05
N CYS H 23 27.33 -65.88 14.06
CA CYS H 23 26.71 -65.03 13.06
C CYS H 23 27.77 -64.13 12.43
N GLN H 24 27.86 -64.18 11.10
CA GLN H 24 28.89 -63.47 10.35
C GLN H 24 28.23 -62.49 9.40
N ALA H 25 28.75 -61.27 9.34
CA ALA H 25 28.25 -60.21 8.48
C ALA H 25 29.33 -59.76 7.51
N SER H 26 28.93 -59.53 6.26
CA SER H 26 29.89 -59.07 5.26
C SER H 26 30.48 -57.72 5.65
N GLN H 27 29.63 -56.80 6.12
CA GLN H 27 30.05 -55.48 6.55
C GLN H 27 29.71 -55.28 8.01
N ASP H 28 30.54 -54.49 8.70
CA ASP H 28 30.37 -54.29 10.13
C ASP H 28 29.08 -53.52 10.42
N ILE H 29 28.34 -54.00 11.42
CA ILE H 29 27.16 -53.32 11.93
C ILE H 29 27.35 -52.91 13.39
N LYS H 30 27.98 -53.77 14.18
CA LYS H 30 28.64 -53.47 15.45
C LYS H 30 27.69 -53.12 16.59
N LYS H 31 26.42 -52.86 16.28
CA LYS H 31 25.38 -52.91 17.30
C LYS H 31 24.03 -53.42 16.80
N SER H 32 23.80 -53.49 15.49
CA SER H 32 22.46 -53.71 14.95
C SER H 32 22.25 -55.20 14.70
N LEU H 33 21.85 -55.90 15.75
CA LEU H 33 21.54 -57.31 15.64
C LEU H 33 20.32 -57.65 16.48
N ASN H 34 19.48 -58.52 15.94
CA ASN H 34 18.32 -59.06 16.63
C ASN H 34 18.32 -60.57 16.51
N TRP H 35 17.99 -61.23 17.62
CA TRP H 35 17.94 -62.69 17.68
C TRP H 35 16.47 -63.11 17.80
N TYR H 36 15.96 -63.78 16.78
CA TYR H 36 14.58 -64.19 16.71
C TYR H 36 14.47 -65.71 16.86
N ARG H 37 13.35 -66.17 17.41
CA ARG H 37 13.05 -67.59 17.52
C ARG H 37 11.69 -67.85 16.90
N GLN H 38 11.64 -68.77 15.94
CA GLN H 38 10.41 -69.19 15.29
C GLN H 38 10.21 -70.67 15.60
N LYS H 39 9.38 -70.96 16.59
CA LYS H 39 9.12 -72.34 16.95
C LYS H 39 8.40 -73.03 15.79
N PRO H 40 8.54 -74.35 15.66
CA PRO H 40 7.98 -75.04 14.48
C PRO H 40 6.50 -74.74 14.27
N GLY H 41 6.19 -74.20 13.10
CA GLY H 41 4.80 -73.88 12.76
C GLY H 41 4.19 -72.81 13.64
N LYS H 42 4.96 -71.80 14.01
CA LYS H 42 4.48 -70.72 14.86
C LYS H 42 5.15 -69.41 14.45
N ALA H 43 4.57 -68.31 14.91
CA ALA H 43 5.10 -67.00 14.57
C ALA H 43 6.46 -66.78 15.25
N PRO H 44 7.34 -65.97 14.64
CA PRO H 44 8.62 -65.68 15.27
C PRO H 44 8.48 -64.79 16.50
N GLU H 45 9.47 -64.90 17.38
CA GLU H 45 9.58 -64.06 18.56
C GLU H 45 10.91 -63.32 18.54
N LEU H 46 10.98 -62.21 19.26
CA LEU H 46 12.19 -61.43 19.41
C LEU H 46 12.78 -61.71 20.78
N LEU H 47 14.04 -62.15 20.80
CA LEU H 47 14.72 -62.53 22.03
C LEU H 47 15.68 -61.45 22.52
N ILE H 48 16.65 -61.06 21.71
CA ILE H 48 17.68 -60.09 22.07
C ILE H 48 17.76 -59.03 21.00
N HIS H 49 17.86 -57.77 21.43
CA HIS H 49 18.05 -56.64 20.54
C HIS H 49 19.36 -55.94 20.90
N ASP H 50 20.02 -55.39 19.89
CA ASP H 50 21.33 -54.75 20.02
C ASP H 50 22.43 -55.77 20.31
N ALA H 51 22.13 -57.06 20.19
CA ALA H 51 23.14 -58.11 20.28
C ALA H 51 23.57 -58.36 21.71
N SER H 52 23.03 -57.60 22.68
CA SER H 52 23.48 -57.73 24.06
C SER H 52 22.38 -57.60 25.11
N ILE H 53 21.19 -57.11 24.76
CA ILE H 53 20.14 -56.82 25.73
C ILE H 53 18.98 -57.79 25.50
N LEU H 54 18.58 -58.47 26.57
CA LEU H 54 17.44 -59.38 26.48
C LEU H 54 16.14 -58.60 26.39
N GLN H 55 15.22 -59.11 25.58
CA GLN H 55 13.91 -58.48 25.43
C GLN H 55 13.05 -58.77 26.65
N THR H 56 12.29 -57.77 27.07
CA THR H 56 11.41 -57.93 28.21
C THR H 56 10.35 -58.99 27.93
N GLY H 57 9.97 -59.73 28.97
CA GLY H 57 9.02 -60.81 28.83
C GLY H 57 9.64 -62.16 28.56
N VAL H 58 10.96 -62.28 28.59
CA VAL H 58 11.64 -63.55 28.35
C VAL H 58 12.58 -63.82 29.52
N PRO H 59 12.65 -65.05 30.03
CA PRO H 59 13.61 -65.34 31.09
C PRO H 59 15.05 -65.27 30.58
N SER H 60 15.98 -65.11 31.51
CA SER H 60 17.39 -64.97 31.18
C SER H 60 18.00 -66.35 30.88
N ALA H 61 17.39 -67.04 29.93
CA ALA H 61 17.87 -68.33 29.46
C ALA H 61 18.65 -68.23 28.16
N PHE H 62 18.84 -67.01 27.64
CA PHE H 62 19.57 -66.79 26.39
C PHE H 62 20.54 -65.63 26.58
N THR H 63 21.69 -65.72 25.93
CA THR H 63 22.70 -64.67 25.98
C THR H 63 23.18 -64.39 24.57
N ALA H 64 23.64 -63.15 24.35
CA ALA H 64 24.18 -62.75 23.06
C ALA H 64 25.40 -61.87 23.28
N SER H 65 26.43 -62.07 22.46
CA SER H 65 27.65 -61.29 22.60
C SER H 65 28.30 -61.15 21.24
N GLY H 66 28.72 -59.94 20.91
CA GLY H 66 29.37 -59.71 19.63
C GLY H 66 29.43 -58.23 19.31
N SER H 67 30.10 -57.94 18.21
CA SER H 67 30.30 -56.58 17.74
C SER H 67 30.96 -56.65 16.37
N GLY H 68 31.25 -55.48 15.81
CA GLY H 68 31.88 -55.40 14.51
C GLY H 68 31.16 -56.27 13.50
N THR H 69 31.84 -57.35 13.09
CA THR H 69 31.29 -58.28 12.12
C THR H 69 30.84 -59.61 12.73
N HIS H 70 31.35 -59.96 13.91
CA HIS H 70 31.12 -61.29 14.50
C HIS H 70 30.16 -61.19 15.67
N PHE H 71 29.19 -62.11 15.70
CA PHE H 71 28.24 -62.17 16.80
C PHE H 71 28.02 -63.63 17.18
N SER H 72 27.54 -63.84 18.41
CA SER H 72 27.35 -65.19 18.92
C SER H 72 26.11 -65.24 19.80
N PHE H 73 25.32 -66.29 19.63
CA PHE H 73 24.15 -66.57 20.44
C PHE H 73 24.42 -67.80 21.29
N VAL H 74 24.18 -67.68 22.60
CA VAL H 74 24.46 -68.74 23.57
C VAL H 74 23.16 -69.11 24.25
N ILE H 75 22.91 -70.42 24.36
CA ILE H 75 21.70 -70.94 24.97
C ILE H 75 22.04 -71.56 26.31
N ASN H 76 21.16 -71.38 27.28
CA ASN H 76 21.29 -72.03 28.58
C ASN H 76 20.86 -73.49 28.45
N LYS H 77 20.64 -74.16 29.57
CA LYS H 77 20.23 -75.56 29.57
C LYS H 77 19.14 -75.78 28.52
N LEU H 78 19.39 -76.73 27.62
CA LEU H 78 18.50 -76.97 26.49
C LEU H 78 17.22 -77.67 26.93
N GLN H 79 16.24 -76.89 27.40
CA GLN H 79 14.99 -77.46 27.85
C GLN H 79 14.16 -77.93 26.65
N PRO H 80 13.19 -78.84 26.88
CA PRO H 80 12.39 -79.33 25.75
C PRO H 80 11.67 -78.22 25.00
N GLU H 81 11.18 -77.20 25.69
CA GLU H 81 10.49 -76.09 25.04
C GLU H 81 11.49 -75.03 24.56
N ASP H 82 12.50 -75.50 23.83
CA ASP H 82 13.53 -74.63 23.28
C ASP H 82 13.79 -74.84 21.80
N VAL H 83 13.34 -75.95 21.22
CA VAL H 83 13.58 -76.20 19.80
C VAL H 83 12.86 -75.14 18.98
N GLY H 84 13.56 -74.59 18.00
CA GLY H 84 12.98 -73.58 17.14
C GLY H 84 14.03 -73.04 16.20
N THR H 85 13.56 -72.46 15.11
CA THR H 85 14.45 -71.87 14.10
C THR H 85 14.96 -70.54 14.63
N TYR H 86 16.26 -70.44 14.86
CA TYR H 86 16.87 -69.22 15.38
C TYR H 86 17.38 -68.39 14.22
N PHE H 87 16.89 -67.15 14.13
CA PHE H 87 17.21 -66.23 13.05
C PHE H 87 18.06 -65.08 13.57
N CYS H 88 19.04 -64.69 12.77
CA CYS H 88 19.99 -63.64 13.12
C CYS H 88 19.76 -62.49 12.13
N GLN H 89 19.23 -61.37 12.61
CA GLN H 89 18.81 -60.28 11.75
C GLN H 89 19.61 -59.02 12.05
N GLU H 90 19.75 -58.17 11.03
CA GLU H 90 20.46 -56.90 11.14
C GLU H 90 19.51 -55.76 10.81
N TYR H 91 19.73 -54.62 11.47
CA TYR H 91 18.97 -53.41 11.19
C TYR H 91 19.88 -52.20 11.09
N GLU H 92 21.10 -52.40 10.56
CA GLU H 92 22.02 -51.30 10.37
C GLU H 92 21.63 -50.43 9.18
N ASN H 93 20.98 -51.02 8.17
CA ASN H 93 20.56 -50.31 6.97
C ASN H 93 19.07 -50.57 6.74
N LEU H 94 18.56 -50.01 5.65
CA LEU H 94 17.13 -50.04 5.35
C LEU H 94 16.69 -51.34 4.66
N GLN H 95 17.56 -52.35 4.59
CA GLN H 95 17.22 -53.61 3.96
C GLN H 95 16.78 -54.68 4.96
N PHE H 96 17.16 -54.56 6.22
CA PHE H 96 16.71 -55.47 7.27
C PHE H 96 16.93 -56.93 6.85
N THR H 97 18.11 -57.20 6.31
CA THR H 97 18.42 -58.53 5.82
C THR H 97 18.35 -59.55 6.95
N PHE H 98 17.71 -60.68 6.67
CA PHE H 98 17.61 -61.79 7.61
C PHE H 98 18.71 -62.81 7.36
N GLY H 99 18.94 -63.66 8.36
CA GLY H 99 19.86 -64.76 8.22
C GLY H 99 19.18 -65.99 7.67
N PRO H 100 19.95 -66.95 7.17
CA PRO H 100 19.33 -68.18 6.64
C PRO H 100 18.55 -68.94 7.69
N GLY H 101 18.96 -68.87 8.95
CA GLY H 101 18.30 -69.57 10.03
C GLY H 101 19.09 -70.79 10.48
N THR H 102 18.92 -71.12 11.75
CA THR H 102 19.60 -72.26 12.37
C THR H 102 18.56 -73.16 13.02
N LYS H 103 18.66 -74.46 12.75
CA LYS H 103 17.73 -75.45 13.29
C LYS H 103 18.40 -76.15 14.47
N VAL H 104 17.75 -76.09 15.63
CA VAL H 104 18.26 -76.68 16.86
C VAL H 104 17.32 -77.79 17.28
N GLU H 105 17.89 -78.96 17.59
CA GLU H 105 17.12 -80.12 18.01
C GLU H 105 17.83 -80.81 19.16
N ILE H 106 17.07 -81.64 19.88
CA ILE H 106 17.58 -82.34 21.04
C ILE H 106 18.01 -83.74 20.62
N LYS H 107 18.88 -84.35 21.43
CA LYS H 107 19.37 -85.68 21.13
C LYS H 107 18.21 -86.67 21.04
N ARG H 108 18.26 -87.52 20.02
CA ARG H 108 17.23 -88.54 19.82
C ARG H 108 17.67 -89.54 18.75
N GLN I 1 5.67 42.79 45.81
CA GLN I 1 5.96 41.55 46.58
C GLN I 1 4.96 40.46 46.24
N VAL I 2 5.19 39.26 46.75
CA VAL I 2 4.30 38.14 46.53
C VAL I 2 3.05 38.35 47.38
N GLN I 3 1.92 38.59 46.73
CA GLN I 3 0.68 38.96 47.40
C GLN I 3 -0.41 37.97 47.07
N LEU I 4 -1.13 37.50 48.09
CA LEU I 4 -2.27 36.62 47.93
C LEU I 4 -3.47 37.26 48.62
N VAL I 5 -4.56 37.43 47.89
CA VAL I 5 -5.81 37.95 48.41
C VAL I 5 -6.89 36.89 48.23
N GLU I 6 -7.64 36.61 49.29
CA GLU I 6 -8.63 35.57 49.29
C GLU I 6 -10.02 36.18 49.40
N SER I 7 -10.99 35.56 48.72
CA SER I 7 -12.36 36.08 48.70
C SER I 7 -13.31 34.92 48.41
N GLY I 8 -14.60 35.23 48.41
CA GLY I 8 -15.63 34.25 48.15
C GLY I 8 -16.21 33.57 49.38
N GLY I 9 -15.80 33.98 50.58
CA GLY I 9 -16.27 33.35 51.81
C GLY I 9 -17.49 34.08 52.35
N GLY I 10 -18.53 33.31 52.64
CA GLY I 10 -19.76 33.87 53.17
C GLY I 10 -20.44 32.95 54.18
N VAL I 11 -21.74 32.75 54.03
CA VAL I 11 -22.52 31.90 54.92
C VAL I 11 -23.33 30.93 54.07
N VAL I 12 -23.35 29.66 54.47
CA VAL I 12 -24.06 28.62 53.75
C VAL I 12 -24.57 27.60 54.75
N GLN I 13 -25.75 27.05 54.47
CA GLN I 13 -26.33 26.05 55.34
C GLN I 13 -25.56 24.73 55.22
N PRO I 14 -25.62 23.87 56.25
CA PRO I 14 -24.96 22.56 56.13
C PRO I 14 -25.55 21.76 54.98
N GLY I 15 -24.68 20.99 54.32
CA GLY I 15 -25.08 20.24 53.15
C GLY I 15 -25.10 21.04 51.86
N GLY I 16 -24.76 22.32 51.91
CA GLY I 16 -24.72 23.16 50.74
C GLY I 16 -23.36 23.13 50.07
N SER I 17 -23.04 24.23 49.38
CA SER I 17 -21.77 24.34 48.68
C SER I 17 -21.32 25.80 48.70
N LEU I 18 -20.01 25.99 48.60
CA LEU I 18 -19.43 27.32 48.53
C LEU I 18 -18.13 27.26 47.73
N ARG I 19 -17.74 28.39 47.18
CA ARG I 19 -16.54 28.52 46.37
C ARG I 19 -15.67 29.63 46.92
N LEU I 20 -14.39 29.33 47.12
CA LEU I 20 -13.41 30.31 47.59
C LEU I 20 -12.40 30.55 46.47
N SER I 21 -12.09 31.83 46.24
CA SER I 21 -11.19 32.23 45.16
C SER I 21 -10.03 33.01 45.75
N CYS I 22 -8.82 32.68 45.32
CA CYS I 22 -7.60 33.37 45.73
C CYS I 22 -6.91 33.94 44.49
N ALA I 23 -6.63 35.24 44.52
CA ALA I 23 -5.94 35.90 43.43
C ALA I 23 -4.48 36.08 43.79
N ALA I 24 -3.60 35.67 42.89
CA ALA I 24 -2.16 35.67 43.13
C ALA I 24 -1.48 36.72 42.26
N SER I 25 -0.44 37.35 42.80
CA SER I 25 0.31 38.37 42.08
C SER I 25 1.71 38.43 42.65
N GLY I 26 2.63 39.00 41.86
CA GLY I 26 4.00 39.16 42.26
C GLY I 26 4.90 37.97 41.99
N PHE I 27 4.38 36.89 41.42
CA PHE I 27 5.18 35.72 41.13
C PHE I 27 4.51 34.93 40.01
N ALA I 28 5.26 33.98 39.46
CA ALA I 28 4.76 33.11 38.41
C ALA I 28 3.81 32.10 39.03
N PHE I 29 2.51 32.29 38.82
CA PHE I 29 1.52 31.40 39.42
C PHE I 29 1.67 29.97 38.91
N LYS I 30 1.94 29.82 37.61
CA LYS I 30 2.00 28.48 37.03
C LYS I 30 3.20 27.67 37.52
N ASP I 31 4.23 28.33 38.04
CA ASP I 31 5.47 27.66 38.39
C ASP I 31 5.49 27.09 39.80
N PHE I 32 4.42 27.27 40.57
CA PHE I 32 4.38 26.84 41.96
C PHE I 32 3.07 26.15 42.26
N GLY I 33 3.13 25.13 43.13
CA GLY I 33 1.93 24.54 43.67
C GLY I 33 1.33 25.40 44.76
N MET I 34 0.05 25.15 45.06
CA MET I 34 -0.70 25.95 46.01
C MET I 34 -1.43 25.04 46.97
N HIS I 35 -1.56 25.49 48.22
CA HIS I 35 -2.22 24.76 49.28
C HIS I 35 -3.44 25.53 49.76
N TRP I 36 -4.44 24.78 50.22
CA TRP I 36 -5.57 25.32 50.96
C TRP I 36 -5.45 24.85 52.40
N VAL I 37 -5.38 25.80 53.33
CA VAL I 37 -5.18 25.51 54.75
C VAL I 37 -6.30 26.15 55.54
N ARG I 38 -6.78 25.43 56.55
CA ARG I 38 -7.94 25.84 57.34
C ARG I 38 -7.53 26.04 58.79
N GLN I 39 -7.94 27.15 59.38
CA GLN I 39 -7.73 27.46 60.78
C GLN I 39 -9.10 27.47 61.45
N ALA I 40 -9.43 26.37 62.15
CA ALA I 40 -10.67 26.34 62.90
C ALA I 40 -10.63 27.38 64.02
N PRO I 41 -11.76 27.97 64.37
CA PRO I 41 -11.75 29.07 65.35
C PRO I 41 -11.20 28.62 66.69
N GLY I 42 -10.06 29.19 67.08
CA GLY I 42 -9.44 28.88 68.35
C GLY I 42 -8.60 27.62 68.38
N LYS I 43 -8.47 26.93 67.25
CA LYS I 43 -7.71 25.69 67.16
C LYS I 43 -6.45 25.93 66.33
N GLY I 44 -5.69 24.85 66.11
CA GLY I 44 -4.48 24.93 65.35
C GLY I 44 -4.70 24.84 63.84
N LEU I 45 -3.64 25.09 63.09
CA LEU I 45 -3.71 25.03 61.64
C LEU I 45 -3.90 23.59 61.18
N GLU I 46 -4.66 23.41 60.10
CA GLU I 46 -4.91 22.10 59.53
C GLU I 46 -4.89 22.21 58.01
N TRP I 47 -3.96 21.50 57.38
CA TRP I 47 -3.89 21.50 55.92
C TRP I 47 -5.09 20.79 55.33
N VAL I 48 -5.61 21.34 54.24
CA VAL I 48 -6.83 20.84 53.60
C VAL I 48 -6.52 20.15 52.27
N ALA I 49 -5.97 20.89 51.31
CA ALA I 49 -5.74 20.35 49.98
C ALA I 49 -4.58 21.08 49.32
N VAL I 50 -4.04 20.45 48.28
CA VAL I 50 -2.93 20.99 47.51
C VAL I 50 -3.13 20.62 46.05
N ILE I 51 -2.68 21.52 45.17
CA ILE I 51 -2.71 21.29 43.72
C ILE I 51 -1.35 21.64 43.15
N GLY I 52 -0.89 20.80 42.22
CA GLY I 52 0.40 21.03 41.61
C GLY I 52 0.39 22.21 40.65
N GLY I 53 1.60 22.62 40.27
CA GLY I 53 1.77 23.73 39.36
C GLY I 53 1.45 23.37 37.93
N GLY I 54 1.64 24.35 37.05
CA GLY I 54 1.32 24.12 35.65
C GLY I 54 -0.15 23.87 35.46
N HIS I 55 -0.46 22.75 34.79
CA HIS I 55 -1.85 22.41 34.51
C HIS I 55 -2.59 21.87 35.72
N GLY I 56 -1.90 21.66 36.84
CA GLY I 56 -2.55 21.17 38.04
C GLY I 56 -3.11 19.77 37.88
N GLN I 57 -2.30 18.87 37.33
CA GLN I 57 -2.73 17.49 37.10
C GLN I 57 -2.68 16.64 38.36
N HIS I 58 -2.16 17.17 39.47
CA HIS I 58 -2.08 16.45 40.73
C HIS I 58 -2.88 17.19 41.79
N GLN I 59 -3.71 16.47 42.52
CA GLN I 59 -4.49 17.04 43.62
C GLN I 59 -4.50 16.06 44.78
N SER I 60 -4.18 16.55 45.97
CA SER I 60 -4.20 15.74 47.18
C SER I 60 -5.08 16.44 48.21
N TYR I 61 -5.99 15.69 48.83
CA TYR I 61 -6.94 16.21 49.80
C TYR I 61 -6.76 15.50 51.13
N SER I 62 -7.01 16.24 52.21
CA SER I 62 -6.99 15.64 53.53
C SER I 62 -8.12 14.64 53.68
N GLU I 63 -7.87 13.59 54.47
CA GLU I 63 -8.88 12.55 54.65
C GLU I 63 -10.16 13.12 55.24
N SER I 64 -10.03 14.13 56.12
CA SER I 64 -11.21 14.75 56.71
C SER I 64 -12.11 15.35 55.64
N VAL I 65 -11.51 15.92 54.59
CA VAL I 65 -12.25 16.55 53.51
C VAL I 65 -12.25 15.73 52.23
N LYS I 66 -11.63 14.55 52.25
CA LYS I 66 -11.56 13.73 51.05
C LYS I 66 -12.96 13.32 50.61
N GLY I 67 -13.20 13.38 49.30
CA GLY I 67 -14.46 12.97 48.73
C GLY I 67 -15.51 14.05 48.64
N ARG I 68 -15.26 15.23 49.24
CA ARG I 68 -16.22 16.32 49.21
C ARG I 68 -15.60 17.67 48.87
N PHE I 69 -14.26 17.76 48.79
CA PHE I 69 -13.58 18.98 48.42
C PHE I 69 -12.91 18.80 47.06
N ALA I 70 -12.78 19.90 46.33
CA ALA I 70 -12.11 19.89 45.03
C ALA I 70 -11.32 21.17 44.87
N ILE I 71 -10.07 21.04 44.45
CA ILE I 71 -9.18 22.19 44.24
C ILE I 71 -8.96 22.36 42.74
N THR I 72 -8.73 23.61 42.34
CA THR I 72 -8.62 23.95 40.92
C THR I 72 -7.86 25.25 40.77
N ARG I 73 -7.18 25.39 39.64
CA ARG I 73 -6.43 26.60 39.31
C ARG I 73 -6.98 27.24 38.04
N ASP I 74 -6.54 28.47 37.80
CA ASP I 74 -6.75 29.15 36.52
C ASP I 74 -5.52 30.03 36.32
N ASN I 75 -4.52 29.49 35.60
CA ASN I 75 -3.25 30.19 35.45
C ASN I 75 -3.43 31.50 34.70
N GLU I 76 -4.32 31.54 33.71
CA GLU I 76 -4.59 32.79 33.01
C GLU I 76 -5.18 33.82 33.97
N LYS I 77 -6.11 33.39 34.84
CA LYS I 77 -6.72 34.27 35.81
C LYS I 77 -5.88 34.44 37.07
N ASN I 78 -4.85 33.61 37.27
CA ASN I 78 -4.09 33.60 38.52
C ASN I 78 -5.01 33.37 39.71
N LYS I 79 -5.98 32.48 39.53
CA LYS I 79 -7.01 32.22 40.54
C LYS I 79 -6.91 30.78 41.03
N LEU I 80 -7.12 30.59 42.33
CA LEU I 80 -7.19 29.28 42.95
C LEU I 80 -8.59 29.10 43.51
N TYR I 81 -9.26 28.01 43.11
CA TYR I 81 -10.64 27.75 43.51
C TYR I 81 -10.71 26.49 44.35
N LEU I 82 -11.49 26.57 45.44
CA LEU I 82 -11.84 25.41 46.25
C LEU I 82 -13.35 25.24 46.21
N HIS I 83 -13.77 24.03 45.86
CA HIS I 83 -15.22 23.77 45.70
C HIS I 83 -15.69 22.96 46.90
N MET I 84 -16.07 23.69 47.94
CA MET I 84 -16.61 23.05 49.13
C MET I 84 -18.02 22.54 48.84
N ASP I 85 -18.20 21.23 48.92
CA ASP I 85 -19.50 20.61 48.70
C ASP I 85 -19.83 19.72 49.89
N ARG I 86 -21.13 19.65 50.23
CA ARG I 86 -21.60 18.84 51.34
C ARG I 86 -20.92 19.27 52.64
N LEU I 87 -21.14 20.54 52.99
CA LEU I 87 -20.50 21.12 54.15
C LEU I 87 -21.09 20.56 55.43
N ARG I 88 -20.31 20.67 56.52
CA ARG I 88 -20.72 20.15 57.82
C ARG I 88 -20.41 21.19 58.89
N THR I 89 -20.90 20.94 60.10
CA THR I 89 -20.79 21.94 61.16
C THR I 89 -19.34 22.27 61.47
N GLU I 90 -18.44 21.30 61.34
CA GLU I 90 -17.04 21.51 61.71
C GLU I 90 -16.27 22.24 60.62
N ASP I 91 -16.80 22.31 59.39
CA ASP I 91 -16.08 22.97 58.32
C ASP I 91 -15.94 24.48 58.54
N THR I 92 -16.78 25.05 59.41
CA THR I 92 -16.68 26.49 59.68
C THR I 92 -15.30 26.82 60.23
N ALA I 93 -14.59 27.71 59.54
CA ALA I 93 -13.24 28.07 59.91
C ALA I 93 -12.70 29.18 59.03
N VAL I 94 -11.47 29.62 59.30
CA VAL I 94 -10.77 30.58 58.45
C VAL I 94 -9.89 29.80 57.49
N TYR I 95 -10.12 30.00 56.19
CA TYR I 95 -9.41 29.26 55.15
C TYR I 95 -8.33 30.14 54.55
N TYR I 96 -7.10 29.61 54.51
CA TYR I 96 -5.96 30.29 53.91
C TYR I 96 -5.49 29.55 52.67
N CYS I 97 -5.00 30.32 51.70
CA CYS I 97 -4.32 29.79 50.53
C CYS I 97 -2.87 30.26 50.59
N ALA I 98 -1.93 29.32 50.44
CA ALA I 98 -0.51 29.61 50.59
C ALA I 98 0.25 29.07 49.39
N LYS I 99 1.33 29.76 49.05
CA LYS I 99 2.20 29.36 47.95
C LYS I 99 3.26 28.39 48.46
N ASP I 100 3.40 27.25 47.79
CA ASP I 100 4.42 26.29 48.14
C ASP I 100 5.78 26.71 47.58
N ARG I 101 6.84 26.38 48.32
CA ARG I 101 8.19 26.69 47.84
C ARG I 101 8.47 26.00 46.52
N LEU I 102 7.79 24.88 46.26
CA LEU I 102 7.95 24.13 45.02
C LEU I 102 6.60 23.49 44.70
N GLY I 103 6.61 22.48 43.83
CA GLY I 103 5.39 21.89 43.32
C GLY I 103 5.30 21.93 41.82
N ARG I 104 6.28 22.50 41.14
CA ARG I 104 6.29 22.51 39.69
C ARG I 104 6.33 21.07 39.17
N PRO I 105 5.50 20.71 38.19
CA PRO I 105 5.60 19.37 37.62
C PRO I 105 6.98 19.13 37.04
N TRP I 106 7.50 17.93 37.27
CA TRP I 106 8.83 17.56 36.82
C TRP I 106 8.77 16.21 36.12
N ASN I 107 9.63 16.04 35.13
CA ASN I 107 9.77 14.79 34.39
C ASN I 107 10.95 14.03 34.99
N ILE I 108 10.65 13.01 35.78
CA ILE I 108 11.66 12.18 36.42
C ILE I 108 11.38 10.73 36.01
N GLY I 109 12.31 10.15 35.25
CA GLY I 109 12.12 8.78 34.79
C GLY I 109 10.88 8.61 33.93
N GLY I 110 10.58 9.58 33.08
CA GLY I 110 9.41 9.49 32.23
C GLY I 110 8.09 9.58 32.97
N ARG I 111 8.10 10.15 34.17
CA ARG I 111 6.90 10.28 34.99
C ARG I 111 6.73 11.71 35.46
N LEU I 112 5.48 12.10 35.66
CA LEU I 112 5.15 13.42 36.18
C LEU I 112 5.14 13.35 37.71
N VAL I 113 6.07 14.06 38.34
CA VAL I 113 6.22 14.06 39.78
C VAL I 113 6.27 15.49 40.28
N TYR I 114 5.66 15.71 41.45
CA TYR I 114 5.62 17.02 42.09
C TYR I 114 6.28 16.94 43.45
N TYR I 115 7.23 17.84 43.70
CA TYR I 115 7.91 17.93 44.98
C TYR I 115 7.36 19.13 45.73
N TYR I 116 6.70 18.87 46.84
CA TYR I 116 6.13 19.92 47.69
C TYR I 116 7.02 20.10 48.91
N TYR I 117 7.43 21.34 49.15
CA TYR I 117 8.37 21.67 50.23
C TYR I 117 7.74 22.60 51.25
N GLY I 118 6.41 22.55 51.40
CA GLY I 118 5.74 23.32 52.42
C GLY I 118 5.05 24.57 51.91
N MET I 119 4.99 25.60 52.75
CA MET I 119 4.33 26.85 52.42
C MET I 119 5.23 27.99 52.84
N ASP I 120 5.57 28.87 51.89
CA ASP I 120 6.44 30.00 52.16
C ASP I 120 5.68 31.31 52.34
N VAL I 121 4.63 31.53 51.56
CA VAL I 121 3.84 32.75 51.63
C VAL I 121 2.38 32.37 51.80
N TRP I 122 1.72 33.00 52.77
CA TRP I 122 0.30 32.78 53.03
C TRP I 122 -0.51 33.99 52.56
N GLY I 123 -1.81 33.79 52.48
CA GLY I 123 -2.71 34.88 52.17
C GLY I 123 -2.93 35.76 53.38
N GLN I 124 -4.16 36.28 53.54
CA GLN I 124 -4.51 37.09 54.70
C GLN I 124 -5.69 36.54 55.48
N GLY I 125 -6.50 35.66 54.89
CA GLY I 125 -7.58 35.01 55.61
C GLY I 125 -8.94 35.24 55.00
N THR I 126 -9.76 34.19 54.96
CA THR I 126 -11.15 34.32 54.53
C THR I 126 -11.97 33.34 55.36
N THR I 127 -13.00 33.86 56.03
CA THR I 127 -13.77 33.09 57.00
C THR I 127 -15.01 32.51 56.34
N VAL I 128 -15.26 31.23 56.59
CA VAL I 128 -16.49 30.57 56.18
C VAL I 128 -17.27 30.22 57.44
N THR I 129 -18.60 30.24 57.33
CA THR I 129 -19.46 29.99 58.47
C THR I 129 -20.68 29.20 58.01
N VAL I 130 -20.97 28.12 58.73
CA VAL I 130 -22.12 27.26 58.44
C VAL I 130 -23.08 27.37 59.60
N SER I 131 -24.37 27.58 59.29
CA SER I 131 -25.38 27.79 60.31
C SER I 131 -26.71 27.23 59.83
N SER I 132 -27.60 26.99 60.78
CA SER I 132 -28.92 26.46 60.48
C SER I 132 -29.85 26.59 61.69
N ALA J 1 -1.24 9.60 59.49
CA ALA J 1 -0.28 8.48 59.68
C ALA J 1 0.91 8.92 60.54
N ILE J 2 1.36 10.15 60.31
CA ILE J 2 2.47 10.74 61.06
C ILE J 2 1.88 11.74 62.04
N ARG J 3 2.13 11.52 63.33
CA ARG J 3 1.59 12.36 64.39
C ARG J 3 2.68 13.30 64.88
N MET J 4 2.32 14.58 65.01
CA MET J 4 3.28 15.64 65.26
C MET J 4 2.89 16.34 66.55
N THR J 5 3.81 16.37 67.52
CA THR J 5 3.52 16.90 68.85
C THR J 5 4.55 17.95 69.21
N GLN J 6 4.07 19.09 69.71
CA GLN J 6 4.92 20.19 70.15
C GLN J 6 4.87 20.27 71.67
N SER J 7 6.03 20.44 72.30
CA SER J 7 6.11 20.59 73.73
C SER J 7 7.02 21.75 74.10
N PRO J 8 6.70 22.50 75.17
CA PRO J 8 5.50 22.41 76.02
C PRO J 8 4.32 23.13 75.37
N SER J 9 3.12 23.01 75.94
CA SER J 9 1.95 23.68 75.36
C SER J 9 2.14 25.20 75.34
N SER J 10 2.65 25.76 76.43
CA SER J 10 2.87 27.19 76.53
C SER J 10 4.17 27.47 77.26
N LEU J 11 4.74 28.65 77.01
CA LEU J 11 5.99 29.07 77.62
C LEU J 11 5.90 30.52 78.05
N SER J 12 6.32 30.79 79.29
CA SER J 12 6.51 32.14 79.78
C SER J 12 7.97 32.33 80.10
N ALA J 13 8.63 33.25 79.39
CA ALA J 13 10.06 33.44 79.49
C ALA J 13 10.38 34.92 79.59
N SER J 14 11.52 35.22 80.21
CA SER J 14 11.94 36.60 80.38
C SER J 14 12.46 37.17 79.06
N VAL J 15 12.71 38.48 79.07
CA VAL J 15 13.22 39.19 77.89
C VAL J 15 14.72 38.95 77.83
N GLY J 16 15.16 38.10 76.90
CA GLY J 16 16.57 37.85 76.69
C GLY J 16 17.05 36.54 77.26
N ASP J 17 16.26 35.48 77.11
CA ASP J 17 16.63 34.15 77.58
C ASP J 17 16.30 33.13 76.50
N ARG J 18 17.03 32.02 76.52
CA ARG J 18 16.82 30.95 75.55
C ARG J 18 15.41 30.38 75.71
N VAL J 19 14.74 30.19 74.57
CA VAL J 19 13.44 29.54 74.52
C VAL J 19 13.57 28.35 73.58
N THR J 20 13.23 27.16 74.09
CA THR J 20 13.38 25.92 73.34
C THR J 20 12.03 25.22 73.25
N ILE J 21 11.68 24.78 72.05
CA ILE J 21 10.45 24.03 71.80
C ILE J 21 10.83 22.71 71.15
N THR J 22 10.36 21.61 71.73
CA THR J 22 10.67 20.28 71.23
C THR J 22 9.55 19.79 70.33
N CYS J 23 9.91 19.14 69.23
CA CYS J 23 8.96 18.63 68.25
C CYS J 23 9.21 17.13 68.06
N GLN J 24 8.16 16.33 68.23
CA GLN J 24 8.24 14.89 68.20
C GLN J 24 7.34 14.37 67.07
N ALA J 25 7.85 13.42 66.30
CA ALA J 25 7.13 12.82 65.19
C ALA J 25 7.00 11.32 65.41
N SER J 26 5.83 10.78 65.11
CA SER J 26 5.62 9.34 65.26
C SER J 26 6.55 8.55 64.35
N GLN J 27 6.71 8.99 63.11
CA GLN J 27 7.60 8.35 62.15
C GLN J 27 8.67 9.33 61.70
N ASP J 28 9.84 8.79 61.39
CA ASP J 28 10.98 9.62 61.02
C ASP J 28 10.72 10.34 59.70
N ILE J 29 11.05 11.63 59.67
CA ILE J 29 11.01 12.43 58.46
C ILE J 29 12.40 12.94 58.09
N LYS J 30 13.18 13.33 59.09
CA LYS J 30 14.65 13.46 59.08
C LYS J 30 15.15 14.61 58.22
N LYS J 31 14.31 15.20 57.38
CA LYS J 31 14.60 16.52 56.83
C LYS J 31 13.36 17.40 56.64
N SER J 32 12.15 16.84 56.67
CA SER J 32 10.96 17.56 56.22
C SER J 32 10.30 18.23 57.42
N LEU J 33 10.79 19.42 57.76
CA LEU J 33 10.20 20.21 58.82
C LEU J 33 10.18 21.68 58.45
N ASN J 34 9.08 22.35 58.81
CA ASN J 34 8.93 23.78 58.65
C ASN J 34 8.49 24.40 59.96
N TRP J 35 9.06 25.54 60.29
CA TRP J 35 8.74 26.27 61.52
C TRP J 35 7.99 27.54 61.14
N TYR J 36 6.72 27.61 61.54
CA TYR J 36 5.85 28.72 61.21
C TYR J 36 5.56 29.56 62.45
N ARG J 37 5.33 30.84 62.23
CA ARG J 37 4.93 31.75 63.30
C ARG J 37 3.64 32.45 62.89
N GLN J 38 2.62 32.36 63.74
CA GLN J 38 1.34 33.03 63.53
C GLN J 38 1.16 34.01 64.68
N LYS J 39 1.47 35.28 64.45
CA LYS J 39 1.30 36.28 65.49
C LYS J 39 -0.19 36.43 65.79
N PRO J 40 -0.53 36.85 67.02
CA PRO J 40 -1.94 36.89 67.42
C PRO J 40 -2.83 37.64 66.43
N GLY J 41 -3.83 36.96 65.88
CA GLY J 41 -4.75 37.58 64.94
C GLY J 41 -4.09 38.03 63.66
N LYS J 42 -3.14 37.25 63.14
CA LYS J 42 -2.45 37.58 61.91
C LYS J 42 -2.13 36.30 61.15
N ALA J 43 -1.80 36.47 59.87
CA ALA J 43 -1.49 35.32 59.03
C ALA J 43 -0.18 34.66 59.47
N PRO J 44 -0.03 33.36 59.25
CA PRO J 44 1.23 32.69 59.61
C PRO J 44 2.37 33.09 58.68
N GLU J 45 3.58 32.94 59.20
CA GLU J 45 4.81 33.16 58.45
C GLU J 45 5.65 31.89 58.49
N LEU J 46 6.53 31.76 57.50
CA LEU J 46 7.47 30.66 57.42
C LEU J 46 8.84 31.14 57.87
N LEU J 47 9.41 30.48 58.88
CA LEU J 47 10.69 30.88 59.46
C LEU J 47 11.85 30.02 58.97
N ILE J 48 11.76 28.70 59.18
CA ILE J 48 12.83 27.78 58.82
C ILE J 48 12.24 26.62 58.03
N HIS J 49 12.94 26.23 56.96
CA HIS J 49 12.58 25.09 56.15
C HIS J 49 13.71 24.08 56.17
N ASP J 50 13.36 22.81 56.10
CA ASP J 50 14.29 21.69 56.20
C ASP J 50 14.87 21.54 57.60
N ALA J 51 14.30 22.25 58.58
CA ALA J 51 14.66 22.09 59.99
C ALA J 51 16.01 22.71 60.32
N SER J 52 16.70 23.28 59.33
CA SER J 52 18.03 23.82 59.56
C SER J 52 18.34 25.10 58.82
N ILE J 53 17.56 25.52 57.83
CA ILE J 53 17.87 26.67 56.98
C ILE J 53 16.86 27.77 57.25
N LEU J 54 17.37 28.96 57.56
CA LEU J 54 16.50 30.10 57.78
C LEU J 54 15.92 30.61 56.47
N GLN J 55 14.66 31.02 56.51
CA GLN J 55 14.00 31.55 55.33
C GLN J 55 14.49 32.97 55.05
N THR J 56 14.68 33.29 53.78
CA THR J 56 15.12 34.62 53.38
C THR J 56 14.08 35.66 53.80
N GLY J 57 14.57 36.84 54.17
CA GLY J 57 13.71 37.91 54.64
C GLY J 57 13.48 37.93 56.14
N VAL J 58 14.18 37.09 56.89
CA VAL J 58 14.04 37.05 58.35
C VAL J 58 15.42 37.17 58.98
N PRO J 59 15.59 37.97 60.03
CA PRO J 59 16.89 38.04 60.69
C PRO J 59 17.22 36.73 61.39
N SER J 60 18.53 36.53 61.64
CA SER J 60 19.02 35.31 62.25
C SER J 60 18.77 35.33 63.77
N ALA J 61 17.50 35.53 64.13
CA ALA J 61 17.06 35.50 65.52
C ALA J 61 16.43 34.18 65.90
N PHE J 62 16.38 33.22 64.99
CA PHE J 62 15.80 31.91 65.25
C PHE J 62 16.73 30.83 64.73
N THR J 63 16.77 29.69 65.43
CA THR J 63 17.58 28.56 65.01
C THR J 63 16.74 27.30 65.12
N ALA J 64 17.08 26.30 64.30
CA ALA J 64 16.40 25.02 64.31
C ALA J 64 17.43 23.91 64.15
N SER J 65 17.24 22.83 64.88
CA SER J 65 18.17 21.71 64.82
C SER J 65 17.43 20.42 65.13
N GLY J 66 17.65 19.40 64.31
CA GLY J 66 16.99 18.13 64.52
C GLY J 66 17.12 17.24 63.30
N SER J 67 16.61 16.02 63.48
CA SER J 67 16.65 15.01 62.42
C SER J 67 15.86 13.81 62.92
N GLY J 68 15.82 12.77 62.09
CA GLY J 68 15.10 11.56 62.43
C GLY J 68 13.69 11.87 62.90
N THR J 69 13.46 11.66 64.19
CA THR J 69 12.16 11.90 64.79
C THR J 69 12.12 13.15 65.67
N HIS J 70 13.27 13.63 66.15
CA HIS J 70 13.32 14.71 67.14
C HIS J 70 13.79 16.00 66.49
N PHE J 71 13.11 17.10 66.78
CA PHE J 71 13.50 18.41 66.29
C PHE J 71 13.36 19.42 67.40
N SER J 72 14.06 20.55 67.27
CA SER J 72 14.07 21.58 68.30
C SER J 72 14.14 22.95 67.65
N PHE J 73 13.35 23.87 68.18
CA PHE J 73 13.34 25.27 67.77
C PHE J 73 13.89 26.11 68.92
N VAL J 74 14.87 26.96 68.60
CA VAL J 74 15.56 27.79 69.58
C VAL J 74 15.35 29.25 69.21
N ILE J 75 15.01 30.06 70.19
CA ILE J 75 14.75 31.49 69.99
C ILE J 75 15.89 32.28 70.61
N ASN J 76 16.27 33.37 69.94
CA ASN J 76 17.26 34.29 70.48
C ASN J 76 16.58 35.17 71.54
N LYS J 77 17.23 36.27 71.91
CA LYS J 77 16.69 37.18 72.92
C LYS J 77 15.21 37.43 72.65
N LEU J 78 14.38 37.17 73.65
CA LEU J 78 12.94 37.25 73.48
C LEU J 78 12.47 38.71 73.43
N GLN J 79 12.52 39.30 72.24
CA GLN J 79 12.11 40.67 72.06
C GLN J 79 10.58 40.79 72.13
N PRO J 80 10.06 41.99 72.42
CA PRO J 80 8.60 42.14 72.52
C PRO J 80 7.86 41.71 71.26
N GLU J 81 8.41 41.99 70.09
CA GLU J 81 7.78 41.59 68.83
C GLU J 81 8.17 40.15 68.45
N ASP J 82 7.98 39.25 69.40
CA ASP J 82 8.27 37.83 69.21
C ASP J 82 7.13 36.91 69.63
N VAL J 83 6.16 37.39 70.40
CA VAL J 83 5.06 36.54 70.84
C VAL J 83 4.25 36.10 69.62
N GLY J 84 3.95 34.81 69.57
CA GLY J 84 3.18 34.28 68.47
C GLY J 84 3.08 32.77 68.60
N THR J 85 2.07 32.22 67.94
CA THR J 85 1.84 30.77 67.94
C THR J 85 2.85 30.12 67.00
N TYR J 86 3.74 29.30 67.56
CA TYR J 86 4.77 28.63 66.78
C TYR J 86 4.28 27.25 66.39
N PHE J 87 4.25 26.98 65.09
CA PHE J 87 3.74 25.74 64.54
C PHE J 87 4.87 24.93 63.93
N CYS J 88 4.82 23.62 64.14
CA CYS J 88 5.84 22.69 63.69
C CYS J 88 5.18 21.76 62.66
N GLN J 89 5.56 21.91 61.39
CA GLN J 89 4.90 21.23 60.29
C GLN J 89 5.85 20.27 59.58
N GLU J 90 5.29 19.22 59.00
CA GLU J 90 6.05 18.22 58.25
C GLU J 90 5.55 18.18 56.81
N TYR J 91 6.47 17.90 55.89
CA TYR J 91 6.13 17.72 54.48
C TYR J 91 6.80 16.48 53.91
N GLU J 92 6.96 15.45 54.73
CA GLU J 92 7.54 14.20 54.24
C GLU J 92 6.56 13.41 53.38
N ASN J 93 5.26 13.55 53.65
CA ASN J 93 4.22 12.84 52.90
C ASN J 93 3.19 13.86 52.41
N LEU J 94 2.16 13.35 51.74
CA LEU J 94 1.16 14.18 51.08
C LEU J 94 0.07 14.68 52.02
N GLN J 95 0.23 14.48 53.33
CA GLN J 95 -0.77 14.93 54.30
C GLN J 95 -0.44 16.28 54.92
N PHE J 96 0.84 16.67 54.92
CA PHE J 96 1.24 17.99 55.41
C PHE J 96 0.68 18.25 56.81
N THR J 97 0.79 17.25 57.68
CA THR J 97 0.23 17.36 59.01
C THR J 97 0.89 18.50 59.78
N PHE J 98 0.06 19.29 60.45
CA PHE J 98 0.52 20.39 61.28
C PHE J 98 0.65 19.94 62.73
N GLY J 99 1.39 20.73 63.52
CA GLY J 99 1.49 20.51 64.93
C GLY J 99 0.40 21.23 65.69
N PRO J 100 0.16 20.82 66.94
CA PRO J 100 -0.88 21.51 67.73
C PRO J 100 -0.60 22.99 67.92
N GLY J 101 0.66 23.38 67.98
CA GLY J 101 1.04 24.77 68.17
C GLY J 101 1.54 25.02 69.59
N THR J 102 2.41 26.01 69.70
CA THR J 102 3.01 26.39 70.99
C THR J 102 2.79 27.88 71.20
N LYS J 103 2.31 28.25 72.38
CA LYS J 103 2.05 29.63 72.74
C LYS J 103 3.20 30.16 73.58
N VAL J 104 3.83 31.24 73.13
CA VAL J 104 4.97 31.85 73.81
C VAL J 104 4.56 33.24 74.27
N GLU J 105 4.83 33.54 75.54
CA GLU J 105 4.50 34.82 76.12
C GLU J 105 5.67 35.31 76.98
N ILE J 106 5.66 36.60 77.27
CA ILE J 106 6.72 37.23 78.05
C ILE J 106 6.27 37.30 79.51
N LYS J 107 7.24 37.44 80.40
CA LYS J 107 6.95 37.54 81.83
C LYS J 107 6.04 38.72 82.10
N ARG J 108 5.01 38.49 82.93
CA ARG J 108 4.08 39.54 83.31
C ARG J 108 3.20 39.08 84.46
N GLN K 1 50.58 3.07 -37.27
CA GLN K 1 51.07 3.89 -36.12
C GLN K 1 49.99 4.87 -35.66
N VAL K 2 50.25 5.56 -34.55
CA VAL K 2 49.31 6.56 -34.03
C VAL K 2 49.41 7.78 -34.92
N GLN K 3 48.34 8.07 -35.66
CA GLN K 3 48.33 9.12 -36.66
C GLN K 3 47.23 10.12 -36.34
N LEU K 4 47.57 11.40 -36.39
CA LEU K 4 46.61 12.50 -36.21
C LEU K 4 46.70 13.41 -37.42
N VAL K 5 45.56 13.65 -38.06
CA VAL K 5 45.46 14.58 -39.20
C VAL K 5 44.48 15.68 -38.82
N GLU K 6 44.88 16.91 -39.05
CA GLU K 6 44.10 18.08 -38.66
C GLU K 6 43.61 18.79 -39.91
N SER K 7 42.40 19.35 -39.83
CA SER K 7 41.78 20.01 -40.96
C SER K 7 40.77 21.03 -40.44
N GLY K 8 40.15 21.76 -41.36
CA GLY K 8 39.16 22.76 -41.02
C GLY K 8 39.69 24.16 -40.83
N GLY K 9 40.98 24.39 -41.07
CA GLY K 9 41.58 25.71 -40.87
C GLY K 9 41.55 26.50 -42.17
N GLY K 10 41.05 27.73 -42.06
CA GLY K 10 40.96 28.62 -43.20
C GLY K 10 41.21 30.07 -42.85
N VAL K 11 40.34 30.96 -43.33
CA VAL K 11 40.45 32.39 -43.08
C VAL K 11 39.10 32.90 -42.59
N VAL K 12 39.13 33.73 -41.55
CA VAL K 12 37.90 34.27 -40.97
C VAL K 12 38.21 35.66 -40.42
N GLN K 13 37.23 36.55 -40.54
CA GLN K 13 37.39 37.91 -40.04
C GLN K 13 37.37 37.92 -38.52
N PRO K 14 37.97 38.94 -37.90
CA PRO K 14 37.90 39.03 -36.43
C PRO K 14 36.47 39.13 -35.95
N GLY K 15 36.21 38.52 -34.81
CA GLY K 15 34.87 38.45 -34.27
C GLY K 15 33.99 37.37 -34.86
N GLY K 16 34.53 36.57 -35.78
CA GLY K 16 33.79 35.48 -36.39
C GLY K 16 33.95 34.19 -35.62
N SER K 17 33.83 33.07 -36.34
CA SER K 17 33.97 31.76 -35.73
C SER K 17 34.56 30.80 -36.74
N LEU K 18 35.22 29.76 -36.23
CA LEU K 18 35.80 28.72 -37.06
C LEU K 18 35.81 27.42 -36.28
N ARG K 19 35.84 26.31 -37.02
CA ARG K 19 35.84 24.98 -36.43
C ARG K 19 37.02 24.19 -36.99
N LEU K 20 37.80 23.58 -36.10
CA LEU K 20 38.93 22.74 -36.47
C LEU K 20 38.62 21.30 -36.08
N SER K 21 38.89 20.37 -36.98
CA SER K 21 38.59 18.95 -36.78
C SER K 21 39.87 18.14 -36.91
N CYS K 22 40.08 17.23 -35.96
CA CYS K 22 41.22 16.32 -35.97
C CYS K 22 40.73 14.90 -36.01
N ALA K 23 41.21 14.12 -36.98
CA ALA K 23 40.84 12.72 -37.10
C ALA K 23 41.95 11.85 -36.54
N ALA K 24 41.59 10.92 -35.66
CA ALA K 24 42.55 10.09 -34.95
C ALA K 24 42.45 8.65 -35.44
N SER K 25 43.60 7.98 -35.49
CA SER K 25 43.65 6.59 -35.91
C SER K 25 44.87 5.93 -35.29
N GLY K 26 44.84 4.59 -35.25
CA GLY K 26 45.94 3.83 -34.72
C GLY K 26 45.92 3.60 -33.23
N PHE K 27 44.91 4.12 -32.52
CA PHE K 27 44.82 3.96 -31.08
C PHE K 27 43.37 4.12 -30.67
N ALA K 28 43.09 3.72 -29.42
CA ALA K 28 41.75 3.87 -28.85
C ALA K 28 41.51 5.33 -28.51
N PHE K 29 40.70 6.00 -29.33
CA PHE K 29 40.45 7.43 -29.12
C PHE K 29 39.78 7.69 -27.78
N LYS K 30 38.83 6.83 -27.40
CA LYS K 30 38.06 7.06 -26.18
C LYS K 30 38.90 6.90 -24.92
N ASP K 31 40.03 6.20 -25.00
CA ASP K 31 40.81 5.86 -23.81
C ASP K 31 41.82 6.93 -23.44
N PHE K 32 41.92 8.02 -24.20
CA PHE K 32 42.94 9.04 -23.95
C PHE K 32 42.32 10.42 -24.06
N GLY K 33 42.81 11.34 -23.22
CA GLY K 33 42.47 12.73 -23.38
C GLY K 33 43.25 13.38 -24.51
N MET K 34 42.75 14.52 -24.97
CA MET K 34 43.34 15.21 -26.11
C MET K 34 43.50 16.69 -25.79
N HIS K 35 44.56 17.28 -26.34
CA HIS K 35 44.89 18.68 -26.13
C HIS K 35 44.83 19.44 -27.45
N TRP K 36 44.48 20.71 -27.36
CA TRP K 36 44.62 21.65 -28.47
C TRP K 36 45.75 22.62 -28.12
N VAL K 37 46.77 22.67 -28.97
CA VAL K 37 47.96 23.48 -28.73
C VAL K 37 48.16 24.41 -29.91
N ARG K 38 48.56 25.64 -29.62
CA ARG K 38 48.69 26.69 -30.63
C ARG K 38 50.13 27.16 -30.71
N GLN K 39 50.65 27.27 -31.92
CA GLN K 39 51.99 27.81 -32.18
C GLN K 39 51.81 29.11 -32.95
N ALA K 40 51.94 30.22 -32.23
CA ALA K 40 51.89 31.52 -32.90
C ALA K 40 53.07 31.65 -33.86
N PRO K 41 52.91 32.35 -34.97
CA PRO K 41 53.97 32.40 -35.99
C PRO K 41 55.25 33.02 -35.43
N GLY K 42 56.30 32.21 -35.36
CA GLY K 42 57.58 32.66 -34.88
C GLY K 42 57.75 32.68 -33.38
N LYS K 43 56.73 32.26 -32.63
CA LYS K 43 56.76 32.26 -31.17
C LYS K 43 56.81 30.82 -30.65
N GLY K 44 56.78 30.68 -29.33
CA GLY K 44 56.82 29.37 -28.71
C GLY K 44 55.45 28.72 -28.64
N LEU K 45 55.47 27.44 -28.24
CA LEU K 45 54.23 26.68 -28.11
C LEU K 45 53.41 27.20 -26.94
N GLU K 46 52.09 27.18 -27.09
CA GLU K 46 51.17 27.63 -26.06
C GLU K 46 49.98 26.68 -26.02
N TRP K 47 49.78 26.02 -24.89
CA TRP K 47 48.64 25.13 -24.73
C TRP K 47 47.34 25.93 -24.69
N VAL K 48 46.32 25.40 -25.34
CA VAL K 48 45.03 26.08 -25.48
C VAL K 48 43.94 25.42 -24.63
N ALA K 49 43.65 24.16 -24.90
CA ALA K 49 42.55 23.48 -24.22
C ALA K 49 42.80 21.99 -24.20
N VAL K 50 42.09 21.31 -23.30
CA VAL K 50 42.18 19.86 -23.13
C VAL K 50 40.79 19.32 -22.81
N ILE K 51 40.52 18.11 -23.27
CA ILE K 51 39.28 17.40 -22.98
C ILE K 51 39.62 15.99 -22.53
N GLY K 52 38.91 15.52 -21.52
CA GLY K 52 39.15 14.19 -20.99
C GLY K 52 38.65 13.11 -21.93
N GLY K 53 39.07 11.88 -21.63
CA GLY K 53 38.70 10.74 -22.43
C GLY K 53 37.27 10.30 -22.17
N GLY K 54 36.89 9.22 -22.83
CA GLY K 54 35.53 8.71 -22.70
C GLY K 54 34.53 9.72 -23.21
N HIS K 55 33.55 10.07 -22.37
CA HIS K 55 32.50 11.00 -22.75
C HIS K 55 32.97 12.44 -22.77
N GLY K 56 34.20 12.72 -22.33
CA GLY K 56 34.72 14.07 -22.33
C GLY K 56 33.96 15.00 -21.40
N GLN K 57 33.71 14.55 -20.18
CA GLN K 57 32.98 15.34 -19.20
C GLN K 57 33.83 16.42 -18.55
N HIS K 58 35.13 16.46 -18.83
CA HIS K 58 36.02 17.48 -18.27
C HIS K 58 36.64 18.27 -19.40
N GLN K 59 36.63 19.59 -19.27
CA GLN K 59 37.23 20.49 -20.24
C GLN K 59 37.94 21.61 -19.50
N SER K 60 39.20 21.87 -19.85
CA SER K 60 39.98 22.95 -19.27
C SER K 60 40.53 23.82 -20.40
N TYR K 61 40.36 25.12 -20.27
CA TYR K 61 40.77 26.08 -21.28
C TYR K 61 41.78 27.06 -20.68
N SER K 62 42.70 27.52 -21.53
CA SER K 62 43.64 28.54 -21.12
C SER K 62 42.93 29.85 -20.85
N GLU K 63 43.44 30.60 -19.88
CA GLU K 63 42.81 31.88 -19.52
C GLU K 63 42.76 32.82 -20.72
N SER K 64 43.77 32.77 -21.58
CA SER K 64 43.78 33.63 -22.76
C SER K 64 42.58 33.35 -23.65
N VAL K 65 42.18 32.08 -23.75
CA VAL K 65 41.06 31.66 -24.59
C VAL K 65 39.82 31.30 -23.77
N LYS K 66 39.88 31.44 -22.44
CA LYS K 66 38.74 31.08 -21.62
C LYS K 66 37.54 31.96 -21.94
N GLY K 67 36.37 31.34 -22.01
CA GLY K 67 35.14 32.05 -22.26
C GLY K 67 34.77 32.22 -23.73
N ARG K 68 35.68 31.86 -24.65
CA ARG K 68 35.40 31.98 -26.07
C ARG K 68 35.78 30.75 -26.88
N PHE K 69 36.44 29.76 -26.27
CA PHE K 69 36.79 28.52 -26.93
C PHE K 69 36.00 27.36 -26.32
N ALA K 70 35.73 26.35 -27.14
CA ALA K 70 35.03 25.16 -26.68
C ALA K 70 35.62 23.94 -27.37
N ILE K 71 35.92 22.90 -26.59
CA ILE K 71 36.49 21.67 -27.08
C ILE K 71 35.43 20.58 -27.01
N THR K 72 35.53 19.62 -27.92
CA THR K 72 34.51 18.58 -28.05
C THR K 72 35.11 17.38 -28.76
N ARG K 73 34.58 16.20 -28.45
CA ARG K 73 35.00 14.94 -29.06
C ARG K 73 33.84 14.30 -29.79
N ASP K 74 34.17 13.30 -30.60
CA ASP K 74 33.18 12.39 -31.19
C ASP K 74 33.87 11.03 -31.30
N ASN K 75 33.68 10.19 -30.27
CA ASN K 75 34.40 8.93 -30.21
C ASN K 75 34.01 8.01 -31.36
N GLU K 76 32.75 8.03 -31.76
CA GLU K 76 32.34 7.23 -32.92
C GLU K 76 33.05 7.72 -34.18
N LYS K 77 33.16 9.04 -34.35
CA LYS K 77 33.84 9.62 -35.50
C LYS K 77 35.35 9.68 -35.32
N ASN K 78 35.86 9.49 -34.10
CA ASN K 78 37.27 9.69 -33.81
C ASN K 78 37.70 11.11 -34.18
N LYS K 79 36.84 12.08 -33.89
CA LYS K 79 37.04 13.47 -34.27
C LYS K 79 37.15 14.34 -33.03
N LEU K 80 38.06 15.32 -33.08
CA LEU K 80 38.20 16.33 -32.04
C LEU K 80 37.88 17.69 -32.64
N TYR K 81 36.94 18.40 -32.03
CA TYR K 81 36.47 19.68 -32.54
C TYR K 81 36.82 20.79 -31.56
N LEU K 82 37.30 21.91 -32.11
CA LEU K 82 37.50 23.14 -31.36
C LEU K 82 36.63 24.22 -31.99
N HIS K 83 35.82 24.86 -31.15
CA HIS K 83 34.86 25.88 -31.65
C HIS K 83 35.40 27.25 -31.30
N MET K 84 36.22 27.77 -32.20
CA MET K 84 36.74 29.12 -32.01
C MET K 84 35.65 30.14 -32.28
N ASP K 85 35.29 30.92 -31.26
CA ASP K 85 34.28 31.95 -31.38
C ASP K 85 34.86 33.27 -30.88
N ARG K 86 34.43 34.37 -31.50
CA ARG K 86 34.89 35.71 -31.15
C ARG K 86 36.41 35.79 -31.27
N LEU K 87 36.88 35.55 -32.49
CA LEU K 87 38.31 35.52 -32.75
C LEU K 87 38.91 36.93 -32.68
N ARG K 88 40.22 36.98 -32.47
CA ARG K 88 40.95 38.23 -32.34
C ARG K 88 42.22 38.15 -33.15
N THR K 89 42.89 39.30 -33.29
CA THR K 89 44.06 39.39 -34.17
C THR K 89 45.16 38.43 -33.74
N GLU K 90 45.30 38.19 -32.43
CA GLU K 90 46.38 37.35 -31.94
C GLU K 90 46.08 35.87 -32.07
N ASP K 91 44.83 35.50 -32.31
CA ASP K 91 44.48 34.08 -32.43
C ASP K 91 45.10 33.44 -33.65
N THR K 92 45.50 34.22 -34.65
CA THR K 92 46.12 33.67 -35.85
C THR K 92 47.38 32.89 -35.47
N ALA K 93 47.40 31.61 -35.81
CA ALA K 93 48.51 30.74 -35.44
C ALA K 93 48.34 29.35 -36.05
N VAL K 94 49.33 28.48 -35.82
CA VAL K 94 49.24 27.08 -36.22
C VAL K 94 48.73 26.29 -35.03
N TYR K 95 47.60 25.60 -35.21
CA TYR K 95 46.95 24.86 -34.14
C TYR K 95 47.25 23.37 -34.28
N TYR K 96 47.73 22.76 -33.21
CA TYR K 96 48.03 21.35 -33.16
C TYR K 96 47.08 20.64 -32.18
N CYS K 97 46.73 19.41 -32.52
CA CYS K 97 46.02 18.51 -31.61
C CYS K 97 46.94 17.36 -31.28
N ALA K 98 47.09 17.06 -29.99
CA ALA K 98 48.02 16.05 -29.53
C ALA K 98 47.33 15.09 -28.58
N LYS K 99 47.80 13.85 -28.58
CA LYS K 99 47.26 12.82 -27.70
C LYS K 99 48.01 12.84 -26.38
N ASP K 100 47.26 12.87 -25.28
CA ASP K 100 47.86 12.83 -23.96
C ASP K 100 48.21 11.40 -23.59
N ARG K 101 49.29 11.24 -22.82
CA ARG K 101 49.69 9.93 -22.35
C ARG K 101 48.60 9.28 -21.51
N LEU K 102 47.76 10.11 -20.89
CA LEU K 102 46.66 9.62 -20.07
C LEU K 102 45.54 10.66 -20.17
N GLY K 103 44.59 10.61 -19.25
CA GLY K 103 43.39 11.42 -19.32
C GLY K 103 42.12 10.59 -19.28
N ARG K 104 42.23 9.27 -19.21
CA ARG K 104 41.06 8.42 -19.09
C ARG K 104 40.31 8.76 -17.81
N PRO K 105 38.99 8.92 -17.84
CA PRO K 105 38.25 9.14 -16.60
C PRO K 105 38.45 7.98 -15.65
N TRP K 106 38.63 8.31 -14.37
CA TRP K 106 38.89 7.33 -13.32
C TRP K 106 37.96 7.58 -12.15
N ASN K 107 37.57 6.50 -11.49
CA ASN K 107 36.74 6.56 -10.29
C ASN K 107 37.66 6.45 -9.08
N ILE K 108 37.91 7.58 -8.42
CA ILE K 108 38.76 7.65 -7.24
C ILE K 108 37.94 8.26 -6.12
N GLY K 109 37.66 7.46 -5.09
CA GLY K 109 36.86 7.95 -3.98
C GLY K 109 35.46 8.37 -4.39
N GLY K 110 34.85 7.64 -5.31
CA GLY K 110 33.52 7.99 -5.76
C GLY K 110 33.45 9.26 -6.57
N ARG K 111 34.56 9.69 -7.16
CA ARG K 111 34.61 10.91 -7.94
C ARG K 111 35.25 10.64 -9.29
N LEU K 112 34.85 11.43 -10.28
CA LEU K 112 35.41 11.35 -11.62
C LEU K 112 36.63 12.26 -11.68
N VAL K 113 37.81 11.66 -11.87
CA VAL K 113 39.07 12.40 -11.91
C VAL K 113 39.85 12.00 -13.14
N TYR K 114 40.53 12.97 -13.74
CA TYR K 114 41.33 12.78 -14.94
C TYR K 114 42.78 13.14 -14.62
N TYR K 115 43.69 12.23 -14.94
CA TYR K 115 45.13 12.47 -14.76
C TYR K 115 45.73 12.72 -16.14
N TYR K 116 46.22 13.95 -16.35
CA TYR K 116 46.86 14.33 -17.59
C TYR K 116 48.37 14.35 -17.39
N TYR K 117 49.09 13.64 -18.27
CA TYR K 117 50.53 13.48 -18.15
C TYR K 117 51.26 14.06 -19.36
N GLY K 118 50.67 15.06 -20.00
CA GLY K 118 51.33 15.76 -21.09
C GLY K 118 50.84 15.36 -22.47
N MET K 119 51.75 15.41 -23.45
CA MET K 119 51.43 15.10 -24.84
C MET K 119 52.52 14.20 -25.39
N ASP K 120 52.14 13.02 -25.88
CA ASP K 120 53.09 12.07 -26.43
C ASP K 120 53.15 12.08 -27.95
N VAL K 121 52.01 12.26 -28.62
CA VAL K 121 51.94 12.26 -30.07
C VAL K 121 51.22 13.54 -30.50
N TRP K 122 51.80 14.25 -31.45
CA TRP K 122 51.22 15.46 -32.01
C TRP K 122 50.70 15.18 -33.42
N GLY K 123 49.89 16.11 -33.92
CA GLY K 123 49.42 16.03 -35.28
C GLY K 123 50.50 16.48 -36.25
N GLN K 124 50.11 17.16 -37.33
CA GLN K 124 51.06 17.70 -38.29
C GLN K 124 50.94 19.20 -38.49
N GLY K 125 49.82 19.81 -38.10
CA GLY K 125 49.68 21.24 -38.15
C GLY K 125 48.51 21.72 -39.00
N THR K 126 47.80 22.73 -38.52
CA THR K 126 46.75 23.37 -39.30
C THR K 126 46.74 24.85 -38.95
N THR K 127 46.88 25.70 -39.97
CA THR K 127 47.07 27.12 -39.79
C THR K 127 45.73 27.85 -39.87
N VAL K 128 45.50 28.75 -38.93
CA VAL K 128 44.36 29.66 -38.96
C VAL K 128 44.88 31.07 -39.15
N THR K 129 44.10 31.88 -39.85
CA THR K 129 44.51 33.25 -40.16
C THR K 129 43.30 34.16 -40.07
N VAL K 130 43.46 35.27 -39.35
CA VAL K 130 42.42 36.28 -39.19
C VAL K 130 42.88 37.55 -39.87
N SER K 131 41.99 38.14 -40.67
CA SER K 131 42.35 39.33 -41.46
C SER K 131 41.12 40.20 -41.62
N SER K 132 41.37 41.47 -41.95
CA SER K 132 40.29 42.43 -42.15
C SER K 132 40.82 43.69 -42.82
N ALA L 1 50.21 30.90 -13.29
CA ALA L 1 50.61 30.86 -11.86
C ALA L 1 52.03 30.33 -11.71
N ILE L 2 52.37 29.34 -12.51
CA ILE L 2 53.70 28.74 -12.52
C ILE L 2 54.44 29.25 -13.75
N ARG L 3 55.57 29.92 -13.54
CA ARG L 3 56.36 30.51 -14.61
C ARG L 3 57.55 29.63 -14.91
N MET L 4 57.77 29.37 -16.19
CA MET L 4 58.72 28.36 -16.65
C MET L 4 59.74 29.05 -17.54
N THR L 5 61.01 28.97 -17.18
CA THR L 5 62.08 29.68 -17.88
C THR L 5 63.17 28.70 -18.30
N GLN L 6 63.59 28.79 -19.55
CA GLN L 6 64.65 27.98 -20.10
C GLN L 6 65.89 28.84 -20.33
N SER L 7 67.05 28.32 -19.92
CA SER L 7 68.30 29.02 -20.12
C SER L 7 69.35 28.07 -20.70
N PRO L 8 70.24 28.57 -21.57
CA PRO L 8 70.28 29.91 -22.17
C PRO L 8 69.30 30.03 -23.33
N SER L 9 69.11 31.23 -23.88
CA SER L 9 68.19 31.41 -24.99
C SER L 9 68.62 30.59 -26.20
N SER L 10 69.92 30.59 -26.51
CA SER L 10 70.45 29.86 -27.65
C SER L 10 71.80 29.26 -27.29
N LEU L 11 72.15 28.19 -28.00
CA LEU L 11 73.41 27.49 -27.77
C LEU L 11 74.06 27.14 -29.09
N SER L 12 75.36 27.44 -29.20
CA SER L 12 76.17 26.99 -30.32
C SER L 12 77.25 26.07 -29.77
N ALA L 13 77.23 24.80 -30.18
CA ALA L 13 78.10 23.78 -29.63
C ALA L 13 78.70 22.96 -30.76
N SER L 14 79.87 22.38 -30.48
CA SER L 14 80.57 21.57 -31.47
C SER L 14 79.89 20.21 -31.61
N VAL L 15 80.34 19.45 -32.60
CA VAL L 15 79.81 18.12 -32.87
C VAL L 15 80.48 17.15 -31.90
N GLY L 16 79.74 16.71 -30.89
CA GLY L 16 80.26 15.73 -29.95
C GLY L 16 80.67 16.32 -28.61
N ASP L 17 79.88 17.26 -28.09
CA ASP L 17 80.14 17.87 -26.80
C ASP L 17 78.86 17.94 -26.00
N ARG L 18 79.00 17.94 -24.67
CA ARG L 18 77.84 18.02 -23.80
C ARG L 18 77.10 19.32 -24.02
N VAL L 19 75.76 19.23 -24.12
CA VAL L 19 74.89 20.39 -24.20
C VAL L 19 73.91 20.31 -23.04
N THR L 20 73.87 21.35 -22.22
CA THR L 20 73.04 21.40 -21.03
C THR L 20 72.10 22.59 -21.09
N ILE L 21 70.83 22.34 -20.81
CA ILE L 21 69.80 23.38 -20.76
C ILE L 21 69.16 23.34 -19.38
N THR L 22 69.13 24.48 -18.71
CA THR L 22 68.57 24.60 -17.37
C THR L 22 67.13 25.08 -17.45
N CYS L 23 66.26 24.49 -16.63
CA CYS L 23 64.85 24.81 -16.59
C CYS L 23 64.47 25.20 -15.16
N GLN L 24 63.88 26.38 -15.02
CA GLN L 24 63.54 26.96 -13.72
C GLN L 24 62.03 27.17 -13.65
N ALA L 25 61.45 26.81 -12.52
CA ALA L 25 60.02 26.95 -12.27
C ALA L 25 59.78 27.84 -11.06
N SER L 26 58.78 28.72 -11.17
CA SER L 26 58.47 29.60 -10.05
C SER L 26 58.02 28.80 -8.83
N GLN L 27 57.19 27.78 -9.04
CA GLN L 27 56.72 26.91 -7.97
C GLN L 27 57.15 25.48 -8.23
N ASP L 28 57.38 24.74 -7.16
CA ASP L 28 57.87 23.37 -7.28
C ASP L 28 56.82 22.46 -7.92
N ILE L 29 57.27 21.65 -8.87
CA ILE L 29 56.45 20.62 -9.49
C ILE L 29 57.00 19.22 -9.21
N LYS L 30 58.32 19.08 -9.23
CA LYS L 30 59.09 18.02 -8.61
C LYS L 30 58.94 16.65 -9.27
N LYS L 31 57.95 16.49 -10.15
CA LYS L 31 57.96 15.39 -11.11
C LYS L 31 57.36 15.73 -12.45
N SER L 32 56.62 16.83 -12.59
CA SER L 32 55.80 17.07 -13.78
C SER L 32 56.58 17.90 -14.78
N LEU L 33 57.40 17.22 -15.58
CA LEU L 33 58.16 17.88 -16.64
C LEU L 33 58.17 17.02 -17.88
N ASN L 34 58.06 17.69 -19.03
CA ASN L 34 58.18 17.04 -20.33
C ASN L 34 59.17 17.83 -21.18
N TRP L 35 60.01 17.10 -21.91
CA TRP L 35 61.01 17.69 -22.77
C TRP L 35 60.61 17.43 -24.22
N TYR L 36 60.29 18.49 -24.95
CA TYR L 36 59.82 18.39 -26.32
C TYR L 36 60.88 18.93 -27.28
N ARG L 37 60.89 18.38 -28.50
CA ARG L 37 61.77 18.86 -29.55
C ARG L 37 60.93 19.19 -30.77
N GLN L 38 61.06 20.42 -31.26
CA GLN L 38 60.38 20.88 -32.48
C GLN L 38 61.46 21.23 -33.49
N LYS L 39 61.73 20.30 -34.41
CA LYS L 39 62.72 20.56 -35.43
C LYS L 39 62.24 21.69 -36.34
N PRO L 40 63.15 22.44 -36.96
CA PRO L 40 62.74 23.62 -37.73
C PRO L 40 61.66 23.32 -38.76
N GLY L 41 60.52 24.01 -38.63
CA GLY L 41 59.42 23.83 -39.56
C GLY L 41 58.81 22.44 -39.52
N LYS L 42 58.70 21.84 -38.34
CA LYS L 42 58.13 20.51 -38.18
C LYS L 42 57.38 20.44 -36.86
N ALA L 43 56.55 19.41 -36.73
CA ALA L 43 55.75 19.23 -35.53
C ALA L 43 56.64 18.89 -34.34
N PRO L 44 56.24 19.24 -33.13
CA PRO L 44 57.02 18.88 -31.94
C PRO L 44 56.96 17.39 -31.64
N GLU L 45 57.99 16.92 -30.94
CA GLU L 45 58.07 15.55 -30.47
C GLU L 45 58.24 15.56 -28.96
N LEU L 46 57.86 14.45 -28.33
CA LEU L 46 58.04 14.26 -26.89
C LEU L 46 59.23 13.35 -26.65
N LEU L 47 60.20 13.83 -25.87
CA LEU L 47 61.44 13.11 -25.61
C LEU L 47 61.43 12.42 -24.26
N ILE L 48 61.26 13.18 -23.18
CA ILE L 48 61.32 12.67 -21.82
C ILE L 48 60.08 13.14 -21.08
N HIS L 49 59.47 12.23 -20.31
CA HIS L 49 58.35 12.53 -19.44
C HIS L 49 58.73 12.22 -18.00
N ASP L 50 58.19 13.00 -17.07
CA ASP L 50 58.49 12.91 -15.65
C ASP L 50 59.91 13.38 -15.34
N ALA L 51 60.58 14.00 -16.31
CA ALA L 51 61.88 14.63 -16.10
C ALA L 51 63.01 13.61 -15.98
N SER L 52 62.69 12.32 -16.05
CA SER L 52 63.70 11.29 -15.86
C SER L 52 63.56 10.07 -16.76
N ILE L 53 62.44 9.87 -17.43
CA ILE L 53 62.18 8.65 -18.20
C ILE L 53 62.13 9.00 -19.67
N LEU L 54 62.93 8.30 -20.47
CA LEU L 54 62.93 8.50 -21.92
C LEU L 54 61.67 7.92 -22.53
N GLN L 55 61.13 8.63 -23.52
CA GLN L 55 59.95 8.16 -24.23
C GLN L 55 60.31 7.04 -25.18
N THR L 56 59.43 6.04 -25.27
CA THR L 56 59.66 4.92 -26.17
C THR L 56 59.70 5.39 -27.62
N GLY L 57 60.54 4.74 -28.41
CA GLY L 57 60.73 5.12 -29.80
C GLY L 57 61.83 6.11 -30.05
N VAL L 58 62.63 6.44 -29.03
CA VAL L 58 63.73 7.39 -29.17
C VAL L 58 65.00 6.73 -28.64
N PRO L 59 66.13 6.86 -29.31
CA PRO L 59 67.38 6.32 -28.76
C PRO L 59 67.81 7.07 -27.51
N SER L 60 68.65 6.41 -26.72
CA SER L 60 69.13 6.97 -25.46
C SER L 60 70.24 8.00 -25.71
N ALA L 61 69.91 8.98 -26.54
CA ALA L 61 70.82 10.09 -26.85
C ALA L 61 70.50 11.34 -26.06
N PHE L 62 69.50 11.29 -25.18
CA PHE L 62 69.09 12.43 -24.37
C PHE L 62 68.89 11.97 -22.93
N THR L 63 69.23 12.85 -21.99
CA THR L 63 69.05 12.57 -20.57
C THR L 63 68.39 13.78 -19.91
N ALA L 64 67.67 13.52 -18.83
CA ALA L 64 67.03 14.58 -18.06
C ALA L 64 67.16 14.28 -16.59
N SER L 65 67.42 15.32 -15.79
CA SER L 65 67.58 15.15 -14.35
C SER L 65 67.14 16.41 -13.64
N GLY L 66 66.36 16.25 -12.59
CA GLY L 66 65.89 17.39 -11.85
C GLY L 66 64.74 17.02 -10.93
N SER L 67 64.34 18.00 -10.15
CA SER L 67 63.26 17.84 -9.17
C SER L 67 62.96 19.21 -8.57
N GLY L 68 62.02 19.23 -7.64
CA GLY L 68 61.64 20.46 -6.99
C GLY L 68 61.35 21.56 -7.99
N THR L 69 62.24 22.56 -8.03
CA THR L 69 62.11 23.68 -8.94
C THR L 69 63.10 23.64 -10.10
N HIS L 70 64.21 22.91 -9.96
CA HIS L 70 65.30 22.95 -10.95
C HIS L 70 65.32 21.67 -11.76
N PHE L 71 65.46 21.82 -13.08
CA PHE L 71 65.56 20.67 -13.97
C PHE L 71 66.66 20.95 -15.00
N SER L 72 67.17 19.88 -15.61
CA SER L 72 68.26 20.01 -16.57
C SER L 72 68.10 18.96 -17.66
N PHE L 73 68.32 19.40 -18.90
CA PHE L 73 68.31 18.55 -20.08
C PHE L 73 69.73 18.43 -20.61
N VAL L 74 70.19 17.20 -20.82
CA VAL L 74 71.54 16.91 -21.26
C VAL L 74 71.47 16.18 -22.59
N ILE L 75 72.31 16.61 -23.54
CA ILE L 75 72.33 16.03 -24.88
C ILE L 75 73.62 15.24 -25.05
N ASN L 76 73.53 14.11 -25.74
CA ASN L 76 74.69 13.31 -26.08
C ASN L 76 75.41 13.99 -27.26
N LYS L 77 76.33 13.26 -27.89
CA LYS L 77 77.08 13.80 -29.03
C LYS L 77 76.14 14.55 -29.97
N LEU L 78 76.47 15.81 -30.24
CA LEU L 78 75.59 16.68 -31.03
C LEU L 78 75.64 16.30 -32.50
N GLN L 79 74.84 15.33 -32.90
CA GLN L 79 74.80 14.89 -34.28
C GLN L 79 74.08 15.93 -35.15
N PRO L 80 74.33 15.91 -36.46
CA PRO L 80 73.68 16.91 -37.33
C PRO L 80 72.17 16.89 -37.24
N GLU L 81 71.55 15.72 -37.12
CA GLU L 81 70.09 15.61 -37.00
C GLU L 81 69.65 15.78 -35.55
N ASP L 82 70.12 16.86 -34.94
CA ASP L 82 69.79 17.20 -33.55
C ASP L 82 69.31 18.62 -33.37
N VAL L 83 69.55 19.51 -34.33
CA VAL L 83 69.13 20.91 -34.17
C VAL L 83 67.61 20.97 -34.10
N GLY L 84 67.11 21.72 -33.14
CA GLY L 84 65.67 21.87 -32.99
C GLY L 84 65.38 22.69 -31.75
N THR L 85 64.17 23.25 -31.74
CA THR L 85 63.72 24.07 -30.60
C THR L 85 63.33 23.14 -29.46
N TYR L 86 64.06 23.21 -28.36
CA TYR L 86 63.80 22.35 -27.20
C TYR L 86 62.89 23.09 -26.23
N PHE L 87 61.75 22.50 -25.92
CA PHE L 87 60.74 23.09 -25.07
C PHE L 87 60.65 22.33 -23.75
N CYS L 88 60.49 23.07 -22.67
CA CYS L 88 60.43 22.53 -21.31
C CYS L 88 59.03 22.82 -20.78
N GLN L 89 58.22 21.77 -20.62
CA GLN L 89 56.81 21.90 -20.28
C GLN L 89 56.52 21.28 -18.93
N GLU L 90 55.50 21.81 -18.26
CA GLU L 90 55.04 21.31 -16.97
C GLU L 90 53.59 20.85 -17.08
N TYR L 91 53.25 19.82 -16.30
CA TYR L 91 51.88 19.33 -16.21
C TYR L 91 51.47 19.11 -14.76
N GLU L 92 51.98 19.93 -13.85
CA GLU L 92 51.60 19.82 -12.45
C GLU L 92 50.19 20.36 -12.20
N ASN L 93 49.76 21.34 -12.99
CA ASN L 93 48.44 21.94 -12.85
C ASN L 93 47.73 21.92 -14.20
N LEU L 94 46.52 22.47 -14.24
CA LEU L 94 45.66 22.41 -15.40
C LEU L 94 45.98 23.47 -16.45
N GLN L 95 47.09 24.20 -16.30
CA GLN L 95 47.45 25.23 -17.26
C GLN L 95 48.46 24.75 -18.30
N PHE L 96 49.22 23.69 -18.00
CA PHE L 96 50.14 23.10 -18.97
C PHE L 96 51.06 24.16 -19.58
N THR L 97 51.59 25.03 -18.73
CA THR L 97 52.41 26.13 -19.19
C THR L 97 53.65 25.61 -19.91
N PHE L 98 53.95 26.20 -21.06
CA PHE L 98 55.13 25.87 -21.83
C PHE L 98 56.29 26.80 -21.50
N GLY L 99 57.50 26.39 -21.86
CA GLY L 99 58.66 27.21 -21.72
C GLY L 99 58.88 28.07 -22.94
N PRO L 100 59.69 29.13 -22.81
CA PRO L 100 59.94 29.99 -23.98
C PRO L 100 60.60 29.24 -25.13
N GLY L 101 61.39 28.23 -24.84
CA GLY L 101 62.08 27.45 -25.85
C GLY L 101 63.56 27.81 -25.93
N THR L 102 64.34 26.82 -26.35
CA THR L 102 65.78 26.97 -26.48
C THR L 102 66.20 26.57 -27.88
N LYS L 103 67.01 27.40 -28.52
CA LYS L 103 67.49 27.17 -29.87
C LYS L 103 68.90 26.62 -29.82
N VAL L 104 69.11 25.44 -30.40
CA VAL L 104 70.40 24.77 -30.39
C VAL L 104 70.91 24.68 -31.83
N GLU L 105 72.16 25.09 -32.04
CA GLU L 105 72.76 25.07 -33.37
C GLU L 105 74.19 24.55 -33.26
N ILE L 106 74.73 24.13 -34.40
CA ILE L 106 76.07 23.56 -34.46
C ILE L 106 77.04 24.66 -34.87
N LYS L 107 78.32 24.44 -34.56
CA LYS L 107 79.35 25.41 -34.89
C LYS L 107 79.38 25.66 -36.40
N ARG L 108 79.47 26.94 -36.77
CA ARG L 108 79.54 27.32 -38.18
C ARG L 108 79.91 28.80 -38.31
#